data_1H54
#
_entry.id   1H54
#
_cell.length_a   83.750
_cell.length_b   102.500
_cell.length_c   114.000
_cell.angle_alpha   90.00
_cell.angle_beta   111.30
_cell.angle_gamma   90.00
#
_symmetry.space_group_name_H-M   'P 1 21 1'
#
loop_
_entity.id
_entity.type
_entity.pdbx_description
1 polymer 'MALTOSE PHOSPHORYLASE'
2 non-polymer 'POTASSIUM ION'
3 non-polymer 'PHOSPHATE ION'
4 water water
#
_entity_poly.entity_id   1
_entity_poly.type   'polypeptide(L)'
_entity_poly.pdbx_seq_one_letter_code
;MKRIFEVQPWNVITHTFDPKDKRLQESMTSLGNGYMGMRGDFEEGYSGDSLQGIYLGGVWYPDKTRVGWWKNGYPKYFGK
VVNAVNFIKLPIEINGEPVDLAKDKISDFTLDLDMHQGVLNRSFVVERGAVRVALNFQRFLSVAQPELSVQKVTVKNLSD
AEVDVTLKPSIDADVMNEEANYDERFWDVLATDQQADRGSIVAKTTPNPFGTPRFTSGMEMRLVTDLKNVAITQPNEKEV
TTAYTGKLAPQASAELEKRVIVVTSRDYDTQESLTAAMHQLSDKVAQSSYEDLLNAHTAIWAQRWEKSDVVIKGDDESQQ
GIRFNLFQLFSTYYGEDARLNIGPKGFTGEKYGGATYWDTEAFAFPVYLGITDPKVTRNLLMYRYKQLDGAYINAQEQGL
KGALFPMVTFDGIECHNEWEITFEEIHRNGDIAFAIYNYTRYTGDDSYVLHEGAKVLTEISRFWADRVHFSKRNNQYMIH
GVTGADEYENNVDNNWDTNMLAQWTLKYTLEILGKVDQDTAKQLDVSDEEKTKWQDIVDRMYLPYDKDLNIFVQHDGFLD
KDIEPVSSIPADQRPINQNWSWDKILRSPYIKQGDVLQGIWDFIDDYTPEQKKANFDFYEPLTVHESSLSPAIHSVLAAD
LHYEDKAVELYSRTARLDLDNYNNDTTDGLHITSMTGAWIAVVQGFAGMRVRDGQLHYAPFLPKTWTSYTFRQVFRDRLI
EVSVHADGPHFKLLSGEPLTIDVAGAAAAAAAAA
;
_entity_poly.pdbx_strand_id   A,B
#
loop_
_chem_comp.id
_chem_comp.type
_chem_comp.name
_chem_comp.formula
K non-polymer 'POTASSIUM ION' 'K 1'
PO4 non-polymer 'PHOSPHATE ION' 'O4 P -3'
#
# COMPACT_ATOMS: atom_id res chain seq x y z
N MET A 1 -16.84 16.20 20.60
CA MET A 1 -17.88 16.99 19.90
C MET A 1 -19.11 17.23 20.76
N LYS A 2 -19.84 16.16 21.06
CA LYS A 2 -21.04 16.28 21.88
C LYS A 2 -20.93 15.34 23.07
N ARG A 3 -21.26 15.84 24.25
CA ARG A 3 -21.22 15.03 25.46
C ARG A 3 -22.63 14.52 25.67
N ILE A 4 -22.87 13.23 25.49
CA ILE A 4 -24.22 12.69 25.65
C ILE A 4 -24.53 12.08 27.01
N PHE A 5 -23.53 11.99 27.89
CA PHE A 5 -23.76 11.44 29.23
C PHE A 5 -23.48 12.47 30.32
N GLU A 6 -24.20 12.36 31.43
CA GLU A 6 -24.01 13.27 32.55
C GLU A 6 -22.66 12.98 33.18
N VAL A 7 -22.14 13.93 33.94
CA VAL A 7 -20.87 13.78 34.62
C VAL A 7 -21.11 13.30 36.06
N GLN A 8 -20.82 12.03 36.32
CA GLN A 8 -20.98 11.47 37.65
C GLN A 8 -19.69 10.74 38.03
N PRO A 9 -19.38 10.65 39.33
CA PRO A 9 -18.18 10.00 39.88
C PRO A 9 -17.95 8.54 39.52
N TRP A 10 -18.97 7.72 39.70
CA TRP A 10 -18.88 6.29 39.42
C TRP A 10 -19.83 5.79 38.34
N ASN A 11 -20.51 6.72 37.67
CA ASN A 11 -21.47 6.31 36.66
C ASN A 11 -21.40 7.13 35.36
N VAL A 12 -21.64 6.44 34.24
CA VAL A 12 -21.69 7.07 32.93
C VAL A 12 -23.17 6.87 32.67
N ILE A 13 -23.95 7.87 33.09
CA ILE A 13 -25.40 7.80 33.01
C ILE A 13 -26.05 8.99 32.28
N THR A 14 -27.21 8.74 31.66
CA THR A 14 -27.97 9.77 30.95
C THR A 14 -29.46 9.47 31.05
N HIS A 15 -30.27 10.52 30.98
CA HIS A 15 -31.73 10.37 31.04
C HIS A 15 -32.33 10.86 29.73
N THR A 16 -31.47 10.95 28.72
CA THR A 16 -31.90 11.41 27.41
C THR A 16 -31.63 10.35 26.35
N PHE A 17 -32.63 10.09 25.51
CA PHE A 17 -32.43 9.13 24.45
C PHE A 17 -32.71 9.77 23.10
N ASP A 18 -31.67 9.90 22.29
CA ASP A 18 -31.79 10.47 20.97
C ASP A 18 -31.26 9.41 20.02
N PRO A 19 -32.12 8.82 19.19
CA PRO A 19 -31.66 7.79 18.26
C PRO A 19 -30.43 8.20 17.45
N LYS A 20 -30.23 9.50 17.29
CA LYS A 20 -29.08 9.99 16.53
C LYS A 20 -27.74 9.64 17.20
N ASP A 21 -27.76 9.51 18.52
CA ASP A 21 -26.54 9.18 19.26
C ASP A 21 -26.45 7.70 19.63
N LYS A 22 -27.32 6.89 19.03
CA LYS A 22 -27.37 5.45 19.34
C LYS A 22 -26.01 4.75 19.39
N ARG A 23 -25.25 4.82 18.29
CA ARG A 23 -23.96 4.16 18.22
C ARG A 23 -23.00 4.68 19.27
N LEU A 24 -23.03 5.98 19.50
CA LEU A 24 -22.16 6.59 20.50
C LEU A 24 -22.52 6.05 21.89
N GLN A 25 -23.81 5.93 22.16
CA GLN A 25 -24.27 5.41 23.46
C GLN A 25 -23.81 3.97 23.65
N GLU A 26 -23.96 3.17 22.60
CA GLU A 26 -23.59 1.76 22.63
C GLU A 26 -22.12 1.55 22.96
N SER A 27 -21.26 2.35 22.34
CA SER A 27 -19.82 2.25 22.57
C SER A 27 -19.47 2.56 24.02
N MET A 28 -20.07 3.62 24.54
CA MET A 28 -19.81 4.06 25.90
C MET A 28 -20.31 3.11 26.98
N THR A 29 -21.37 2.36 26.69
CA THR A 29 -21.94 1.44 27.67
C THR A 29 -21.55 -0.01 27.44
N SER A 30 -20.37 -0.20 26.84
CA SER A 30 -19.85 -1.52 26.57
C SER A 30 -19.44 -2.18 27.89
N LEU A 31 -19.56 -3.50 27.96
CA LEU A 31 -19.17 -4.26 29.14
C LEU A 31 -18.18 -5.32 28.70
N GLY A 32 -17.43 -5.87 29.64
CA GLY A 32 -16.47 -6.90 29.31
C GLY A 32 -15.85 -7.49 30.58
N ASN A 33 -15.42 -8.75 30.51
CA ASN A 33 -14.79 -9.37 31.67
C ASN A 33 -13.47 -10.03 31.30
N GLY A 34 -12.84 -9.53 30.25
CA GLY A 34 -11.56 -10.09 29.83
C GLY A 34 -11.71 -11.36 29.01
N TYR A 35 -12.80 -12.08 29.24
CA TYR A 35 -13.09 -13.33 28.54
C TYR A 35 -13.94 -13.02 27.31
N MET A 36 -14.91 -12.14 27.49
CA MET A 36 -15.80 -11.72 26.40
C MET A 36 -16.32 -10.31 26.70
N GLY A 37 -17.03 -9.71 25.74
CA GLY A 37 -17.55 -8.38 25.95
C GLY A 37 -18.53 -7.98 24.87
N MET A 38 -19.18 -6.83 25.04
CA MET A 38 -20.15 -6.37 24.05
C MET A 38 -20.52 -4.91 24.18
N ARG A 39 -21.00 -4.35 23.08
CA ARG A 39 -21.45 -2.96 23.02
C ARG A 39 -22.76 -2.92 23.80
N GLY A 40 -23.23 -1.70 24.11
CA GLY A 40 -24.47 -1.56 24.85
C GLY A 40 -25.73 -1.73 24.00
N ASP A 41 -25.79 -2.81 23.23
CA ASP A 41 -26.95 -3.06 22.39
C ASP A 41 -28.18 -3.35 23.24
N PHE A 42 -29.33 -2.95 22.73
CA PHE A 42 -30.60 -3.19 23.42
C PHE A 42 -31.02 -4.63 23.11
N GLU A 43 -31.07 -5.48 24.13
CA GLU A 43 -31.43 -6.88 23.95
C GLU A 43 -32.81 -7.17 23.37
N GLU A 44 -33.77 -6.29 23.59
CA GLU A 44 -35.13 -6.51 23.08
C GLU A 44 -35.20 -6.30 21.56
N GLY A 45 -34.16 -5.71 20.99
CA GLY A 45 -34.16 -5.46 19.57
C GLY A 45 -34.32 -3.97 19.32
N TYR A 46 -33.84 -3.52 18.16
CA TYR A 46 -33.90 -2.10 17.79
C TYR A 46 -33.78 -2.07 16.26
N SER A 47 -34.77 -1.50 15.59
CA SER A 47 -34.75 -1.45 14.13
C SER A 47 -34.08 -0.23 13.53
N GLY A 48 -33.59 0.68 14.38
CA GLY A 48 -32.93 1.88 13.88
C GLY A 48 -31.43 1.71 13.72
N ASP A 49 -30.75 2.79 13.34
CA ASP A 49 -29.31 2.76 13.16
C ASP A 49 -28.64 2.27 14.44
N SER A 50 -27.80 1.25 14.32
CA SER A 50 -27.14 0.67 15.48
C SER A 50 -26.00 -0.27 15.08
N LEU A 51 -25.06 -0.50 15.99
CA LEU A 51 -23.96 -1.40 15.70
C LEU A 51 -24.06 -2.60 16.64
N GLN A 52 -24.42 -3.75 16.07
CA GLN A 52 -24.53 -4.98 16.84
C GLN A 52 -23.11 -5.49 17.08
N GLY A 53 -22.73 -5.66 18.35
CA GLY A 53 -21.39 -6.13 18.62
C GLY A 53 -21.19 -6.93 19.89
N ILE A 54 -20.97 -8.23 19.72
CA ILE A 54 -20.71 -9.13 20.83
C ILE A 54 -19.44 -9.85 20.43
N TYR A 55 -18.40 -9.76 21.26
CA TYR A 55 -17.13 -10.37 20.91
C TYR A 55 -16.55 -11.31 21.96
N LEU A 56 -15.95 -12.40 21.49
CA LEU A 56 -15.33 -13.40 22.34
C LEU A 56 -13.81 -13.26 22.30
N GLY A 57 -13.19 -13.12 23.48
CA GLY A 57 -11.76 -12.95 23.55
C GLY A 57 -10.95 -14.03 22.85
N GLY A 58 -10.02 -13.62 22.00
CA GLY A 58 -9.18 -14.57 21.30
C GLY A 58 -9.72 -15.08 19.99
N VAL A 59 -10.99 -14.80 19.71
CA VAL A 59 -11.60 -15.24 18.47
C VAL A 59 -11.38 -14.22 17.35
N TRP A 60 -10.92 -14.69 16.19
CA TRP A 60 -10.68 -13.82 15.05
C TRP A 60 -10.87 -14.57 13.73
N TYR A 61 -10.86 -13.83 12.63
CA TYR A 61 -11.04 -14.42 11.30
C TYR A 61 -10.06 -13.78 10.33
N PRO A 62 -9.49 -14.56 9.40
CA PRO A 62 -8.53 -13.99 8.44
C PRO A 62 -9.13 -13.48 7.13
N ASP A 63 -8.41 -12.57 6.48
CA ASP A 63 -8.84 -12.02 5.21
C ASP A 63 -7.60 -11.68 4.37
N LYS A 64 -7.71 -11.83 3.06
CA LYS A 64 -6.60 -11.59 2.15
C LYS A 64 -6.06 -10.16 2.18
N THR A 65 -4.74 -10.05 2.28
CA THR A 65 -4.09 -8.75 2.28
C THR A 65 -4.45 -8.02 1.00
N ARG A 66 -4.73 -6.72 1.12
CA ARG A 66 -5.12 -5.94 -0.04
C ARG A 66 -4.32 -4.65 -0.13
N VAL A 67 -3.54 -4.53 -1.20
CA VAL A 67 -2.70 -3.35 -1.44
C VAL A 67 -2.77 -2.97 -2.91
N GLY A 68 -2.31 -1.76 -3.23
CA GLY A 68 -2.28 -1.32 -4.61
C GLY A 68 -1.13 -2.06 -5.30
N TRP A 69 0.07 -1.90 -4.75
CA TRP A 69 1.24 -2.56 -5.30
C TRP A 69 1.86 -3.46 -4.24
N TRP A 70 2.21 -4.67 -4.65
CA TRP A 70 2.80 -5.65 -3.75
C TRP A 70 4.29 -5.42 -3.52
N LYS A 71 4.75 -5.75 -2.31
CA LYS A 71 6.16 -5.65 -1.95
C LYS A 71 6.51 -7.00 -1.34
N ASN A 72 7.68 -7.54 -1.70
CA ASN A 72 8.08 -8.82 -1.14
C ASN A 72 8.14 -8.69 0.37
N GLY A 73 7.54 -9.63 1.09
CA GLY A 73 7.56 -9.57 2.53
C GLY A 73 6.23 -9.22 3.17
N TYR A 74 5.31 -8.64 2.39
CA TYR A 74 4.01 -8.30 2.94
C TYR A 74 3.34 -9.57 3.46
N PRO A 75 2.56 -9.44 4.55
CA PRO A 75 1.88 -10.60 5.12
C PRO A 75 0.85 -11.05 4.09
N LYS A 76 0.51 -12.33 4.10
CA LYS A 76 -0.47 -12.86 3.16
C LYS A 76 -1.89 -12.48 3.58
N TYR A 77 -2.10 -12.36 4.89
CA TYR A 77 -3.43 -12.03 5.40
C TYR A 77 -3.39 -11.11 6.61
N PHE A 78 -4.58 -10.65 7.01
CA PHE A 78 -4.73 -9.81 8.18
C PHE A 78 -5.92 -10.38 8.94
N GLY A 79 -5.97 -10.16 10.25
CA GLY A 79 -7.07 -10.70 11.03
C GLY A 79 -8.17 -9.69 11.29
N LYS A 80 -9.36 -10.19 11.58
CA LYS A 80 -10.52 -9.33 11.85
C LYS A 80 -11.26 -9.81 13.09
N VAL A 81 -12.00 -8.88 13.68
CA VAL A 81 -12.82 -9.17 14.85
C VAL A 81 -14.10 -9.81 14.29
N VAL A 82 -14.73 -10.68 15.07
CA VAL A 82 -15.94 -11.34 14.61
C VAL A 82 -17.14 -11.15 15.52
N ASN A 83 -18.23 -10.62 14.97
CA ASN A 83 -19.44 -10.43 15.77
C ASN A 83 -19.95 -11.84 16.06
N ALA A 84 -20.03 -12.17 17.34
CA ALA A 84 -20.47 -13.50 17.77
C ALA A 84 -21.98 -13.74 17.69
N VAL A 85 -22.36 -15.00 17.86
CA VAL A 85 -23.76 -15.40 17.86
C VAL A 85 -24.45 -14.56 18.94
N ASN A 86 -25.60 -14.00 18.60
CA ASN A 86 -26.36 -13.15 19.51
C ASN A 86 -27.05 -13.93 20.62
N PHE A 87 -26.44 -13.95 21.81
CA PHE A 87 -27.01 -14.68 22.94
C PHE A 87 -27.75 -13.84 23.97
N ILE A 88 -27.84 -12.52 23.76
CA ILE A 88 -28.55 -11.67 24.71
C ILE A 88 -29.97 -11.39 24.25
N LYS A 89 -30.25 -11.72 22.99
CA LYS A 89 -31.56 -11.48 22.40
C LYS A 89 -32.69 -11.81 23.35
N LEU A 90 -33.58 -10.84 23.57
CA LEU A 90 -34.70 -11.05 24.48
C LEU A 90 -35.82 -10.05 24.17
N PRO A 91 -36.58 -10.30 23.10
CA PRO A 91 -37.69 -9.42 22.71
C PRO A 91 -38.79 -9.41 23.75
N ILE A 92 -39.45 -8.27 23.90
CA ILE A 92 -40.53 -8.09 24.85
C ILE A 92 -41.75 -7.56 24.13
N GLU A 93 -42.85 -8.31 24.18
CA GLU A 93 -44.07 -7.89 23.51
C GLU A 93 -45.11 -7.44 24.52
N ILE A 94 -45.70 -6.27 24.27
CA ILE A 94 -46.74 -5.73 25.13
C ILE A 94 -48.00 -5.77 24.28
N ASN A 95 -49.00 -6.51 24.75
CA ASN A 95 -50.24 -6.68 24.00
C ASN A 95 -49.93 -7.15 22.59
N GLY A 96 -49.01 -8.11 22.49
CA GLY A 96 -48.63 -8.66 21.19
C GLY A 96 -47.73 -7.81 20.31
N GLU A 97 -47.38 -6.60 20.73
CA GLU A 97 -46.53 -5.75 19.92
C GLU A 97 -45.16 -5.56 20.61
N PRO A 98 -44.08 -6.06 19.99
CA PRO A 98 -42.74 -5.95 20.56
C PRO A 98 -42.24 -4.51 20.78
N VAL A 99 -41.49 -4.32 21.87
CA VAL A 99 -40.94 -3.02 22.19
C VAL A 99 -39.77 -2.73 21.24
N ASP A 100 -39.71 -1.51 20.72
CA ASP A 100 -38.65 -1.10 19.79
C ASP A 100 -38.45 0.41 19.96
N LEU A 101 -37.38 0.81 20.65
CA LEU A 101 -37.15 2.23 20.88
C LEU A 101 -36.92 3.08 19.63
N ALA A 102 -36.88 2.44 18.47
CA ALA A 102 -36.70 3.16 17.21
C ALA A 102 -38.09 3.55 16.70
N LYS A 103 -39.11 2.93 17.28
CA LYS A 103 -40.49 3.19 16.89
C LYS A 103 -41.35 3.70 18.04
N ASP A 104 -41.22 3.05 19.20
CA ASP A 104 -42.00 3.42 20.37
C ASP A 104 -41.59 4.75 20.98
N LYS A 105 -42.55 5.40 21.63
CA LYS A 105 -42.27 6.63 22.31
C LYS A 105 -42.09 6.19 23.76
N ILE A 106 -41.22 6.88 24.49
CA ILE A 106 -40.94 6.50 25.87
C ILE A 106 -40.76 7.73 26.74
N SER A 107 -40.66 7.51 28.04
CA SER A 107 -40.45 8.59 28.99
C SER A 107 -39.64 8.04 30.15
N ASP A 108 -39.15 8.94 31.00
CA ASP A 108 -38.35 8.56 32.17
C ASP A 108 -37.24 7.58 31.81
N PHE A 109 -36.44 7.96 30.84
CA PHE A 109 -35.33 7.13 30.36
C PHE A 109 -34.07 7.22 31.22
N THR A 110 -33.40 6.07 31.36
CA THR A 110 -32.16 5.99 32.11
C THR A 110 -31.23 4.94 31.49
N LEU A 111 -30.01 5.36 31.15
CA LEU A 111 -28.99 4.48 30.59
C LEU A 111 -27.85 4.71 31.58
N ASP A 112 -27.55 3.70 32.39
CA ASP A 112 -26.55 3.85 33.44
C ASP A 112 -25.46 2.79 33.54
N LEU A 113 -24.22 3.16 33.22
CA LEU A 113 -23.12 2.24 33.34
C LEU A 113 -22.53 2.47 34.72
N ASP A 114 -22.70 1.48 35.60
CA ASP A 114 -22.18 1.58 36.96
C ASP A 114 -20.77 0.98 36.93
N MET A 115 -19.77 1.85 36.97
CA MET A 115 -18.38 1.43 36.91
C MET A 115 -17.85 0.77 38.17
N HIS A 116 -18.44 1.06 39.33
CA HIS A 116 -17.96 0.46 40.55
C HIS A 116 -18.35 -1.02 40.65
N GLN A 117 -19.56 -1.35 40.23
CA GLN A 117 -20.04 -2.71 40.28
C GLN A 117 -19.90 -3.44 38.93
N GLY A 118 -19.56 -2.70 37.88
CA GLY A 118 -19.42 -3.30 36.57
C GLY A 118 -20.76 -3.86 36.12
N VAL A 119 -21.76 -2.99 36.08
CA VAL A 119 -23.10 -3.39 35.70
C VAL A 119 -23.75 -2.34 34.80
N LEU A 120 -24.57 -2.79 33.85
CA LEU A 120 -25.26 -1.88 32.95
C LEU A 120 -26.74 -1.83 33.30
N ASN A 121 -27.22 -0.63 33.62
CA ASN A 121 -28.63 -0.45 33.96
C ASN A 121 -29.29 0.38 32.86
N ARG A 122 -30.54 0.05 32.57
CA ARG A 122 -31.32 0.76 31.56
C ARG A 122 -32.78 0.60 31.94
N SER A 123 -33.52 1.71 31.94
CA SER A 123 -34.92 1.68 32.28
C SER A 123 -35.67 2.85 31.64
N PHE A 124 -36.98 2.69 31.49
CA PHE A 124 -37.82 3.70 30.87
C PHE A 124 -39.26 3.24 30.87
N VAL A 125 -40.16 4.13 30.48
CA VAL A 125 -41.57 3.77 30.41
C VAL A 125 -42.01 3.77 28.96
N VAL A 126 -42.59 2.65 28.51
CA VAL A 126 -43.07 2.54 27.16
C VAL A 126 -44.40 3.29 27.10
N GLU A 127 -44.45 4.34 26.28
CA GLU A 127 -45.66 5.16 26.16
C GLU A 127 -46.49 4.81 24.94
N ARG A 128 -47.63 4.14 25.17
CA ARG A 128 -48.51 3.78 24.07
C ARG A 128 -49.96 4.19 24.39
N GLY A 129 -50.14 5.46 24.72
CA GLY A 129 -51.47 5.95 25.04
C GLY A 129 -52.03 5.40 26.34
N ALA A 130 -53.15 4.69 26.24
CA ALA A 130 -53.79 4.11 27.41
C ALA A 130 -52.91 3.05 28.03
N VAL A 131 -51.91 2.58 27.30
CA VAL A 131 -51.01 1.57 27.85
C VAL A 131 -49.65 2.19 28.16
N ARG A 132 -49.23 2.01 29.41
CA ARG A 132 -47.96 2.51 29.89
C ARG A 132 -47.31 1.40 30.68
N VAL A 133 -46.12 0.99 30.26
CA VAL A 133 -45.41 -0.10 30.92
C VAL A 133 -43.96 0.26 31.19
N ALA A 134 -43.55 0.10 32.45
CA ALA A 134 -42.18 0.39 32.84
C ALA A 134 -41.31 -0.84 32.60
N LEU A 135 -40.09 -0.60 32.14
CA LEU A 135 -39.15 -1.69 31.88
C LEU A 135 -37.81 -1.32 32.54
N ASN A 136 -37.29 -2.25 33.35
CA ASN A 136 -36.03 -2.05 34.05
C ASN A 136 -35.06 -3.19 33.73
N PHE A 137 -33.95 -2.85 33.07
CA PHE A 137 -32.93 -3.83 32.68
C PHE A 137 -31.66 -3.73 33.51
N GLN A 138 -31.04 -4.88 33.77
CA GLN A 138 -29.78 -4.93 34.48
C GLN A 138 -29.03 -6.15 33.99
N ARG A 139 -27.75 -5.98 33.69
CA ARG A 139 -26.94 -7.10 33.19
C ARG A 139 -25.46 -6.92 33.45
N PHE A 140 -24.73 -8.02 33.45
CA PHE A 140 -23.31 -7.99 33.67
C PHE A 140 -22.63 -9.23 33.09
N LEU A 141 -21.34 -9.11 32.84
CA LEU A 141 -20.54 -10.19 32.32
C LEU A 141 -19.63 -10.50 33.51
N SER A 142 -20.00 -11.53 34.25
CA SER A 142 -19.30 -11.93 35.47
C SER A 142 -17.80 -12.09 35.44
N VAL A 143 -17.14 -11.47 36.41
CA VAL A 143 -15.70 -11.57 36.55
C VAL A 143 -15.45 -12.68 37.57
N ALA A 144 -16.52 -13.28 38.09
CA ALA A 144 -16.42 -14.38 39.04
C ALA A 144 -16.49 -15.68 38.23
N GLN A 145 -17.37 -15.70 37.25
CA GLN A 145 -17.56 -16.85 36.35
C GLN A 145 -17.46 -16.27 34.93
N PRO A 146 -16.22 -16.18 34.40
CA PRO A 146 -15.95 -15.64 33.06
C PRO A 146 -16.83 -16.09 31.90
N GLU A 147 -17.27 -17.35 31.92
CA GLU A 147 -18.12 -17.87 30.84
C GLU A 147 -19.56 -17.39 31.02
N LEU A 148 -19.84 -16.69 32.10
CA LEU A 148 -21.20 -16.26 32.41
C LEU A 148 -21.68 -14.85 32.12
N SER A 149 -22.82 -14.78 31.45
CA SER A 149 -23.48 -13.52 31.14
C SER A 149 -24.79 -13.59 31.91
N VAL A 150 -25.15 -12.51 32.60
CA VAL A 150 -26.39 -12.51 33.38
C VAL A 150 -27.22 -11.26 33.06
N GLN A 151 -28.47 -11.50 32.66
CA GLN A 151 -29.40 -10.43 32.31
C GLN A 151 -30.63 -10.51 33.21
N LYS A 152 -31.25 -9.37 33.47
CA LYS A 152 -32.46 -9.34 34.28
C LYS A 152 -33.38 -8.24 33.73
N VAL A 153 -34.66 -8.56 33.60
CA VAL A 153 -35.63 -7.60 33.09
C VAL A 153 -36.83 -7.61 34.02
N THR A 154 -37.28 -6.42 34.42
CA THR A 154 -38.44 -6.27 35.29
C THR A 154 -39.48 -5.45 34.54
N VAL A 155 -40.70 -5.97 34.47
CA VAL A 155 -41.80 -5.31 33.79
C VAL A 155 -42.86 -4.90 34.80
N LYS A 156 -43.29 -3.63 34.74
CA LYS A 156 -44.32 -3.16 35.65
C LYS A 156 -45.40 -2.38 34.92
N ASN A 157 -46.63 -2.85 35.02
CA ASN A 157 -47.77 -2.21 34.35
C ASN A 157 -48.11 -0.94 35.11
N LEU A 158 -48.18 0.17 34.38
CA LEU A 158 -48.49 1.46 35.00
C LEU A 158 -49.80 2.04 34.48
N SER A 159 -50.39 1.39 33.49
CA SER A 159 -51.63 1.89 32.93
C SER A 159 -52.86 1.35 33.65
N ASP A 160 -54.03 1.87 33.27
CA ASP A 160 -55.27 1.40 33.86
C ASP A 160 -55.62 0.19 33.01
N ALA A 161 -56.24 -0.81 33.61
CA ALA A 161 -56.61 -2.03 32.89
C ALA A 161 -55.40 -2.93 32.71
N GLU A 162 -55.68 -4.22 32.75
CA GLU A 162 -54.68 -5.28 32.60
C GLU A 162 -53.94 -5.21 31.27
N VAL A 163 -52.71 -5.73 31.25
CA VAL A 163 -51.92 -5.73 30.03
C VAL A 163 -51.26 -7.09 29.84
N ASP A 164 -50.97 -7.42 28.59
CA ASP A 164 -50.34 -8.69 28.27
C ASP A 164 -48.86 -8.49 27.96
N VAL A 165 -48.02 -9.36 28.50
CA VAL A 165 -46.58 -9.27 28.27
C VAL A 165 -45.99 -10.63 27.91
N THR A 166 -45.14 -10.64 26.90
CA THR A 166 -44.48 -11.87 26.45
C THR A 166 -43.00 -11.61 26.21
N LEU A 167 -42.15 -12.42 26.83
CA LEU A 167 -40.71 -12.32 26.68
C LEU A 167 -40.20 -13.59 25.99
N LYS A 168 -39.37 -13.42 24.96
CA LYS A 168 -38.86 -14.58 24.24
C LYS A 168 -37.35 -14.71 24.24
N PRO A 169 -36.77 -15.08 25.40
CA PRO A 169 -35.33 -15.22 25.52
C PRO A 169 -34.87 -16.19 24.43
N SER A 170 -33.78 -15.86 23.75
CA SER A 170 -33.31 -16.75 22.70
C SER A 170 -31.84 -16.53 22.33
N ILE A 171 -31.34 -17.37 21.44
CA ILE A 171 -29.97 -17.28 20.97
C ILE A 171 -30.10 -17.31 19.46
N ASP A 172 -29.59 -16.26 18.81
CA ASP A 172 -29.70 -16.14 17.36
C ASP A 172 -28.32 -16.12 16.71
N ALA A 173 -28.08 -17.10 15.83
CA ALA A 173 -26.80 -17.22 15.16
C ALA A 173 -26.79 -16.59 13.77
N ASP A 174 -27.90 -15.96 13.40
CA ASP A 174 -27.95 -15.31 12.10
C ASP A 174 -27.44 -13.89 12.29
N VAL A 175 -26.15 -13.77 12.56
CA VAL A 175 -25.52 -12.47 12.78
C VAL A 175 -24.62 -12.04 11.62
N MET A 176 -24.26 -10.77 11.61
CA MET A 176 -23.42 -10.22 10.55
C MET A 176 -22.31 -9.32 11.08
N ASN A 177 -21.32 -9.06 10.24
CA ASN A 177 -20.23 -8.17 10.59
C ASN A 177 -20.48 -6.92 9.77
N GLU A 178 -20.45 -5.76 10.42
CA GLU A 178 -20.71 -4.52 9.71
C GLU A 178 -19.57 -4.12 8.78
N GLU A 179 -18.36 -4.11 9.33
CA GLU A 179 -17.17 -3.72 8.57
C GLU A 179 -16.95 -4.55 7.31
N ALA A 180 -17.83 -5.53 7.10
CA ALA A 180 -17.71 -6.39 5.92
C ALA A 180 -19.03 -6.49 5.18
N ASN A 181 -19.04 -7.31 4.14
CA ASN A 181 -20.22 -7.54 3.33
C ASN A 181 -20.24 -9.04 3.14
N TYR A 182 -19.11 -9.65 3.50
CA TYR A 182 -18.89 -11.09 3.42
C TYR A 182 -19.90 -11.79 4.34
N ASP A 183 -21.16 -11.79 3.92
CA ASP A 183 -22.26 -12.37 4.68
C ASP A 183 -21.99 -13.01 6.04
N ARG A 185 -21.96 -14.34 6.09
CA ARG A 185 -21.76 -15.05 7.35
C ARG A 185 -20.40 -15.67 7.66
N PHE A 186 -19.99 -15.55 8.93
CA PHE A 186 -18.73 -16.10 9.39
C PHE A 186 -18.95 -17.32 10.30
N TRP A 187 -20.19 -17.58 10.68
CA TRP A 187 -20.48 -18.72 11.55
C TRP A 187 -21.38 -19.78 10.92
N ASP A 188 -20.99 -21.04 11.09
CA ASP A 188 -21.78 -22.17 10.62
C ASP A 188 -22.35 -22.80 11.89
N VAL A 189 -23.65 -23.06 11.91
CA VAL A 189 -24.26 -23.67 13.07
C VAL A 189 -23.97 -25.18 13.05
N LEU A 190 -23.38 -25.69 14.12
CA LEU A 190 -23.07 -27.12 14.19
C LEU A 190 -24.18 -27.88 14.89
N ALA A 191 -24.78 -27.26 15.90
CA ALA A 191 -25.84 -27.91 16.65
C ALA A 191 -26.72 -26.91 17.40
N THR A 192 -28.03 -27.15 17.34
CA THR A 192 -28.98 -26.30 18.04
C THR A 192 -29.84 -27.19 18.92
N ASP A 193 -30.26 -26.65 20.06
CA ASP A 193 -31.11 -27.39 20.97
C ASP A 193 -32.12 -26.41 21.56
N GLN A 194 -33.39 -26.79 21.56
CA GLN A 194 -34.43 -25.94 22.12
C GLN A 194 -35.41 -26.75 22.95
N GLN A 195 -35.54 -26.37 24.21
CA GLN A 195 -36.47 -27.03 25.11
C GLN A 195 -37.33 -25.90 25.66
N ALA A 196 -38.35 -26.24 26.43
CA ALA A 196 -39.21 -25.22 27.00
C ALA A 196 -38.49 -24.60 28.19
N ASP A 197 -37.43 -25.27 28.62
CA ASP A 197 -36.65 -24.89 29.79
C ASP A 197 -35.31 -24.20 29.47
N ARG A 198 -34.77 -24.47 28.30
CA ARG A 198 -33.48 -23.91 27.93
C ARG A 198 -33.23 -23.98 26.43
N GLY A 199 -32.03 -23.56 26.04
CA GLY A 199 -31.64 -23.57 24.64
C GLY A 199 -30.15 -23.43 24.52
N SER A 200 -29.61 -23.90 23.40
CA SER A 200 -28.17 -23.81 23.18
C SER A 200 -27.83 -23.87 21.70
N ILE A 201 -26.69 -23.28 21.34
CA ILE A 201 -26.23 -23.28 19.97
C ILE A 201 -24.72 -23.42 19.95
N VAL A 202 -24.23 -24.37 19.16
CA VAL A 202 -22.80 -24.59 19.01
C VAL A 202 -22.49 -24.16 17.57
N ALA A 203 -21.66 -23.14 17.42
CA ALA A 203 -21.31 -22.64 16.09
C ALA A 203 -19.80 -22.59 15.92
N LYS A 204 -19.35 -22.55 14.67
CA LYS A 204 -17.93 -22.53 14.37
C LYS A 204 -17.66 -21.63 13.16
N THR A 205 -16.61 -20.82 13.23
CA THR A 205 -16.29 -19.93 12.11
C THR A 205 -16.02 -20.76 10.86
N THR A 206 -16.43 -20.23 9.71
CA THR A 206 -16.24 -20.92 8.44
C THR A 206 -14.78 -21.17 8.11
N PRO A 207 -14.51 -22.04 7.15
CA PRO A 207 -13.14 -22.35 6.75
C PRO A 207 -12.45 -21.21 6.01
N ASN A 208 -11.13 -21.11 6.20
CA ASN A 208 -10.32 -20.10 5.56
C ASN A 208 -9.18 -20.78 4.80
N PRO A 209 -8.58 -20.08 3.83
CA PRO A 209 -7.49 -20.67 3.06
C PRO A 209 -6.09 -20.35 3.58
N PHE A 210 -6.00 -19.67 4.70
CA PHE A 210 -4.69 -19.29 5.21
C PHE A 210 -4.13 -20.18 6.31
N GLY A 211 -4.83 -21.27 6.60
CA GLY A 211 -4.37 -22.19 7.63
C GLY A 211 -4.49 -21.67 9.05
N THR A 212 -5.19 -20.55 9.25
CA THR A 212 -5.34 -20.01 10.59
C THR A 212 -6.47 -20.73 11.31
N PRO A 213 -6.47 -20.70 12.66
CA PRO A 213 -7.48 -21.37 13.46
C PRO A 213 -8.94 -20.97 13.28
N ARG A 214 -9.80 -21.99 13.33
CA ARG A 214 -11.24 -21.78 13.24
C ARG A 214 -11.70 -21.81 14.69
N PHE A 215 -12.78 -21.10 15.01
CA PHE A 215 -13.25 -21.07 16.39
C PHE A 215 -14.67 -21.55 16.57
N THR A 216 -14.88 -22.36 17.61
CA THR A 216 -16.19 -22.89 17.92
C THR A 216 -16.68 -22.30 19.23
N SER A 217 -17.92 -21.85 19.26
CA SER A 217 -18.50 -21.28 20.46
C SER A 217 -19.73 -22.12 20.84
N GLY A 218 -19.94 -22.27 22.13
CA GLY A 218 -21.08 -22.99 22.65
C GLY A 218 -21.80 -22.07 23.61
N MET A 219 -23.07 -21.77 23.33
CA MET A 219 -23.83 -20.88 24.19
C MET A 219 -25.12 -21.56 24.65
N GLU A 220 -25.34 -21.54 25.96
CA GLU A 220 -26.54 -22.14 26.53
C GLU A 220 -27.24 -21.16 27.46
N MET A 221 -28.54 -21.03 27.28
CA MET A 221 -29.31 -20.10 28.11
C MET A 221 -30.19 -20.84 29.11
N ARG A 222 -30.23 -20.32 30.33
CA ARG A 222 -31.09 -20.87 31.38
C ARG A 222 -31.89 -19.68 31.90
N LEU A 223 -33.11 -19.94 32.36
CA LEU A 223 -33.97 -18.87 32.86
C LEU A 223 -34.38 -19.03 34.32
N VAL A 224 -34.95 -17.96 34.84
CA VAL A 224 -35.47 -17.88 36.20
C VAL A 224 -36.52 -16.78 36.07
N THR A 225 -37.79 -17.13 36.27
CA THR A 225 -38.85 -16.15 36.12
C THR A 225 -40.15 -16.54 36.81
N ASP A 226 -41.03 -15.56 36.98
CA ASP A 226 -42.33 -15.78 37.60
C ASP A 226 -43.39 -15.81 36.51
N LEU A 227 -42.99 -15.56 35.27
CA LEU A 227 -43.90 -15.60 34.13
C LEU A 227 -44.20 -17.05 33.82
N LYS A 228 -45.24 -17.30 33.03
CA LYS A 228 -45.62 -18.66 32.68
C LYS A 228 -45.05 -19.08 31.33
N ASN A 229 -44.39 -20.24 31.30
CA ASN A 229 -43.79 -20.75 30.08
C ASN A 229 -44.84 -21.16 29.06
N VAL A 230 -44.57 -20.83 27.79
CA VAL A 230 -45.47 -21.18 26.70
C VAL A 230 -44.69 -21.95 25.65
N ALA A 231 -45.34 -22.94 25.05
CA ALA A 231 -44.69 -23.75 24.02
C ALA A 231 -44.53 -22.92 22.76
N ILE A 232 -43.32 -22.90 22.21
CA ILE A 232 -43.05 -22.14 21.00
C ILE A 232 -42.15 -22.93 20.07
N THR A 233 -42.47 -22.95 18.79
CA THR A 233 -41.67 -23.70 17.82
C THR A 233 -40.40 -22.94 17.43
N GLN A 234 -39.36 -23.70 17.09
CA GLN A 234 -38.10 -23.09 16.70
C GLN A 234 -38.29 -22.22 15.47
N PRO A 235 -37.94 -20.92 15.58
CA PRO A 235 -38.06 -19.94 14.51
C PRO A 235 -37.43 -20.46 13.22
N ASN A 236 -36.19 -20.92 13.32
CA ASN A 236 -35.50 -21.45 12.17
C ASN A 236 -34.28 -22.25 12.59
N GLU A 237 -33.51 -22.63 11.58
CA GLU A 237 -32.30 -23.42 11.73
C GLU A 237 -31.21 -22.73 12.54
N LYS A 238 -31.13 -21.41 12.46
CA LYS A 238 -30.09 -20.66 13.15
C LYS A 238 -30.47 -20.00 14.48
N GLU A 239 -31.66 -20.29 14.99
CA GLU A 239 -32.08 -19.66 16.24
C GLU A 239 -32.97 -20.54 17.11
N VAL A 240 -32.69 -20.54 18.41
CA VAL A 240 -33.46 -21.30 19.38
C VAL A 240 -34.07 -20.29 20.34
N THR A 241 -35.30 -20.54 20.78
CA THR A 241 -35.96 -19.60 21.68
C THR A 241 -36.87 -20.26 22.69
N THR A 242 -37.23 -19.49 23.70
CA THR A 242 -38.16 -19.92 24.74
C THR A 242 -39.16 -18.79 24.82
N ALA A 243 -40.31 -19.05 25.44
CA ALA A 243 -41.33 -18.01 25.55
C ALA A 243 -42.01 -18.06 26.91
N TYR A 244 -42.23 -16.88 27.49
CA TYR A 244 -42.88 -16.75 28.78
C TYR A 244 -43.86 -15.58 28.71
N THR A 245 -45.09 -15.79 29.15
CA THR A 245 -46.09 -14.74 29.11
C THR A 245 -46.78 -14.55 30.45
N GLY A 246 -47.68 -13.57 30.51
CA GLY A 246 -48.39 -13.30 31.73
C GLY A 246 -49.23 -12.04 31.59
N LYS A 247 -50.27 -11.93 32.43
CA LYS A 247 -51.12 -10.77 32.41
C LYS A 247 -50.86 -9.98 33.68
N LEU A 248 -50.56 -8.70 33.51
CA LEU A 248 -50.28 -7.84 34.65
C LEU A 248 -51.42 -6.89 34.94
N ALA A 249 -51.92 -6.96 36.16
CA ALA A 249 -52.99 -6.08 36.58
C ALA A 249 -52.34 -4.72 36.81
N PRO A 250 -53.14 -3.65 36.85
CA PRO A 250 -52.54 -2.32 37.06
C PRO A 250 -51.57 -2.34 38.25
N GLN A 251 -50.41 -1.74 38.07
CA GLN A 251 -49.39 -1.67 39.11
C GLN A 251 -48.74 -3.02 39.45
N ALA A 252 -49.08 -4.06 38.70
CA ALA A 252 -48.48 -5.37 38.97
C ALA A 252 -47.19 -5.48 38.16
N SER A 253 -46.28 -6.35 38.59
CA SER A 253 -45.03 -6.50 37.85
C SER A 253 -44.57 -7.96 37.76
N ALA A 254 -43.63 -8.20 36.86
CA ALA A 254 -43.06 -9.53 36.65
C ALA A 254 -41.60 -9.36 36.29
N GLU A 255 -40.80 -10.41 36.49
CA GLU A 255 -39.38 -10.35 36.16
C GLU A 255 -38.88 -11.64 35.54
N LEU A 256 -37.72 -11.56 34.90
CA LEU A 256 -37.12 -12.72 34.27
C LEU A 256 -35.61 -12.56 34.18
N GLU A 257 -34.91 -13.65 34.51
CA GLU A 257 -33.45 -13.66 34.47
C GLU A 257 -33.03 -14.58 33.33
N LYS A 258 -31.95 -14.22 32.67
CA LYS A 258 -31.42 -15.03 31.58
C LYS A 258 -29.93 -15.23 31.82
N ARG A 259 -29.56 -16.43 32.23
CA ARG A 259 -28.16 -16.77 32.47
C ARG A 259 -27.61 -17.49 31.25
N VAL A 260 -26.55 -16.95 30.66
CA VAL A 260 -25.96 -17.56 29.49
C VAL A 260 -24.51 -17.97 29.73
N ILE A 261 -24.22 -19.24 29.45
CA ILE A 261 -22.87 -19.75 29.60
C ILE A 261 -22.25 -19.79 28.21
N VAL A 262 -21.06 -19.21 28.07
CA VAL A 262 -20.37 -19.18 26.79
C VAL A 262 -19.00 -19.82 26.90
N VAL A 263 -18.79 -20.87 26.10
CA VAL A 263 -17.53 -21.59 26.07
C VAL A 263 -16.99 -21.58 24.65
N THR A 264 -15.67 -21.72 24.51
CA THR A 264 -15.06 -21.71 23.19
C THR A 264 -14.01 -22.80 23.03
N SER A 265 -13.68 -23.10 21.78
CA SER A 265 -12.69 -24.11 21.45
C SER A 265 -11.28 -23.71 21.90
N ARG A 266 -11.15 -22.51 22.47
CA ARG A 266 -9.86 -22.04 22.94
C ARG A 266 -9.54 -22.77 24.24
N ASP A 267 -10.57 -23.28 24.89
CA ASP A 267 -10.41 -23.97 26.18
C ASP A 267 -10.85 -25.43 26.18
N TYR A 268 -11.24 -25.96 25.03
CA TYR A 268 -11.66 -27.35 24.96
C TYR A 268 -11.15 -28.05 23.69
N ASP A 269 -10.51 -29.20 23.90
CA ASP A 269 -9.93 -30.01 22.83
C ASP A 269 -10.89 -30.52 21.78
N THR A 270 -12.13 -30.74 22.16
CA THR A 270 -13.09 -31.28 21.21
C THR A 270 -14.47 -30.65 21.34
N GLN A 271 -15.31 -30.89 20.33
CA GLN A 271 -16.66 -30.35 20.31
C GLN A 271 -17.51 -30.89 21.46
N GLU A 272 -17.52 -32.20 21.66
CA GLU A 272 -18.31 -32.77 22.74
C GLU A 272 -17.78 -32.43 24.13
N SER A 273 -16.49 -32.16 24.26
CA SER A 273 -15.96 -31.78 25.56
C SER A 273 -16.38 -30.33 25.81
N LEU A 274 -16.43 -29.57 24.72
CA LEU A 274 -16.84 -28.16 24.80
C LEU A 274 -18.32 -28.15 25.18
N THR A 275 -19.09 -29.02 24.53
CA THR A 275 -20.51 -29.13 24.78
C THR A 275 -20.78 -29.60 26.21
N ALA A 276 -20.00 -30.56 26.69
CA ALA A 276 -20.17 -31.08 28.05
C ALA A 276 -19.97 -29.94 29.06
N ALA A 277 -18.92 -29.15 28.86
CA ALA A 277 -18.63 -28.04 29.75
C ALA A 277 -19.80 -27.05 29.74
N MET A 278 -20.29 -26.76 28.54
CA MET A 278 -21.40 -25.83 28.38
C MET A 278 -22.55 -26.24 29.30
N HIS A 279 -22.90 -27.53 29.26
CA HIS A 279 -23.98 -28.04 30.11
C HIS A 279 -23.60 -28.04 31.59
N GLN A 280 -22.40 -28.50 31.90
CA GLN A 280 -21.94 -28.56 33.28
C GLN A 280 -22.01 -27.20 33.97
N LEU A 281 -21.42 -26.19 33.35
CA LEU A 281 -21.43 -24.85 33.91
C LEU A 281 -22.86 -24.31 34.00
N SER A 282 -23.69 -24.65 33.02
CA SER A 282 -25.06 -24.17 33.05
C SER A 282 -25.82 -24.77 34.24
N ASP A 283 -25.55 -26.04 34.55
CA ASP A 283 -26.19 -26.68 35.68
C ASP A 283 -25.75 -26.01 36.97
N LYS A 284 -24.44 -25.82 37.08
CA LYS A 284 -23.83 -25.18 38.25
C LYS A 284 -24.44 -23.81 38.54
N VAL A 285 -24.52 -22.97 37.51
CA VAL A 285 -25.06 -21.62 37.66
C VAL A 285 -26.55 -21.63 37.99
N ALA A 286 -27.27 -22.63 37.50
CA ALA A 286 -28.70 -22.73 37.76
C ALA A 286 -28.97 -22.98 39.23
N GLN A 287 -27.92 -23.25 40.00
CA GLN A 287 -28.05 -23.51 41.42
C GLN A 287 -27.86 -22.25 42.24
N SER A 288 -27.52 -21.15 41.57
CA SER A 288 -27.30 -19.88 42.26
C SER A 288 -28.38 -18.85 41.99
N SER A 289 -28.62 -17.99 42.97
CA SER A 289 -29.61 -16.94 42.86
C SER A 289 -28.93 -15.73 42.21
N TYR A 290 -29.74 -14.79 41.75
CA TYR A 290 -29.25 -13.59 41.11
C TYR A 290 -28.31 -12.87 42.08
N GLU A 291 -28.77 -12.67 43.31
CA GLU A 291 -28.00 -12.00 44.34
C GLU A 291 -26.61 -12.61 44.53
N ASP A 292 -26.55 -13.94 44.53
CA ASP A 292 -25.27 -14.63 44.72
C ASP A 292 -24.34 -14.47 43.51
N LEU A 293 -24.91 -14.44 42.32
CA LEU A 293 -24.10 -14.27 41.11
C LEU A 293 -23.59 -12.84 41.07
N LEU A 294 -24.48 -11.90 41.36
CA LEU A 294 -24.13 -10.49 41.37
C LEU A 294 -23.12 -10.16 42.46
N ASN A 295 -23.39 -10.62 43.69
CA ASN A 295 -22.48 -10.34 44.80
C ASN A 295 -21.06 -10.84 44.53
N ALA A 296 -20.94 -12.04 43.97
CA ALA A 296 -19.63 -12.60 43.66
C ALA A 296 -18.91 -11.71 42.64
N HIS A 297 -19.68 -11.19 41.68
CA HIS A 297 -19.17 -10.32 40.64
C HIS A 297 -18.70 -8.98 41.19
N THR A 298 -19.60 -8.28 41.88
CA THR A 298 -19.29 -6.96 42.43
C THR A 298 -18.19 -6.99 43.47
N ALA A 299 -18.04 -8.12 44.15
CA ALA A 299 -17.00 -8.24 45.17
C ALA A 299 -15.65 -8.14 44.50
N ILE A 300 -15.50 -8.84 43.38
CA ILE A 300 -14.23 -8.82 42.66
C ILE A 300 -13.93 -7.44 42.06
N TRP A 301 -14.95 -6.78 41.52
CA TRP A 301 -14.73 -5.45 40.96
C TRP A 301 -14.30 -4.48 42.06
N ALA A 302 -14.89 -4.63 43.23
CA ALA A 302 -14.55 -3.77 44.36
C ALA A 302 -13.08 -3.93 44.72
N GLN A 303 -12.59 -5.17 44.65
CA GLN A 303 -11.19 -5.46 44.96
C GLN A 303 -10.28 -4.81 43.92
N ARG A 304 -10.73 -4.78 42.67
CA ARG A 304 -9.93 -4.18 41.60
C ARG A 304 -9.78 -2.67 41.83
N TRP A 305 -10.85 -2.04 42.31
CA TRP A 305 -10.82 -0.61 42.57
C TRP A 305 -9.98 -0.26 43.79
N GLU A 306 -9.93 -1.16 44.76
CA GLU A 306 -9.14 -0.94 45.98
C GLU A 306 -7.67 -0.73 45.65
N LYS A 307 -7.20 -1.41 44.61
CA LYS A 307 -5.80 -1.34 44.21
C LYS A 307 -5.50 -0.35 43.10
N SER A 308 -6.50 0.37 42.62
CA SER A 308 -6.25 1.27 41.50
C SER A 308 -6.99 2.59 41.49
N ASP A 309 -8.02 2.73 42.31
CA ASP A 309 -8.82 3.94 42.29
C ASP A 309 -8.05 5.25 42.36
N VAL A 310 -8.55 6.22 41.59
CA VAL A 310 -7.99 7.57 41.55
C VAL A 310 -9.15 8.50 41.84
N VAL A 311 -9.08 9.18 42.98
CA VAL A 311 -10.13 10.12 43.41
C VAL A 311 -9.66 11.55 43.17
N ILE A 312 -10.46 12.30 42.41
CA ILE A 312 -10.12 13.69 42.11
C ILE A 312 -11.22 14.62 42.58
N LYS A 313 -10.84 15.64 43.34
CA LYS A 313 -11.79 16.62 43.86
C LYS A 313 -11.54 17.99 43.22
N GLY A 314 -12.62 18.63 42.77
CA GLY A 314 -12.49 19.93 42.15
C GLY A 314 -12.50 19.85 40.63
N ASP A 315 -12.69 18.65 40.10
CA ASP A 315 -12.70 18.43 38.66
C ASP A 315 -13.52 17.18 38.38
N ASP A 316 -14.83 17.28 38.51
CA ASP A 316 -15.70 16.14 38.30
C ASP A 316 -15.55 15.50 36.93
N GLU A 317 -15.30 16.31 35.91
CA GLU A 317 -15.12 15.81 34.56
C GLU A 317 -13.96 14.81 34.52
N SER A 318 -12.86 15.17 35.18
CA SER A 318 -11.70 14.31 35.24
C SER A 318 -11.96 13.07 36.10
N GLN A 319 -12.71 13.25 37.20
CA GLN A 319 -13.01 12.11 38.07
C GLN A 319 -13.70 11.01 37.30
N GLN A 320 -14.68 11.39 36.48
CA GLN A 320 -15.42 10.40 35.70
C GLN A 320 -14.53 9.80 34.60
N GLY A 321 -13.76 10.65 33.93
CA GLY A 321 -12.89 10.20 32.87
C GLY A 321 -11.86 9.17 33.27
N ILE A 322 -11.11 9.43 34.35
CA ILE A 322 -10.09 8.48 34.81
C ILE A 322 -10.74 7.16 35.21
N ARG A 323 -11.86 7.23 35.92
CA ARG A 323 -12.55 6.02 36.34
C ARG A 323 -12.98 5.23 35.10
N PHE A 324 -13.52 5.94 34.10
CA PHE A 324 -13.97 5.31 32.86
C PHE A 324 -12.80 4.63 32.14
N ASN A 325 -11.64 5.28 32.14
CA ASN A 325 -10.45 4.74 31.49
C ASN A 325 -10.07 3.40 32.10
N LEU A 326 -9.89 3.39 33.42
CA LEU A 326 -9.51 2.18 34.13
C LEU A 326 -10.60 1.11 34.05
N PHE A 327 -11.86 1.51 34.11
CA PHE A 327 -12.96 0.54 34.03
C PHE A 327 -12.97 -0.23 32.71
N GLN A 328 -12.94 0.50 31.60
CA GLN A 328 -12.94 -0.13 30.29
C GLN A 328 -11.63 -0.89 30.01
N LEU A 329 -10.54 -0.45 30.61
CA LEU A 329 -9.26 -1.14 30.43
C LEU A 329 -9.37 -2.50 31.11
N PHE A 330 -9.77 -2.49 32.39
CA PHE A 330 -9.91 -3.73 33.15
C PHE A 330 -10.97 -4.64 32.54
N SER A 331 -12.01 -4.05 31.97
CA SER A 331 -13.06 -4.86 31.34
C SER A 331 -12.50 -5.55 30.09
N THR A 332 -11.53 -4.91 29.45
CA THR A 332 -10.92 -5.46 28.25
C THR A 332 -9.90 -6.54 28.59
N TYR A 333 -9.03 -6.23 29.55
CA TYR A 333 -7.98 -7.15 29.94
C TYR A 333 -7.61 -6.99 31.42
N TYR A 334 -7.54 -8.10 32.15
CA TYR A 334 -7.15 -8.07 33.55
C TYR A 334 -6.18 -9.22 33.84
N GLY A 335 -5.37 -9.56 32.83
CA GLY A 335 -4.38 -10.61 32.97
C GLY A 335 -4.88 -11.99 33.38
N GLU A 336 -6.14 -12.30 33.10
CA GLU A 336 -6.67 -13.61 33.45
C GLU A 336 -6.23 -14.71 32.49
N ASP A 337 -5.98 -14.34 31.23
CA ASP A 337 -5.57 -15.29 30.21
C ASP A 337 -4.35 -14.72 29.51
N ALA A 338 -3.19 -15.34 29.75
CA ALA A 338 -1.93 -14.91 29.16
C ALA A 338 -1.92 -14.92 27.63
N ARG A 339 -2.90 -15.59 27.03
CA ARG A 339 -2.98 -15.66 25.58
C ARG A 339 -3.70 -14.47 24.97
N LEU A 340 -4.36 -13.68 25.80
CA LEU A 340 -5.11 -12.52 25.31
C LEU A 340 -4.32 -11.24 25.51
N ASN A 341 -4.82 -10.16 24.93
CA ASN A 341 -4.13 -8.89 25.05
C ASN A 341 -5.12 -7.73 25.09
N ILE A 342 -4.66 -6.55 24.65
CA ILE A 342 -5.49 -5.36 24.65
C ILE A 342 -5.58 -4.78 23.25
N GLY A 343 -6.70 -5.04 22.57
CA GLY A 343 -6.91 -4.51 21.24
C GLY A 343 -7.33 -3.05 21.33
N PRO A 344 -7.06 -2.24 20.30
CA PRO A 344 -7.44 -0.83 20.36
C PRO A 344 -8.89 -0.53 20.71
N LYS A 345 -9.81 -1.42 20.34
CA LYS A 345 -11.22 -1.22 20.65
C LYS A 345 -11.77 -2.23 21.66
N GLY A 346 -10.91 -3.09 22.19
CA GLY A 346 -11.37 -4.07 23.16
C GLY A 346 -12.58 -4.82 22.65
N PHE A 347 -13.65 -4.86 23.43
CA PHE A 347 -14.88 -5.54 23.01
C PHE A 347 -15.98 -4.52 22.69
N THR A 348 -15.59 -3.36 22.16
CA THR A 348 -16.54 -2.30 21.88
C THR A 348 -16.81 -1.98 20.41
N GLY A 349 -16.18 -2.73 19.51
CA GLY A 349 -16.38 -2.48 18.09
C GLY A 349 -15.52 -3.39 17.25
N GLU A 350 -15.53 -3.22 15.92
CA GLU A 350 -14.73 -4.09 15.08
C GLU A 350 -13.68 -3.41 14.19
N LYS A 351 -13.95 -2.20 13.72
CA LYS A 351 -12.99 -1.50 12.86
C LYS A 351 -11.60 -1.42 13.50
N TYR A 352 -10.65 -2.17 12.93
CA TYR A 352 -9.28 -2.21 13.43
C TYR A 352 -9.25 -2.25 14.96
N GLY A 353 -10.05 -3.11 15.57
CA GLY A 353 -10.07 -3.13 17.02
C GLY A 353 -9.63 -4.36 17.80
N GLY A 354 -9.22 -5.43 17.13
CA GLY A 354 -8.84 -6.62 17.86
C GLY A 354 -7.38 -7.07 17.93
N ALA A 355 -6.50 -6.48 17.15
CA ALA A 355 -5.09 -6.88 17.15
C ALA A 355 -4.23 -6.29 18.26
N THR A 356 -3.03 -6.83 18.41
CA THR A 356 -2.06 -6.38 19.40
C THR A 356 -1.06 -5.44 18.75
N TYR A 357 -0.78 -4.32 19.42
CA TYR A 357 0.16 -3.31 18.94
C TYR A 357 1.27 -3.07 19.96
N TRP A 358 2.31 -2.35 19.54
CA TRP A 358 3.42 -2.03 20.42
C TRP A 358 2.89 -1.13 21.54
N ASP A 359 1.66 -0.66 21.37
CA ASP A 359 1.00 0.20 22.36
C ASP A 359 0.85 -0.44 23.73
N THR A 360 0.64 -1.76 23.81
CA THR A 360 0.48 -2.33 25.15
C THR A 360 1.81 -2.31 25.92
N GLU A 361 2.92 -2.57 25.23
CA GLU A 361 4.21 -2.56 25.89
C GLU A 361 4.65 -1.15 26.27
N ALA A 362 4.40 -0.20 25.38
CA ALA A 362 4.79 1.18 25.63
C ALA A 362 3.92 1.96 26.60
N PHE A 363 2.60 1.80 26.51
CA PHE A 363 1.72 2.58 27.38
C PHE A 363 0.82 1.84 28.38
N ALA A 364 0.34 0.66 27.99
CA ALA A 364 -0.50 -0.11 28.90
C ALA A 364 0.32 -0.69 30.05
N PHE A 365 1.54 -1.10 29.73
CA PHE A 365 2.42 -1.69 30.73
C PHE A 365 2.63 -0.82 31.97
N PRO A 366 3.08 0.43 31.78
CA PRO A 366 3.28 1.27 32.97
C PRO A 366 2.04 1.38 33.85
N VAL A 367 0.87 1.39 33.23
CA VAL A 367 -0.38 1.50 33.99
C VAL A 367 -0.65 0.23 34.78
N TYR A 368 -0.64 -0.92 34.12
CA TYR A 368 -0.90 -2.18 34.83
C TYR A 368 0.13 -2.47 35.93
N LEU A 369 1.38 -2.07 35.71
CA LEU A 369 2.41 -2.29 36.73
C LEU A 369 2.06 -1.56 38.01
N GLY A 370 1.48 -0.37 37.87
CA GLY A 370 1.16 0.41 39.04
C GLY A 370 -0.11 0.08 39.80
N ILE A 371 -1.08 -0.54 39.15
CA ILE A 371 -2.36 -0.81 39.81
C ILE A 371 -2.92 -2.23 39.82
N THR A 372 -2.11 -3.22 39.44
CA THR A 372 -2.57 -4.61 39.46
C THR A 372 -1.45 -5.48 40.01
N ASP A 373 -1.78 -6.71 40.43
CA ASP A 373 -0.75 -7.62 40.94
C ASP A 373 0.22 -7.86 39.79
N PRO A 374 1.53 -7.93 40.09
CA PRO A 374 2.55 -8.16 39.06
C PRO A 374 2.30 -9.35 38.13
N LYS A 375 1.38 -10.23 38.52
CA LYS A 375 1.07 -11.38 37.70
C LYS A 375 0.41 -10.99 36.38
N VAL A 376 -0.30 -9.86 36.39
CA VAL A 376 -0.98 -9.39 35.18
C VAL A 376 0.01 -8.96 34.09
N THR A 377 0.95 -8.08 34.44
CA THR A 377 1.94 -7.62 33.46
C THR A 377 2.86 -8.77 33.06
N ARG A 378 3.06 -9.72 33.96
CA ARG A 378 3.90 -10.87 33.67
C ARG A 378 3.29 -11.63 32.50
N ASN A 379 1.96 -11.77 32.51
CA ASN A 379 1.25 -12.47 31.44
C ASN A 379 1.36 -11.70 30.12
N LEU A 380 1.42 -10.38 30.21
CA LEU A 380 1.53 -9.52 29.04
C LEU A 380 2.92 -9.74 28.41
N LEU A 381 3.88 -10.16 29.23
CA LEU A 381 5.22 -10.44 28.76
C LEU A 381 5.25 -11.80 28.09
N MET A 382 4.73 -12.81 28.78
CA MET A 382 4.71 -14.16 28.21
C MET A 382 3.94 -14.19 26.88
N TYR A 383 3.03 -13.24 26.70
CA TYR A 383 2.26 -13.17 25.46
C TYR A 383 3.22 -13.10 24.26
N ARG A 384 4.26 -12.28 24.37
CA ARG A 384 5.22 -12.12 23.29
C ARG A 384 6.14 -13.34 23.20
N TYR A 385 6.57 -13.85 24.35
CA TYR A 385 7.42 -15.02 24.38
C TYR A 385 6.73 -16.16 23.62
N LYS A 386 5.43 -16.30 23.86
CA LYS A 386 4.64 -17.34 23.21
C LYS A 386 4.40 -17.13 21.72
N GLN A 387 4.74 -15.95 21.19
CA GLN A 387 4.56 -15.69 19.76
C GLN A 387 5.90 -15.47 19.08
N LEU A 388 6.95 -16.01 19.70
CA LEU A 388 8.31 -15.89 19.18
C LEU A 388 8.40 -16.50 17.79
N ASP A 389 7.74 -17.64 17.59
CA ASP A 389 7.78 -18.30 16.28
C ASP A 389 7.31 -17.37 15.16
N GLY A 390 6.24 -16.62 15.43
CA GLY A 390 5.74 -15.69 14.43
C GLY A 390 6.73 -14.57 14.19
N ALA A 391 7.46 -14.19 15.24
CA ALA A 391 8.45 -13.13 15.14
C ALA A 391 9.60 -13.58 14.23
N TYR A 392 9.95 -14.86 14.28
CA TYR A 392 11.02 -15.36 13.42
C TYR A 392 10.56 -15.23 11.98
N ILE A 393 9.31 -15.63 11.73
CA ILE A 393 8.74 -15.58 10.39
C ILE A 393 8.72 -14.14 9.86
N ASN A 394 8.31 -13.19 10.70
CA ASN A 394 8.26 -11.80 10.29
C ASN A 394 9.67 -11.35 9.87
N ALA A 395 10.67 -11.71 10.67
CA ALA A 395 12.05 -11.34 10.36
C ALA A 395 12.49 -11.98 9.06
N GLN A 396 12.19 -13.26 8.91
CA GLN A 396 12.56 -14.01 7.72
C GLN A 396 11.89 -13.45 6.46
N GLU A 397 10.72 -12.84 6.63
CA GLU A 397 10.04 -12.26 5.48
C GLU A 397 10.79 -11.04 4.96
N GLN A 398 11.71 -10.51 5.77
CA GLN A 398 12.52 -9.37 5.36
C GLN A 398 13.97 -9.77 5.22
N GLY A 399 14.23 -11.08 5.19
CA GLY A 399 15.59 -11.58 5.05
C GLY A 399 16.48 -11.28 6.24
N LEU A 400 15.89 -11.14 7.42
CA LEU A 400 16.65 -10.83 8.63
C LEU A 400 16.65 -11.95 9.68
N LYS A 401 17.72 -12.01 10.47
CA LYS A 401 17.87 -13.02 11.51
C LYS A 401 17.18 -12.57 12.80
N GLY A 402 17.15 -13.45 13.79
CA GLY A 402 16.51 -13.12 15.05
C GLY A 402 15.01 -12.98 14.95
N ALA A 403 14.44 -12.29 15.93
CA ALA A 403 12.99 -12.08 15.98
C ALA A 403 12.57 -10.64 15.68
N LEU A 404 11.56 -10.49 14.84
CA LEU A 404 11.02 -9.17 14.53
C LEU A 404 9.56 -9.24 14.92
N PHE A 405 9.22 -8.70 16.08
CA PHE A 405 7.84 -8.71 16.51
C PHE A 405 7.05 -7.82 15.54
N PRO A 406 5.81 -8.22 15.21
CA PRO A 406 4.93 -7.52 14.29
C PRO A 406 4.37 -6.19 14.78
N MET A 407 3.93 -5.37 13.83
CA MET A 407 3.32 -4.09 14.14
C MET A 407 1.87 -4.38 14.54
N VAL A 408 1.22 -5.25 13.78
CA VAL A 408 -0.17 -5.62 14.01
C VAL A 408 -0.30 -7.15 13.97
N THR A 409 -0.85 -7.76 15.03
CA THR A 409 -0.95 -9.21 15.04
C THR A 409 -2.05 -9.84 15.91
N PHE A 410 -2.39 -11.08 15.58
CA PHE A 410 -3.38 -11.85 16.32
C PHE A 410 -2.72 -13.14 16.80
N ASP A 411 -1.85 -13.70 15.97
CA ASP A 411 -1.16 -14.96 16.27
C ASP A 411 0.37 -14.85 16.33
N GLY A 412 0.89 -13.64 16.21
CA GLY A 412 2.34 -13.47 16.25
C GLY A 412 2.91 -13.10 14.89
N ILE A 413 2.17 -13.43 13.83
CA ILE A 413 2.59 -13.11 12.47
C ILE A 413 2.03 -11.73 12.09
N GLU A 414 2.82 -10.97 11.34
CA GLU A 414 2.44 -9.63 10.90
C GLU A 414 1.13 -9.59 10.11
N CYS A 415 0.40 -8.49 10.27
CA CYS A 415 -0.86 -8.28 9.56
C CYS A 415 -0.87 -6.96 8.80
N HIS A 416 -0.03 -6.02 9.19
CA HIS A 416 -0.02 -4.71 8.54
C HIS A 416 0.51 -4.73 7.11
N ASN A 417 -0.03 -3.85 6.28
CA ASN A 417 0.30 -3.79 4.86
C ASN A 417 0.87 -2.49 4.28
N GLU A 418 1.80 -1.85 5.00
CA GLU A 418 2.42 -0.62 4.51
C GLU A 418 3.91 -0.82 4.71
N TRP A 419 4.67 -0.85 3.63
CA TRP A 419 6.10 -1.08 3.78
C TRP A 419 6.81 -0.11 4.73
N GLU A 420 6.42 1.16 4.73
CA GLU A 420 7.07 2.13 5.61
C GLU A 420 6.78 1.87 7.10
N ILE A 421 5.78 1.06 7.38
CA ILE A 421 5.42 0.75 8.76
C ILE A 421 5.75 -0.71 9.05
N THR A 422 5.18 -1.61 8.26
CA THR A 422 5.40 -3.04 8.41
C THR A 422 6.88 -3.42 8.49
N PHE A 423 7.64 -3.05 7.47
CA PHE A 423 9.06 -3.36 7.39
C PHE A 423 9.98 -2.42 8.14
N GLU A 424 9.63 -1.15 8.18
CA GLU A 424 10.49 -0.13 8.78
C GLU A 424 10.28 0.42 10.18
N GLU A 425 9.08 0.34 10.74
CA GLU A 425 8.89 0.87 12.07
C GLU A 425 9.34 -0.20 13.07
N ILE A 426 10.64 -0.41 13.12
CA ILE A 426 11.24 -1.43 13.97
C ILE A 426 11.54 -1.06 15.41
N HIS A 427 11.29 0.18 15.79
CA HIS A 427 11.53 0.59 17.16
C HIS A 427 10.70 -0.30 18.08
N ARG A 428 9.59 -0.83 17.55
CA ARG A 428 8.70 -1.70 18.31
C ARG A 428 9.45 -2.86 18.99
N ASN A 429 10.52 -3.35 18.36
CA ASN A 429 11.30 -4.44 18.94
C ASN A 429 11.95 -3.95 20.24
N GLY A 430 12.45 -2.73 20.22
CA GLY A 430 13.08 -2.16 21.40
C GLY A 430 12.06 -1.92 22.48
N ASP A 431 10.87 -1.45 22.11
CA ASP A 431 9.81 -1.18 23.06
C ASP A 431 9.42 -2.47 23.79
N ILE A 432 9.40 -3.58 23.05
CA ILE A 432 9.04 -4.86 23.62
C ILE A 432 10.12 -5.38 24.57
N ALA A 433 11.38 -5.09 24.27
CA ALA A 433 12.48 -5.50 25.13
C ALA A 433 12.45 -4.62 26.38
N PHE A 434 12.15 -3.34 26.19
CA PHE A 434 12.11 -2.42 27.33
C PHE A 434 11.05 -2.83 28.35
N ALA A 435 9.91 -3.32 27.88
CA ALA A 435 8.83 -3.74 28.78
C ALA A 435 9.35 -4.78 29.78
N ILE A 436 10.22 -5.67 29.32
CA ILE A 436 10.78 -6.70 30.19
C ILE A 436 11.56 -6.04 31.31
N TYR A 437 12.40 -5.07 30.96
CA TYR A 437 13.19 -4.34 31.95
C TYR A 437 12.29 -3.56 32.89
N ASN A 438 11.32 -2.86 32.32
CA ASN A 438 10.38 -2.05 33.09
C ASN A 438 9.73 -2.91 34.18
N TYR A 439 9.29 -4.11 33.79
CA TYR A 439 8.65 -5.04 34.71
C TYR A 439 9.60 -5.53 35.80
N THR A 440 10.83 -5.83 35.41
CA THR A 440 11.83 -6.33 36.34
C THR A 440 12.20 -5.29 37.38
N ARG A 441 12.39 -4.05 36.93
CA ARG A 441 12.77 -2.95 37.82
C ARG A 441 11.65 -2.60 38.79
N TYR A 442 10.40 -2.69 38.33
CA TYR A 442 9.28 -2.35 39.18
C TYR A 442 8.94 -3.40 40.21
N THR A 443 8.82 -4.65 39.77
CA THR A 443 8.46 -5.75 40.65
C THR A 443 9.63 -6.32 41.45
N GLY A 444 10.83 -6.22 40.89
CA GLY A 444 11.98 -6.78 41.57
C GLY A 444 12.00 -8.29 41.36
N ASP A 445 11.24 -8.76 40.38
CA ASP A 445 11.18 -10.18 40.07
C ASP A 445 12.06 -10.58 38.88
N ASP A 446 13.17 -11.25 39.18
CA ASP A 446 14.16 -11.72 38.20
C ASP A 446 13.77 -12.99 37.44
N SER A 447 12.79 -13.72 37.98
CA SER A 447 12.38 -14.98 37.38
C SER A 447 12.07 -14.93 35.88
N TYR A 448 11.33 -13.92 35.45
CA TYR A 448 11.00 -13.86 34.03
C TYR A 448 12.19 -13.53 33.14
N VAL A 449 12.86 -12.42 33.41
CA VAL A 449 13.98 -11.99 32.60
C VAL A 449 15.14 -12.99 32.52
N LEU A 450 15.30 -13.81 33.57
CA LEU A 450 16.36 -14.80 33.60
C LEU A 450 15.96 -16.09 32.90
N HIS A 451 14.72 -16.19 32.48
CA HIS A 451 14.25 -17.39 31.78
C HIS A 451 13.63 -17.04 30.43
N GLU A 452 12.30 -17.11 30.34
CA GLU A 452 11.62 -16.79 29.08
C GLU A 452 12.08 -15.43 28.53
N GLY A 453 12.20 -14.45 29.40
CA GLY A 453 12.63 -13.13 28.97
C GLY A 453 14.01 -13.10 28.35
N ALA A 454 14.89 -13.95 28.83
CA ALA A 454 16.26 -14.02 28.31
C ALA A 454 16.22 -14.45 26.85
N LYS A 455 15.30 -15.35 26.52
CA LYS A 455 15.14 -15.84 25.16
C LYS A 455 14.62 -14.73 24.26
N VAL A 456 13.62 -14.01 24.74
CA VAL A 456 13.04 -12.90 23.96
C VAL A 456 14.11 -11.85 23.68
N LEU A 457 14.90 -11.53 24.70
CA LEU A 457 15.94 -10.53 24.57
C LEU A 457 17.03 -10.99 23.60
N THR A 458 17.41 -12.27 23.72
CA THR A 458 18.45 -12.83 22.86
C THR A 458 18.07 -12.73 21.39
N GLU A 459 16.84 -13.14 21.06
CA GLU A 459 16.40 -13.11 19.67
C GLU A 459 16.18 -11.69 19.13
N ILE A 460 15.77 -10.76 19.99
CA ILE A 460 15.59 -9.38 19.57
C ILE A 460 16.99 -8.81 19.32
N SER A 461 17.95 -9.19 20.17
CA SER A 461 19.33 -8.74 20.02
C SER A 461 19.88 -9.26 18.70
N ARG A 462 19.56 -10.50 18.37
CA ARG A 462 20.04 -11.11 17.12
C ARG A 462 19.47 -10.37 15.92
N PHE A 463 18.26 -9.84 16.06
CA PHE A 463 17.65 -9.07 14.98
C PHE A 463 18.48 -7.79 14.82
N TRP A 464 18.71 -7.08 15.92
CA TRP A 464 19.50 -5.84 15.90
C TRP A 464 20.89 -6.03 15.29
N ALA A 465 21.56 -7.11 15.71
CA ALA A 465 22.91 -7.40 15.24
C ALA A 465 22.96 -7.62 13.73
N ASP A 466 21.84 -8.09 13.17
CA ASP A 466 21.76 -8.35 11.74
C ASP A 466 21.15 -7.17 10.98
N ARG A 467 20.42 -6.30 11.68
CA ARG A 467 19.76 -5.15 11.04
C ARG A 467 20.65 -3.91 10.89
N VAL A 468 21.61 -3.78 11.78
CA VAL A 468 22.53 -2.65 11.72
C VAL A 468 23.52 -2.92 10.59
N HIS A 469 24.23 -1.88 10.16
CA HIS A 469 25.26 -2.04 9.16
C HIS A 469 26.43 -1.19 9.63
N PHE A 470 27.64 -1.58 9.27
CA PHE A 470 28.81 -0.80 9.69
C PHE A 470 29.15 0.19 8.58
N SER A 471 29.19 1.47 8.93
CA SER A 471 29.53 2.51 7.97
C SER A 471 31.02 2.79 8.06
N LYS A 472 31.79 2.23 7.14
CA LYS A 472 33.23 2.41 7.12
C LYS A 472 33.58 3.89 7.14
N ARG A 473 32.78 4.67 6.43
CA ARG A 473 32.96 6.11 6.33
C ARG A 473 32.98 6.81 7.69
N ASN A 474 32.14 6.32 8.61
CA ASN A 474 32.04 6.92 9.93
C ASN A 474 32.60 6.04 11.03
N ASN A 475 33.07 4.85 10.65
CA ASN A 475 33.59 3.88 11.61
C ASN A 475 32.64 3.69 12.78
N GLN A 476 31.36 3.63 12.44
CA GLN A 476 30.30 3.45 13.42
C GLN A 476 29.19 2.62 12.81
N TYR A 477 28.41 1.97 13.67
CA TYR A 477 27.29 1.17 13.21
C TYR A 477 26.12 2.13 13.07
N MET A 478 25.27 1.89 12.07
CA MET A 478 24.10 2.73 11.85
C MET A 478 22.90 1.87 11.49
N ILE A 479 21.73 2.48 11.50
CA ILE A 479 20.51 1.80 11.13
C ILE A 479 19.76 2.71 10.16
N HIS A 480 19.87 2.39 8.87
CA HIS A 480 19.24 3.14 7.79
C HIS A 480 17.87 2.61 7.42
N GLY A 481 17.07 3.48 6.81
CA GLY A 481 15.75 3.12 6.33
C GLY A 481 14.76 2.62 7.35
N VAL A 482 14.39 3.49 8.29
CA VAL A 482 13.45 3.14 9.34
C VAL A 482 12.36 4.19 9.48
N THR A 483 11.39 3.89 10.34
CA THR A 483 10.30 4.82 10.64
C THR A 483 10.19 4.75 12.15
N GLY A 484 10.33 5.89 12.83
CA GLY A 484 10.25 5.92 14.29
C GLY A 484 8.81 6.02 14.78
N ALA A 485 8.63 6.22 16.09
CA ALA A 485 7.30 6.34 16.67
C ALA A 485 6.57 7.48 15.97
N ASP A 486 7.34 8.47 15.54
CA ASP A 486 6.77 9.59 14.81
C ASP A 486 6.62 9.11 13.37
N GLU A 487 5.45 8.59 13.05
CA GLU A 487 5.19 8.09 11.72
C GLU A 487 5.13 9.16 10.64
N TYR A 488 5.40 10.42 11.01
CA TYR A 488 5.40 11.50 10.03
C TYR A 488 6.79 11.70 9.42
N GLU A 489 7.65 10.70 9.61
CA GLU A 489 8.99 10.66 9.02
C GLU A 489 9.06 9.20 8.57
N ASN A 490 9.24 8.98 7.26
CA ASN A 490 9.29 7.63 6.72
C ASN A 490 10.59 7.33 6.00
N ASN A 491 11.09 6.11 6.15
CA ASN A 491 12.32 5.66 5.51
C ASN A 491 13.49 6.61 5.79
N VAL A 492 13.63 7.02 7.05
CA VAL A 492 14.71 7.92 7.41
C VAL A 492 15.91 7.14 7.90
N ASP A 493 17.02 7.83 8.07
CA ASP A 493 18.25 7.18 8.51
C ASP A 493 18.72 7.59 9.91
N ASN A 494 19.12 6.60 10.68
CA ASN A 494 19.59 6.81 12.03
C ASN A 494 18.61 7.61 12.89
N ASN A 495 17.40 7.06 13.03
CA ASN A 495 16.40 7.67 13.90
C ASN A 495 17.01 7.45 15.28
N TRP A 496 17.29 8.54 16.00
CA TRP A 496 17.93 8.46 17.32
C TRP A 496 17.32 7.46 18.29
N ASP A 497 15.99 7.51 18.43
CA ASP A 497 15.29 6.60 19.34
C ASP A 497 15.50 5.14 18.95
N THR A 498 15.47 4.87 17.65
CA THR A 498 15.68 3.51 17.18
C THR A 498 17.11 3.04 17.49
N ASN A 499 18.10 3.84 17.11
CA ASN A 499 19.49 3.48 17.39
C ASN A 499 19.71 3.33 18.89
N MET A 500 19.14 4.24 19.67
CA MET A 500 19.28 4.20 21.12
C MET A 500 18.69 2.92 21.70
N LEU A 501 17.52 2.51 21.20
CA LEU A 501 16.86 1.30 21.68
C LEU A 501 17.62 0.03 21.31
N ALA A 502 18.25 0.04 20.13
CA ALA A 502 19.00 -1.12 19.66
C ALA A 502 20.22 -1.31 20.56
N GLN A 503 20.95 -0.22 20.78
CA GLN A 503 22.12 -0.23 21.64
C GLN A 503 21.73 -0.69 23.04
N TRP A 504 20.64 -0.13 23.56
CA TRP A 504 20.17 -0.49 24.90
C TRP A 504 19.81 -1.97 25.00
N THR A 505 19.06 -2.46 24.01
CA THR A 505 18.64 -3.86 24.00
C THR A 505 19.85 -4.79 24.08
N LEU A 506 20.82 -4.58 23.20
CA LEU A 506 22.03 -5.38 23.17
C LEU A 506 22.79 -5.30 24.49
N LYS A 507 22.89 -4.09 25.03
CA LYS A 507 23.59 -3.87 26.30
C LYS A 507 22.90 -4.59 27.45
N TYR A 508 21.58 -4.49 27.51
CA TYR A 508 20.82 -5.13 28.58
C TYR A 508 20.88 -6.65 28.46
N THR A 509 20.78 -7.15 27.23
CA THR A 509 20.83 -8.59 26.99
C THR A 509 22.17 -9.16 27.43
N LEU A 510 23.26 -8.46 27.13
CA LEU A 510 24.58 -8.92 27.53
C LEU A 510 24.66 -9.02 29.05
N GLU A 511 24.04 -8.06 29.74
CA GLU A 511 24.02 -8.08 31.21
C GLU A 511 23.30 -9.35 31.65
N ILE A 512 22.09 -9.56 31.13
CA ILE A 512 21.28 -10.72 31.48
C ILE A 512 21.97 -12.06 31.22
N LEU A 513 22.64 -12.18 30.08
CA LEU A 513 23.30 -13.42 29.72
C LEU A 513 24.33 -13.86 30.77
N GLY A 514 25.00 -12.89 31.37
CA GLY A 514 25.98 -13.24 32.38
C GLY A 514 25.32 -13.66 33.68
N LYS A 515 24.00 -13.59 33.74
CA LYS A 515 23.29 -13.96 34.97
C LYS A 515 22.36 -15.15 34.91
N VAL A 516 22.04 -15.61 33.69
CA VAL A 516 21.15 -16.76 33.54
C VAL A 516 21.83 -18.04 34.03
N ASP A 517 21.04 -19.06 34.37
CA ASP A 517 21.63 -20.31 34.85
C ASP A 517 22.11 -21.20 33.72
N GLN A 518 22.81 -22.27 34.07
CA GLN A 518 23.36 -23.21 33.11
C GLN A 518 22.38 -23.76 32.08
N ASP A 519 21.16 -24.10 32.50
CA ASP A 519 20.17 -24.63 31.56
C ASP A 519 19.79 -23.58 30.53
N THR A 520 19.50 -22.38 31.02
CA THR A 520 19.13 -21.29 30.13
C THR A 520 20.27 -20.99 29.16
N ALA A 521 21.47 -20.76 29.71
CA ALA A 521 22.64 -20.44 28.88
C ALA A 521 22.79 -21.44 27.75
N LYS A 522 22.68 -22.73 28.08
CA LYS A 522 22.81 -23.79 27.11
C LYS A 522 21.70 -23.68 26.06
N GLN A 523 20.49 -23.35 26.50
CA GLN A 523 19.37 -23.22 25.58
C GLN A 523 19.56 -22.01 24.65
N LEU A 524 19.90 -20.87 25.23
CA LEU A 524 20.09 -19.65 24.44
C LEU A 524 21.20 -19.88 23.44
N ASP A 525 22.22 -20.62 23.84
CA ASP A 525 23.34 -20.94 22.97
C ASP A 525 23.90 -19.72 22.24
N VAL A 526 24.37 -18.74 23.02
CA VAL A 526 24.95 -17.52 22.45
C VAL A 526 26.46 -17.62 22.55
N SER A 527 27.13 -17.71 21.40
CA SER A 527 28.58 -17.85 21.37
C SER A 527 29.31 -16.61 21.84
N ASP A 528 30.60 -16.76 22.11
CA ASP A 528 31.41 -15.63 22.55
C ASP A 528 31.63 -14.70 21.36
N GLU A 529 31.54 -15.27 20.16
CA GLU A 529 31.71 -14.49 18.94
C GLU A 529 30.57 -13.48 18.86
N GLU A 530 29.34 -13.95 19.09
CA GLU A 530 28.18 -13.08 19.06
C GLU A 530 28.27 -11.99 20.13
N LYS A 531 28.63 -12.39 21.35
CA LYS A 531 28.73 -11.45 22.44
C LYS A 531 29.75 -10.36 22.14
N THR A 532 30.88 -10.74 21.54
CA THR A 532 31.90 -9.76 21.20
C THR A 532 31.32 -8.79 20.16
N LYS A 533 30.62 -9.34 19.17
CA LYS A 533 30.01 -8.52 18.13
C LYS A 533 29.01 -7.54 18.76
N TRP A 534 28.09 -8.06 19.56
CA TRP A 534 27.10 -7.22 20.22
C TRP A 534 27.74 -6.06 20.99
N GLN A 535 28.81 -6.35 21.73
CA GLN A 535 29.50 -5.31 22.49
C GLN A 535 30.10 -4.26 21.58
N ASP A 536 30.60 -4.70 20.43
CA ASP A 536 31.18 -3.78 19.48
C ASP A 536 30.09 -2.84 18.95
N ILE A 537 28.90 -3.37 18.73
CA ILE A 537 27.77 -2.56 18.24
C ILE A 537 27.39 -1.51 19.29
N VAL A 538 27.35 -1.93 20.55
CA VAL A 538 27.02 -1.03 21.64
C VAL A 538 28.08 0.06 21.75
N ASP A 539 29.33 -0.36 21.66
CA ASP A 539 30.47 0.56 21.74
C ASP A 539 30.55 1.57 20.61
N ARG A 540 30.29 1.12 19.39
CA ARG A 540 30.39 2.03 18.24
C ARG A 540 29.10 2.40 17.52
N MET A 541 28.00 2.41 18.26
CA MET A 541 26.72 2.77 17.68
C MET A 541 26.65 4.27 17.45
N TYR A 542 26.26 4.67 16.26
CA TYR A 542 26.13 6.09 15.93
C TYR A 542 24.84 6.63 16.54
N LEU A 543 24.94 7.79 17.19
CA LEU A 543 23.79 8.45 17.80
C LEU A 543 23.80 9.91 17.38
N PRO A 544 22.86 10.32 16.53
CA PRO A 544 22.75 11.71 16.03
C PRO A 544 22.60 12.76 17.13
N TYR A 545 23.50 13.73 17.14
CA TYR A 545 23.50 14.78 18.15
C TYR A 545 23.95 16.13 17.60
N ASP A 546 23.34 17.21 18.09
CA ASP A 546 23.70 18.56 17.67
C ASP A 546 24.24 19.32 18.89
N LYS A 547 25.52 19.66 18.85
CA LYS A 547 26.17 20.35 19.95
C LYS A 547 25.61 21.74 20.28
N ASP A 548 25.36 22.55 19.25
CA ASP A 548 24.84 23.89 19.49
C ASP A 548 23.46 23.93 20.14
N LEU A 549 22.58 23.01 19.75
CA LEU A 549 21.26 22.98 20.35
C LEU A 549 21.25 22.05 21.57
N ASN A 550 22.31 21.25 21.68
CA ASN A 550 22.43 20.28 22.77
C ASN A 550 21.24 19.34 22.77
N ILE A 551 20.91 18.81 21.59
CA ILE A 551 19.78 17.90 21.46
C ILE A 551 20.15 16.66 20.68
N PHE A 552 19.37 15.60 20.88
CA PHE A 552 19.56 14.38 20.14
C PHE A 552 18.73 14.67 18.88
N VAL A 553 19.31 14.45 17.70
CA VAL A 553 18.62 14.73 16.45
C VAL A 553 17.73 13.55 16.06
N GLN A 554 16.42 13.80 15.95
CA GLN A 554 15.45 12.73 15.66
C GLN A 554 15.93 11.73 14.60
N HIS A 555 16.48 12.24 13.49
CA HIS A 555 17.04 11.40 12.44
C HIS A 555 18.03 12.25 11.65
N ASP A 556 18.96 11.61 10.94
CA ASP A 556 19.95 12.39 10.18
C ASP A 556 19.31 13.34 9.18
N GLY A 557 19.73 14.60 9.24
CA GLY A 557 19.25 15.61 8.33
C GLY A 557 17.99 16.32 8.76
N PHE A 558 17.45 15.94 9.92
CA PHE A 558 16.22 16.56 10.42
C PHE A 558 16.35 18.08 10.52
N LEU A 559 17.53 18.57 10.91
CA LEU A 559 17.71 20.01 11.04
C LEU A 559 17.78 20.77 9.72
N ASP A 560 17.80 20.05 8.60
CA ASP A 560 17.85 20.69 7.29
C ASP A 560 16.43 21.02 6.83
N LYS A 561 15.45 20.52 7.56
CA LYS A 561 14.06 20.78 7.25
C LYS A 561 13.82 22.26 7.48
N ASP A 562 12.65 22.74 7.06
CA ASP A 562 12.26 24.13 7.25
C ASP A 562 11.58 24.16 8.62
N ILE A 563 12.39 24.22 9.68
CA ILE A 563 11.86 24.21 11.05
C ILE A 563 11.00 25.42 11.38
N GLU A 564 9.78 25.14 11.81
CA GLU A 564 8.79 26.16 12.15
C GLU A 564 7.84 25.54 13.17
N PRO A 565 7.37 26.33 14.16
CA PRO A 565 6.46 25.83 15.20
C PRO A 565 5.09 25.41 14.68
N VAL A 566 4.43 24.52 15.42
CA VAL A 566 3.12 24.03 15.02
C VAL A 566 2.13 25.19 15.02
N SER A 567 2.43 26.23 15.78
CA SER A 567 1.55 27.39 15.86
C SER A 567 1.41 28.07 14.49
N SER A 568 2.32 27.76 13.57
CA SER A 568 2.25 28.36 12.25
C SER A 568 1.34 27.59 11.30
N ILE A 569 0.80 26.48 11.77
CA ILE A 569 -0.12 25.70 10.96
C ILE A 569 -1.52 26.27 11.10
N PRO A 570 -2.21 26.53 9.97
CA PRO A 570 -3.56 27.08 10.07
C PRO A 570 -4.40 26.15 10.95
N ALA A 571 -5.02 26.71 11.97
CA ALA A 571 -5.83 25.91 12.90
C ALA A 571 -6.81 24.98 12.19
N ASP A 572 -7.39 25.42 11.09
CA ASP A 572 -8.36 24.60 10.37
C ASP A 572 -7.72 23.43 9.61
N GLN A 573 -6.40 23.47 9.43
CA GLN A 573 -5.71 22.39 8.73
C GLN A 573 -5.21 21.30 9.68
N ARG A 574 -5.65 21.37 10.93
CA ARG A 574 -5.27 20.38 11.94
C ARG A 574 -6.47 19.53 12.27
N PRO A 575 -6.29 18.21 12.45
CA PRO A 575 -5.01 17.49 12.34
C PRO A 575 -4.53 17.45 10.91
N ILE A 576 -3.22 17.58 10.71
CA ILE A 576 -2.69 17.58 9.34
C ILE A 576 -2.86 16.27 8.57
N ASN A 577 -2.96 15.15 9.27
CA ASN A 577 -3.13 13.88 8.55
C ASN A 577 -4.49 13.81 7.87
N GLN A 578 -5.39 14.72 8.25
CA GLN A 578 -6.72 14.78 7.65
C GLN A 578 -6.83 15.93 6.65
N ASN A 579 -5.76 16.71 6.52
CA ASN A 579 -5.80 17.85 5.60
C ASN A 579 -4.71 17.90 4.53
N TRP A 580 -3.49 17.51 4.88
CA TRP A 580 -2.36 17.56 3.95
C TRP A 580 -2.05 16.27 3.20
N SER A 581 -1.39 16.41 2.05
CA SER A 581 -0.97 15.26 1.26
C SER A 581 0.23 14.67 2.01
N TRP A 582 0.37 13.35 1.97
CA TRP A 582 1.44 12.68 2.70
C TRP A 582 2.86 13.21 2.50
N ASP A 583 3.22 13.59 1.28
CA ASP A 583 4.56 14.10 1.01
C ASP A 583 4.84 15.37 1.82
N LYS A 584 3.86 16.27 1.86
CA LYS A 584 4.03 17.52 2.61
C LYS A 584 4.19 17.20 4.10
N ILE A 585 3.38 16.28 4.59
CA ILE A 585 3.47 15.86 5.99
C ILE A 585 4.87 15.32 6.29
N LEU A 586 5.37 14.46 5.42
CA LEU A 586 6.68 13.86 5.62
C LEU A 586 7.85 14.85 5.65
N ARG A 587 7.95 15.71 4.64
CA ARG A 587 9.06 16.65 4.61
C ARG A 587 8.95 17.77 5.64
N SER A 588 7.73 18.03 6.13
CA SER A 588 7.54 19.06 7.14
C SER A 588 8.28 18.70 8.42
N PRO A 589 8.51 19.68 9.30
CA PRO A 589 9.20 19.42 10.56
C PRO A 589 8.23 19.00 11.67
N TYR A 590 6.98 18.75 11.29
CA TYR A 590 5.96 18.39 12.26
C TYR A 590 5.99 16.93 12.68
N ILE A 591 5.92 16.75 14.00
CA ILE A 591 5.99 15.44 14.64
C ILE A 591 4.65 14.94 15.15
N LYS A 592 4.31 13.70 14.77
CA LYS A 592 3.05 13.08 15.16
C LYS A 592 2.95 12.79 16.65
N GLN A 593 4.01 12.22 17.21
CA GLN A 593 4.04 11.88 18.63
C GLN A 593 5.48 11.76 19.10
N GLY A 594 5.67 11.60 20.40
CA GLY A 594 7.01 11.49 20.95
C GLY A 594 7.86 10.49 20.18
N ASP A 595 9.07 10.90 19.83
CA ASP A 595 9.99 10.03 19.13
C ASP A 595 11.27 10.12 19.97
N VAL A 596 11.98 11.24 19.88
CA VAL A 596 13.16 11.41 20.71
C VAL A 596 12.64 11.49 22.16
N LEU A 597 11.53 12.20 22.34
CA LEU A 597 10.92 12.37 23.65
C LEU A 597 10.34 11.08 24.22
N GLN A 598 9.98 10.14 23.33
CA GLN A 598 9.46 8.84 23.75
C GLN A 598 10.62 8.10 24.43
N GLY A 599 11.81 8.19 23.84
CA GLY A 599 12.98 7.55 24.40
C GLY A 599 13.40 8.19 25.72
N ILE A 600 13.30 9.52 25.78
CA ILE A 600 13.65 10.20 27.01
C ILE A 600 12.66 9.77 28.08
N TRP A 601 11.39 9.61 27.67
CA TRP A 601 10.36 9.20 28.61
C TRP A 601 10.66 7.82 29.17
N ASP A 602 11.13 6.92 28.32
CA ASP A 602 11.47 5.56 28.76
C ASP A 602 12.66 5.53 29.71
N PHE A 603 13.59 6.48 29.53
CA PHE A 603 14.78 6.54 30.38
C PHE A 603 14.88 7.93 30.98
N ILE A 604 13.78 8.35 31.60
CA ILE A 604 13.66 9.68 32.18
C ILE A 604 14.68 10.01 33.28
N ASP A 605 15.19 9.00 33.98
CA ASP A 605 16.17 9.28 35.03
C ASP A 605 17.62 9.05 34.57
N ASP A 606 17.82 8.73 33.29
CA ASP A 606 19.17 8.51 32.76
C ASP A 606 19.72 9.72 32.02
N TYR A 607 18.92 10.77 31.95
CA TYR A 607 19.34 12.00 31.29
C TYR A 607 19.22 13.13 32.29
N THR A 608 20.10 14.11 32.17
CA THR A 608 20.12 15.24 33.08
C THR A 608 18.99 16.22 32.80
N PRO A 609 18.61 17.02 33.80
CA PRO A 609 17.54 18.01 33.64
C PRO A 609 17.84 18.93 32.47
N GLU A 610 19.13 19.20 32.25
CA GLU A 610 19.55 20.08 31.17
C GLU A 610 19.31 19.44 29.81
N GLN A 611 19.59 18.15 29.70
CA GLN A 611 19.37 17.44 28.45
C GLN A 611 17.88 17.34 28.15
N LYS A 612 17.10 17.00 29.18
CA LYS A 612 15.65 16.85 29.02
C LYS A 612 14.99 18.18 28.65
N LYS A 613 15.49 19.28 29.20
CA LYS A 613 14.92 20.60 28.92
C LYS A 613 15.18 20.98 27.46
N ALA A 614 16.44 20.83 27.04
CA ALA A 614 16.82 21.17 25.68
C ALA A 614 16.03 20.35 24.65
N ASN A 615 15.87 19.06 24.91
CA ASN A 615 15.12 18.22 23.99
C ASN A 615 13.62 18.49 24.00
N PHE A 616 13.05 18.68 25.19
CA PHE A 616 11.62 18.95 25.28
C PHE A 616 11.33 20.31 24.65
N ASP A 617 12.10 21.32 25.04
CA ASP A 617 11.91 22.67 24.53
C ASP A 617 12.01 22.75 23.01
N PHE A 618 12.83 21.90 22.42
CA PHE A 618 12.98 21.92 20.97
C PHE A 618 11.89 21.15 20.22
N TYR A 619 11.60 19.94 20.66
CA TYR A 619 10.61 19.10 19.97
C TYR A 619 9.11 19.29 20.27
N GLU A 620 8.74 19.55 21.52
CA GLU A 620 7.32 19.70 21.81
C GLU A 620 6.63 20.76 20.94
N PRO A 621 7.29 21.88 20.66
CA PRO A 621 6.65 22.91 19.82
C PRO A 621 6.51 22.47 18.34
N LEU A 622 7.16 21.37 17.98
CA LEU A 622 7.09 20.85 16.61
C LEU A 622 6.13 19.67 16.53
N THR A 623 5.63 19.25 17.68
CA THR A 623 4.74 18.09 17.75
C THR A 623 3.26 18.47 17.67
N VAL A 624 2.56 17.90 16.70
CA VAL A 624 1.14 18.19 16.52
C VAL A 624 0.25 17.30 17.41
N HIS A 625 0.88 16.35 18.10
CA HIS A 625 0.15 15.45 18.99
C HIS A 625 -1.03 14.80 18.28
N GLU A 626 -0.76 14.17 17.14
CA GLU A 626 -1.81 13.52 16.40
C GLU A 626 -1.87 12.02 16.70
N SER A 627 -1.59 11.71 17.96
CA SER A 627 -1.61 10.36 18.50
C SER A 627 -2.27 10.53 19.87
N SER A 628 -3.17 9.62 20.21
CA SER A 628 -3.89 9.69 21.49
C SER A 628 -3.01 9.79 22.73
N LEU A 629 -1.85 9.15 22.70
CA LEU A 629 -0.96 9.17 23.85
C LEU A 629 0.11 10.25 23.87
N SER A 630 0.32 10.94 22.75
CA SER A 630 1.35 11.98 22.70
C SER A 630 1.16 13.03 23.81
N PRO A 631 -0.08 13.49 24.03
CA PRO A 631 -0.28 14.50 25.08
C PRO A 631 0.09 14.00 26.48
N ALA A 632 -0.23 12.74 26.76
CA ALA A 632 0.06 12.15 28.07
C ALA A 632 1.55 12.04 28.34
N ILE A 633 2.30 11.56 27.35
CA ILE A 633 3.74 11.39 27.49
C ILE A 633 4.44 12.73 27.66
N HIS A 634 3.99 13.72 26.89
CA HIS A 634 4.59 15.06 26.97
C HIS A 634 4.18 15.75 28.26
N SER A 635 3.02 15.38 28.79
CA SER A 635 2.54 15.95 30.04
C SER A 635 3.52 15.53 31.15
N VAL A 636 3.90 14.25 31.14
CA VAL A 636 4.84 13.72 32.13
C VAL A 636 6.20 14.43 32.02
N LEU A 637 6.69 14.59 30.79
CA LEU A 637 7.97 15.25 30.58
C LEU A 637 7.92 16.72 31.01
N ALA A 638 6.76 17.35 30.80
CA ALA A 638 6.59 18.74 31.19
C ALA A 638 6.65 18.84 32.72
N ALA A 639 5.89 17.97 33.39
CA ALA A 639 5.85 17.95 34.85
C ALA A 639 7.25 17.67 35.40
N ASP A 640 7.96 16.76 34.74
CA ASP A 640 9.31 16.38 35.13
C ASP A 640 10.24 17.61 35.11
N LEU A 641 9.92 18.57 34.24
CA LEU A 641 10.70 19.78 34.09
C LEU A 641 10.12 20.95 34.90
N HIS A 642 9.07 20.68 35.66
CA HIS A 642 8.41 21.68 36.48
C HIS A 642 7.58 22.68 35.68
N TYR A 643 7.19 22.28 34.47
CA TYR A 643 6.34 23.11 33.62
C TYR A 643 4.93 22.69 34.03
N GLU A 644 4.53 23.07 35.23
CA GLU A 644 3.21 22.71 35.76
C GLU A 644 2.01 23.07 34.89
N ASP A 645 1.90 24.32 34.46
CA ASP A 645 0.76 24.69 33.61
C ASP A 645 0.76 23.87 32.34
N LYS A 646 1.92 23.75 31.70
CA LYS A 646 2.03 23.00 30.47
C LYS A 646 1.67 21.52 30.66
N ALA A 647 2.05 20.95 31.79
CA ALA A 647 1.74 19.56 32.08
C ALA A 647 0.23 19.40 32.19
N VAL A 648 -0.41 20.34 32.87
CA VAL A 648 -1.85 20.30 33.06
C VAL A 648 -2.59 20.49 31.73
N GLU A 649 -2.14 21.44 30.93
CA GLU A 649 -2.76 21.69 29.64
C GLU A 649 -2.71 20.44 28.79
N LEU A 650 -1.53 19.82 28.71
CA LEU A 650 -1.36 18.62 27.92
C LEU A 650 -2.22 17.46 28.46
N TYR A 651 -2.39 17.41 29.77
CA TYR A 651 -3.20 16.36 30.40
C TYR A 651 -4.69 16.46 30.06
N SER A 652 -5.21 17.68 30.01
CA SER A 652 -6.62 17.93 29.75
C SER A 652 -7.27 17.24 28.55
N ARG A 653 -6.46 16.69 27.65
CA ARG A 653 -7.00 16.03 26.46
C ARG A 653 -6.92 14.51 26.46
N THR A 654 -6.43 13.95 27.56
CA THR A 654 -6.26 12.51 27.65
C THR A 654 -7.45 11.70 28.14
N ALA A 655 -8.01 12.09 29.28
CA ALA A 655 -9.10 11.36 29.91
C ALA A 655 -10.44 11.16 29.21
N ARG A 656 -10.98 12.23 28.62
CA ARG A 656 -12.30 12.13 28.02
C ARG A 656 -12.39 12.04 26.50
N LEU A 657 -11.37 11.48 25.86
CA LEU A 657 -11.34 11.33 24.41
C LEU A 657 -12.64 10.68 23.91
N ASP A 658 -13.06 9.61 24.58
CA ASP A 658 -14.28 8.90 24.22
C ASP A 658 -15.57 9.51 24.82
N LEU A 659 -15.56 9.81 26.11
CA LEU A 659 -16.74 10.38 26.75
C LEU A 659 -17.24 11.64 26.06
N ASP A 660 -16.32 12.42 25.49
CA ASP A 660 -16.68 13.64 24.79
C ASP A 660 -16.49 13.53 23.28
N ASN A 661 -16.26 12.32 22.80
CA ASN A 661 -16.11 12.04 21.39
C ASN A 661 -15.20 13.00 20.61
N TYR A 662 -13.98 13.19 21.11
CA TYR A 662 -13.01 14.10 20.49
C TYR A 662 -12.71 13.89 19.00
N ASN A 663 -12.62 12.64 18.56
CA ASN A 663 -12.30 12.36 17.16
C ASN A 663 -13.49 12.09 16.26
N ASN A 664 -14.69 12.34 16.77
CA ASN A 664 -15.91 12.10 16.00
C ASN A 664 -16.01 10.68 15.47
N ASP A 665 -15.37 9.74 16.14
CA ASP A 665 -15.42 8.36 15.69
C ASP A 665 -15.60 7.36 16.84
N THR A 666 -16.04 7.83 17.99
CA THR A 666 -16.27 6.93 19.11
C THR A 666 -17.50 6.08 18.80
N THR A 667 -18.21 6.44 17.72
CA THR A 667 -19.38 5.68 17.31
C THR A 667 -18.95 4.28 16.84
N ASP A 668 -17.72 4.17 16.34
CA ASP A 668 -17.17 2.89 15.88
C ASP A 668 -16.73 2.01 17.06
N GLY A 669 -16.53 2.63 18.23
CA GLY A 669 -16.10 1.90 19.41
C GLY A 669 -15.19 2.76 20.25
N LEU A 670 -14.81 2.26 21.43
CA LEU A 670 -13.94 3.02 22.32
C LEU A 670 -12.47 2.87 21.92
N HIS A 671 -11.63 3.76 22.45
CA HIS A 671 -10.19 3.73 22.20
C HIS A 671 -9.56 3.25 23.49
N ILE A 672 -9.60 1.94 23.71
CA ILE A 672 -9.06 1.35 24.93
C ILE A 672 -7.58 1.66 25.18
N THR A 673 -6.73 1.37 24.20
CA THR A 673 -5.30 1.62 24.36
C THR A 673 -4.99 3.09 24.53
N SER A 674 -5.96 3.93 24.20
CA SER A 674 -5.80 5.37 24.34
C SER A 674 -6.09 5.84 25.76
N MET A 675 -6.81 5.01 26.52
CA MET A 675 -7.22 5.32 27.90
C MET A 675 -6.15 5.15 28.96
N THR A 676 -4.92 4.89 28.54
CA THR A 676 -3.83 4.72 29.48
C THR A 676 -3.15 6.05 29.77
N GLY A 677 -3.36 7.03 28.89
CA GLY A 677 -2.73 8.33 29.03
C GLY A 677 -3.00 9.12 30.29
N ALA A 678 -4.27 9.17 30.70
CA ALA A 678 -4.64 9.93 31.89
C ALA A 678 -3.92 9.46 33.16
N TRP A 679 -3.93 8.16 33.43
CA TRP A 679 -3.26 7.64 34.63
C TRP A 679 -1.77 7.99 34.60
N ILE A 680 -1.15 7.79 33.44
CA ILE A 680 0.26 8.09 33.27
C ILE A 680 0.55 9.55 33.66
N ALA A 681 -0.19 10.48 33.05
CA ALA A 681 -0.02 11.90 33.33
C ALA A 681 -0.26 12.25 34.80
N VAL A 682 -1.27 11.62 35.41
CA VAL A 682 -1.57 11.89 36.80
C VAL A 682 -0.52 11.36 37.78
N VAL A 683 -0.23 10.06 37.71
CA VAL A 683 0.73 9.45 38.64
C VAL A 683 2.21 9.68 38.33
N GLN A 684 2.63 9.40 37.09
CA GLN A 684 4.03 9.63 36.75
C GLN A 684 4.28 11.13 36.62
N GLY A 685 3.29 11.85 36.11
CA GLY A 685 3.42 13.29 35.91
C GLY A 685 3.16 14.15 37.13
N PHE A 686 1.90 14.39 37.43
CA PHE A 686 1.51 15.22 38.56
C PHE A 686 2.17 14.78 39.87
N ALA A 687 2.10 13.48 40.15
CA ALA A 687 2.67 12.93 41.38
C ALA A 687 4.17 12.67 41.29
N GLY A 688 4.72 12.71 40.08
CA GLY A 688 6.14 12.48 39.90
C GLY A 688 6.63 11.11 40.35
N MET A 689 5.77 10.09 40.24
CA MET A 689 6.12 8.74 40.66
C MET A 689 7.17 8.07 39.77
N ARG A 690 8.08 7.34 40.42
CA ARG A 690 9.11 6.60 39.71
C ARG A 690 9.79 5.60 40.63
N VAL A 691 10.38 4.58 40.03
CA VAL A 691 11.10 3.55 40.77
C VAL A 691 12.58 3.74 40.48
N ARG A 692 13.36 3.93 41.54
CA ARG A 692 14.79 4.14 41.40
C ARG A 692 15.58 3.15 42.26
N ASP A 693 16.37 2.31 41.61
CA ASP A 693 17.19 1.32 42.29
C ASP A 693 16.43 0.64 43.43
N GLY A 694 15.29 0.06 43.10
CA GLY A 694 14.48 -0.63 44.09
C GLY A 694 13.63 0.20 45.03
N GLN A 695 13.77 1.53 45.00
CA GLN A 695 12.99 2.38 45.88
C GLN A 695 11.91 3.19 45.17
N LEU A 696 10.74 3.27 45.78
CA LEU A 696 9.62 4.02 45.22
C LEU A 696 9.79 5.50 45.53
N HIS A 697 9.50 6.36 44.55
CA HIS A 697 9.65 7.80 44.72
C HIS A 697 8.50 8.65 44.17
N TYR A 698 8.21 9.74 44.86
CA TYR A 698 7.17 10.69 44.46
C TYR A 698 7.70 12.11 44.66
N ALA A 699 7.10 13.07 43.96
CA ALA A 699 7.45 14.49 44.06
C ALA A 699 6.28 15.21 43.41
N PRO A 700 5.08 15.06 44.00
CA PRO A 700 3.85 15.67 43.49
C PRO A 700 3.60 17.16 43.65
N PHE A 701 2.79 17.68 42.73
CA PHE A 701 2.37 19.07 42.74
C PHE A 701 0.88 18.95 42.49
N LEU A 702 0.14 19.98 42.90
CA LEU A 702 -1.31 19.97 42.75
C LEU A 702 -1.77 20.89 41.63
N PRO A 703 -2.53 20.35 40.66
CA PRO A 703 -3.01 21.19 39.56
C PRO A 703 -3.79 22.36 40.16
N LYS A 704 -3.62 23.55 39.58
CA LYS A 704 -4.28 24.75 40.06
C LYS A 704 -5.77 24.64 40.34
N THR A 705 -6.52 24.02 39.42
CA THR A 705 -7.97 23.90 39.60
C THR A 705 -8.44 22.70 40.41
N TRP A 706 -7.51 21.88 40.88
CA TRP A 706 -7.86 20.72 41.69
C TRP A 706 -7.74 21.02 43.18
N THR A 707 -8.66 20.50 43.99
CA THR A 707 -8.57 20.73 45.43
C THR A 707 -7.69 19.62 46.00
N SER A 708 -7.71 18.46 45.35
CA SER A 708 -6.88 17.34 45.77
C SER A 708 -7.06 16.12 44.87
N TYR A 709 -6.13 15.18 44.96
CA TYR A 709 -6.22 13.95 44.20
C TYR A 709 -5.54 12.86 45.01
N THR A 710 -6.17 11.70 45.03
CA THR A 710 -5.67 10.55 45.79
C THR A 710 -5.72 9.31 44.89
N PHE A 711 -4.64 8.56 44.88
CA PHE A 711 -4.60 7.36 44.06
C PHE A 711 -4.00 6.19 44.82
N ARG A 712 -4.33 4.99 44.37
CA ARG A 712 -3.85 3.76 44.98
C ARG A 712 -2.74 3.19 44.08
N GLN A 713 -1.74 2.55 44.68
CA GLN A 713 -0.66 1.97 43.91
C GLN A 713 -0.14 0.70 44.58
N VAL A 714 0.06 -0.34 43.77
CA VAL A 714 0.57 -1.62 44.24
C VAL A 714 2.07 -1.67 43.98
N PHE A 715 2.85 -1.90 45.03
CA PHE A 715 4.29 -1.97 44.91
C PHE A 715 4.94 -2.96 45.89
N ARG A 716 5.72 -3.89 45.35
CA ARG A 716 6.42 -4.90 46.15
C ARG A 716 5.57 -5.48 47.27
N ASP A 717 4.36 -5.92 46.93
CA ASP A 717 3.42 -6.51 47.88
C ASP A 717 2.75 -5.53 48.83
N ARG A 718 2.87 -4.25 48.54
CA ARG A 718 2.24 -3.24 49.38
C ARG A 718 1.13 -2.51 48.62
N LEU A 719 0.14 -2.06 49.36
CA LEU A 719 -0.95 -1.28 48.78
C LEU A 719 -0.79 0.09 49.43
N ILE A 720 -0.45 1.08 48.62
CA ILE A 720 -0.22 2.42 49.11
C ILE A 720 -1.27 3.39 48.60
N GLU A 721 -1.59 4.40 49.41
CA GLU A 721 -2.55 5.41 49.00
C GLU A 721 -1.84 6.76 49.11
N VAL A 722 -1.73 7.44 47.99
CA VAL A 722 -1.09 8.74 47.94
C VAL A 722 -2.15 9.82 47.84
N SER A 723 -2.16 10.74 48.80
CA SER A 723 -3.15 11.82 48.81
C SER A 723 -2.46 13.17 48.71
N VAL A 724 -2.69 13.87 47.61
CA VAL A 724 -2.06 15.17 47.40
C VAL A 724 -3.03 16.33 47.61
N HIS A 725 -2.68 17.18 48.57
CA HIS A 725 -3.49 18.35 48.91
C HIS A 725 -2.65 19.61 48.77
N ALA A 726 -3.26 20.76 49.01
CA ALA A 726 -2.55 22.03 48.91
C ALA A 726 -1.45 22.14 49.96
N ASP A 727 -1.67 21.51 51.11
CA ASP A 727 -0.68 21.55 52.18
C ASP A 727 0.43 20.53 51.96
N GLY A 728 0.36 19.84 50.82
CA GLY A 728 1.39 18.85 50.51
C GLY A 728 0.84 17.44 50.37
N PRO A 729 1.71 16.45 50.15
CA PRO A 729 1.30 15.05 49.99
C PRO A 729 1.24 14.29 51.33
N HIS A 730 0.39 13.27 51.36
CA HIS A 730 0.23 12.44 52.55
C HIS A 730 0.20 11.00 52.07
N PHE A 731 0.69 10.07 52.90
CA PHE A 731 0.71 8.67 52.50
C PHE A 731 0.09 7.75 53.52
N LYS A 732 -0.48 6.66 53.02
CA LYS A 732 -1.10 5.66 53.87
C LYS A 732 -0.76 4.28 53.34
N LEU A 733 -0.24 3.42 54.22
CA LEU A 733 0.09 2.05 53.85
C LEU A 733 -1.14 1.24 54.26
N LEU A 734 -1.93 0.85 53.27
CA LEU A 734 -3.15 0.09 53.53
C LEU A 734 -2.89 -1.40 53.70
N SER A 735 -1.84 -1.89 53.04
CA SER A 735 -1.52 -3.30 53.13
C SER A 735 -0.03 -3.54 52.89
N GLY A 736 0.48 -4.63 53.44
CA GLY A 736 1.89 -4.95 53.24
C GLY A 736 2.83 -4.54 54.36
N GLU A 737 4.07 -4.98 54.24
CA GLU A 737 5.11 -4.71 55.24
C GLU A 737 5.65 -3.29 55.19
N PRO A 738 6.22 -2.82 56.31
CA PRO A 738 6.78 -1.48 56.37
C PRO A 738 7.64 -1.21 55.14
N LEU A 739 7.53 -0.01 54.59
CA LEU A 739 8.29 0.35 53.40
C LEU A 739 8.81 1.78 53.50
N THR A 740 10.07 1.97 53.09
CA THR A 740 10.66 3.30 53.07
C THR A 740 10.61 3.82 51.64
N ILE A 741 10.04 5.00 51.47
CA ILE A 741 9.93 5.61 50.15
C ILE A 741 10.64 6.96 50.14
N ASP A 742 10.82 7.51 48.94
CA ASP A 742 11.47 8.80 48.79
C ASP A 742 10.43 9.83 48.35
N VAL A 743 10.31 10.90 49.12
CA VAL A 743 9.37 11.96 48.80
C VAL A 743 10.13 13.26 48.60
N ALA A 744 10.34 13.61 47.33
CA ALA A 744 11.06 14.83 46.96
C ALA A 744 12.42 14.89 47.61
N GLY A 745 13.09 13.74 47.72
CA GLY A 745 14.41 13.71 48.32
C GLY A 745 14.43 13.22 49.76
N ALA A 746 13.30 13.31 50.44
CA ALA A 746 13.21 12.88 51.83
C ALA A 746 12.77 11.43 51.94
N ALA A 747 13.41 10.68 52.84
CA ALA A 747 13.04 9.29 53.03
C ALA A 747 11.92 9.25 54.06
N ALA A 748 10.81 8.63 53.68
CA ALA A 748 9.65 8.52 54.54
C ALA A 748 9.32 7.06 54.80
N ALA A 749 9.21 6.70 56.07
CA ALA A 749 8.90 5.32 56.46
C ALA A 749 7.41 5.16 56.63
N ALA A 750 6.82 4.23 55.87
CA ALA A 750 5.40 3.97 55.95
C ALA A 750 5.15 2.73 56.82
N ALA A 751 4.18 2.81 57.71
CA ALA A 751 3.85 1.68 58.58
C ALA A 751 2.35 1.67 58.83
N ALA A 752 1.92 0.92 59.85
CA ALA A 752 0.51 0.80 60.21
C ALA A 752 -0.30 0.28 59.03
N ALA A 753 0.13 -0.86 58.50
CA ALA A 753 -0.52 -1.49 57.35
C ALA A 753 -1.64 -2.44 57.77
N ALA A 754 -2.60 -1.97 58.42
N MET B 1 18.70 -13.96 -19.46
CA MET B 1 18.26 -15.06 -18.56
C MET B 1 17.84 -16.27 -19.39
N LYS B 2 17.04 -16.02 -20.42
CA LYS B 2 16.56 -17.08 -21.29
C LYS B 2 16.26 -16.55 -22.69
N ARG B 3 16.81 -17.24 -23.69
CA ARG B 3 16.63 -16.88 -25.08
C ARG B 3 15.85 -18.00 -25.74
N ILE B 4 14.57 -17.77 -26.03
CA ILE B 4 13.75 -18.82 -26.63
C ILE B 4 13.56 -18.68 -28.15
N PHE B 5 14.27 -17.74 -28.77
CA PHE B 5 14.18 -17.56 -30.21
C PHE B 5 15.57 -17.63 -30.85
N GLU B 6 15.61 -18.11 -32.08
CA GLU B 6 16.85 -18.21 -32.84
C GLU B 6 17.33 -16.81 -33.21
N VAL B 7 18.60 -16.71 -33.57
CA VAL B 7 19.17 -15.44 -33.99
C VAL B 7 19.17 -15.36 -35.51
N GLN B 8 18.50 -14.34 -36.04
CA GLN B 8 18.43 -14.11 -37.48
C GLN B 8 18.40 -12.59 -37.70
N PRO B 9 18.93 -12.13 -38.84
CA PRO B 9 18.99 -10.70 -39.19
C PRO B 9 17.66 -9.96 -39.25
N TRP B 10 16.67 -10.57 -39.91
CA TRP B 10 15.38 -9.93 -40.08
C TRP B 10 14.19 -10.64 -39.44
N ASN B 11 14.44 -11.76 -38.77
CA ASN B 11 13.35 -12.51 -38.18
C ASN B 11 13.62 -12.93 -36.73
N VAL B 12 12.55 -13.00 -35.94
CA VAL B 12 12.65 -13.47 -34.56
C VAL B 12 11.84 -14.75 -34.72
N ILE B 13 12.55 -15.84 -34.95
CA ILE B 13 11.93 -17.12 -35.21
C ILE B 13 12.38 -18.28 -34.31
N THR B 14 11.50 -19.23 -34.10
CA THR B 14 11.79 -20.40 -33.26
C THR B 14 11.07 -21.63 -33.78
N HIS B 15 11.62 -22.81 -33.46
CA HIS B 15 11.00 -24.06 -33.87
C HIS B 15 10.68 -24.85 -32.60
N THR B 16 10.66 -24.13 -31.49
CA THR B 16 10.37 -24.75 -30.20
C THR B 16 9.12 -24.19 -29.55
N PHE B 17 8.24 -25.07 -29.12
CA PHE B 17 7.04 -24.64 -28.41
C PHE B 17 7.02 -25.31 -27.05
N ASP B 18 6.99 -24.48 -26.01
CA ASP B 18 6.98 -24.99 -24.64
C ASP B 18 5.94 -24.21 -23.85
N PRO B 19 4.90 -24.90 -23.35
CA PRO B 19 3.83 -24.25 -22.57
C PRO B 19 4.40 -23.35 -21.46
N LYS B 20 5.51 -23.79 -20.87
CA LYS B 20 6.15 -23.04 -19.80
C LYS B 20 6.62 -21.64 -20.18
N ASP B 21 6.88 -21.41 -21.47
CA ASP B 21 7.37 -20.10 -21.90
C ASP B 21 6.36 -19.37 -22.77
N LYS B 22 5.10 -19.75 -22.65
CA LYS B 22 4.02 -19.16 -23.44
C LYS B 22 3.93 -17.64 -23.34
N ARG B 23 3.80 -17.11 -22.13
CA ARG B 23 3.70 -15.65 -21.98
C ARG B 23 4.91 -14.92 -22.57
N LEU B 24 6.10 -15.47 -22.36
CA LEU B 24 7.32 -14.85 -22.90
C LEU B 24 7.25 -14.86 -24.42
N GLN B 25 6.85 -16.00 -24.96
CA GLN B 25 6.73 -16.18 -26.41
C GLN B 25 5.69 -15.23 -27.01
N GLU B 26 4.55 -15.10 -26.34
CA GLU B 26 3.48 -14.21 -26.80
C GLU B 26 3.96 -12.75 -26.83
N SER B 27 4.76 -12.37 -25.83
CA SER B 27 5.28 -11.01 -25.77
C SER B 27 6.17 -10.68 -26.97
N MET B 28 7.11 -11.59 -27.27
CA MET B 28 8.06 -11.41 -28.36
C MET B 28 7.40 -11.34 -29.74
N THR B 29 6.26 -12.00 -29.89
CA THR B 29 5.57 -12.03 -31.17
C THR B 29 4.38 -11.08 -31.25
N SER B 30 4.45 -9.98 -30.52
CA SER B 30 3.39 -8.97 -30.54
C SER B 30 3.49 -8.19 -31.86
N LEU B 31 2.38 -7.57 -32.25
CA LEU B 31 2.31 -6.77 -33.47
C LEU B 31 1.52 -5.50 -33.19
N GLY B 32 1.63 -4.53 -34.08
CA GLY B 32 0.91 -3.28 -33.92
C GLY B 32 1.07 -2.35 -35.10
N ASN B 33 0.15 -1.42 -35.27
CA ASN B 33 0.23 -0.47 -36.37
C ASN B 33 -0.04 0.95 -35.89
N GLY B 34 0.26 1.19 -34.60
CA GLY B 34 0.05 2.50 -34.01
C GLY B 34 -1.42 2.71 -33.63
N TYR B 35 -2.32 2.29 -34.49
CA TYR B 35 -3.76 2.42 -34.26
C TYR B 35 -4.21 1.38 -33.23
N MET B 36 -3.60 0.21 -33.26
CA MET B 36 -3.92 -0.87 -32.34
C MET B 36 -2.77 -1.90 -32.33
N GLY B 37 -2.81 -2.83 -31.38
CA GLY B 37 -1.79 -3.84 -31.29
C GLY B 37 -2.24 -5.02 -30.45
N MET B 38 -1.45 -6.10 -30.44
CA MET B 38 -1.80 -7.28 -29.66
C MET B 38 -0.64 -8.25 -29.47
N ARG B 39 -0.73 -9.03 -28.40
CA ARG B 39 0.27 -10.02 -28.07
C ARG B 39 0.16 -11.16 -29.08
N GLY B 40 1.18 -12.01 -29.13
CA GLY B 40 1.16 -13.13 -30.05
C GLY B 40 0.25 -14.27 -29.61
N ASP B 41 -1.00 -13.94 -29.26
CA ASP B 41 -1.95 -14.95 -28.82
C ASP B 41 -2.36 -15.83 -30.00
N PHE B 42 -2.60 -17.11 -29.72
CA PHE B 42 -3.03 -18.06 -30.74
C PHE B 42 -4.53 -17.85 -30.97
N GLU B 43 -4.91 -17.45 -32.19
CA GLU B 43 -6.31 -17.18 -32.49
C GLU B 43 -7.27 -18.34 -32.32
N GLU B 44 -6.79 -19.58 -32.46
CA GLU B 44 -7.66 -20.74 -32.31
C GLU B 44 -7.99 -21.08 -30.86
N GLY B 45 -7.41 -20.35 -29.92
CA GLY B 45 -7.65 -20.62 -28.53
C GLY B 45 -6.48 -21.39 -27.93
N TYR B 46 -6.40 -21.41 -26.61
CA TYR B 46 -5.31 -22.07 -25.90
C TYR B 46 -5.76 -22.12 -24.43
N SER B 47 -5.81 -23.31 -23.84
CA SER B 47 -6.26 -23.45 -22.46
C SER B 47 -5.20 -23.42 -21.38
N GLY B 48 -3.93 -23.25 -21.77
CA GLY B 48 -2.86 -23.22 -20.79
C GLY B 48 -2.54 -21.80 -20.33
N ASP B 49 -1.48 -21.64 -19.54
CA ASP B 49 -1.11 -20.31 -19.06
C ASP B 49 -0.84 -19.39 -20.26
N SER B 50 -1.52 -18.25 -20.27
CA SER B 50 -1.38 -17.29 -21.36
C SER B 50 -2.01 -15.95 -20.99
N LEU B 51 -1.54 -14.89 -21.64
CA LEU B 51 -2.11 -13.57 -21.38
C LEU B 51 -2.75 -13.08 -22.67
N GLN B 52 -4.08 -13.02 -22.66
CA GLN B 52 -4.85 -12.56 -23.80
C GLN B 52 -4.79 -11.03 -23.77
N GLY B 53 -4.26 -10.43 -24.84
CA GLY B 53 -4.16 -8.99 -24.86
C GLY B 53 -4.21 -8.36 -26.23
N ILE B 54 -5.27 -7.58 -26.45
CA ILE B 54 -5.48 -6.85 -27.70
C ILE B 54 -5.80 -5.44 -27.24
N TYR B 55 -5.10 -4.45 -27.78
CA TYR B 55 -5.34 -3.09 -27.32
C TYR B 55 -5.57 -2.07 -28.41
N LEU B 56 -6.55 -1.19 -28.19
CA LEU B 56 -6.88 -0.14 -29.15
C LEU B 56 -6.28 1.18 -28.64
N GLY B 57 -5.44 1.79 -29.46
CA GLY B 57 -4.78 3.03 -29.06
C GLY B 57 -5.71 4.12 -28.59
N GLY B 58 -5.39 4.68 -27.41
CA GLY B 58 -6.19 5.75 -26.85
C GLY B 58 -7.48 5.33 -26.17
N VAL B 59 -7.79 4.04 -26.20
CA VAL B 59 -9.01 3.52 -25.60
C VAL B 59 -8.72 2.95 -24.21
N TRP B 60 -9.04 3.73 -23.18
CA TRP B 60 -8.78 3.34 -21.79
C TRP B 60 -10.01 3.39 -20.87
N TYR B 61 -9.82 2.86 -19.66
CA TYR B 61 -10.86 2.83 -18.63
C TYR B 61 -10.35 3.42 -17.31
N PRO B 62 -11.19 4.19 -16.60
CA PRO B 62 -10.79 4.80 -15.32
C PRO B 62 -11.08 3.85 -14.16
N ASP B 63 -10.17 2.91 -13.95
CA ASP B 63 -10.30 1.92 -12.89
C ASP B 63 -10.22 2.59 -11.52
N LYS B 64 -11.28 2.45 -10.72
CA LYS B 64 -11.30 3.06 -9.39
C LYS B 64 -10.05 2.69 -8.60
N THR B 65 -9.40 3.69 -8.04
CA THR B 65 -8.17 3.50 -7.28
C THR B 65 -8.26 2.43 -6.21
N ARG B 66 -7.18 1.65 -6.13
CA ARG B 66 -7.08 0.58 -5.17
C ARG B 66 -5.77 0.73 -4.40
N VAL B 67 -5.87 0.88 -3.09
CA VAL B 67 -4.69 1.03 -2.25
C VAL B 67 -4.94 0.33 -0.92
N GLY B 68 -3.87 0.10 -0.15
CA GLY B 68 -4.03 -0.50 1.15
C GLY B 68 -4.57 0.57 2.06
N TRP B 69 -3.88 1.71 2.08
CA TRP B 69 -4.26 2.85 2.90
C TRP B 69 -4.28 4.12 2.07
N TRP B 70 -5.30 4.93 2.29
CA TRP B 70 -5.45 6.17 1.55
C TRP B 70 -4.61 7.32 2.13
N LYS B 71 -4.17 8.20 1.24
CA LYS B 71 -3.39 9.38 1.60
C LYS B 71 -4.06 10.54 0.87
N ASN B 72 -4.19 11.69 1.53
CA ASN B 72 -4.83 12.85 0.91
C ASN B 72 -4.08 13.24 -0.36
N GLY B 73 -4.81 13.39 -1.47
CA GLY B 73 -4.18 13.76 -2.72
C GLY B 73 -4.14 12.65 -3.75
N TYR B 74 -4.28 11.40 -3.29
CA TYR B 74 -4.26 10.27 -4.21
C TYR B 74 -5.32 10.45 -5.30
N PRO B 75 -5.03 10.00 -6.53
CA PRO B 75 -6.00 10.15 -7.62
C PRO B 75 -7.19 9.21 -7.44
N LYS B 76 -8.30 9.51 -8.10
CA LYS B 76 -9.51 8.69 -7.98
C LYS B 76 -9.51 7.44 -8.86
N TYR B 77 -8.69 7.44 -9.90
CA TYR B 77 -8.66 6.29 -10.79
C TYR B 77 -7.30 6.05 -11.42
N PHE B 78 -7.07 4.80 -11.83
CA PHE B 78 -5.86 4.44 -12.50
C PHE B 78 -6.28 4.13 -13.93
N GLY B 79 -6.03 5.07 -14.84
CA GLY B 79 -6.39 4.86 -16.22
C GLY B 79 -5.53 3.79 -16.83
N LYS B 80 -6.14 2.89 -17.60
CA LYS B 80 -5.43 1.80 -18.24
C LYS B 80 -6.11 1.38 -19.55
N VAL B 81 -5.31 1.12 -20.58
CA VAL B 81 -5.84 0.71 -21.87
C VAL B 81 -6.63 -0.58 -21.66
N VAL B 82 -7.80 -0.64 -22.30
CA VAL B 82 -8.67 -1.80 -22.15
C VAL B 82 -8.35 -2.99 -23.05
N ASN B 83 -8.32 -4.20 -22.47
CA ASN B 83 -8.08 -5.40 -23.28
C ASN B 83 -9.37 -5.43 -24.09
N ALA B 84 -9.24 -5.28 -25.41
CA ALA B 84 -10.40 -5.21 -26.29
C ALA B 84 -11.14 -6.49 -26.59
N VAL B 85 -12.34 -6.32 -27.16
CA VAL B 85 -13.17 -7.44 -27.55
C VAL B 85 -12.29 -8.29 -28.47
N ASN B 86 -12.28 -9.59 -28.23
CA ASN B 86 -11.44 -10.50 -29.02
C ASN B 86 -11.96 -10.74 -30.43
N PHE B 87 -11.39 -10.02 -31.40
CA PHE B 87 -11.79 -10.15 -32.78
C PHE B 87 -10.93 -11.08 -33.64
N ILE B 88 -9.88 -11.66 -33.07
CA ILE B 88 -9.03 -12.58 -33.86
C ILE B 88 -9.50 -14.03 -33.70
N LYS B 89 -10.35 -14.26 -32.70
CA LYS B 89 -10.86 -15.61 -32.41
C LYS B 89 -11.17 -16.42 -33.66
N LEU B 90 -10.64 -17.63 -33.73
CA LEU B 90 -10.86 -18.47 -34.89
C LEU B 90 -10.56 -19.91 -34.54
N PRO B 91 -11.42 -20.54 -33.71
CA PRO B 91 -11.20 -21.95 -33.34
C PRO B 91 -11.19 -22.86 -34.56
N ILE B 92 -10.37 -23.90 -34.48
CA ILE B 92 -10.24 -24.86 -35.55
C ILE B 92 -10.50 -26.26 -35.02
N GLU B 93 -11.46 -26.95 -35.60
CA GLU B 93 -11.80 -28.29 -35.17
C GLU B 93 -11.41 -29.32 -36.21
N ILE B 94 -10.78 -30.39 -35.76
CA ILE B 94 -10.38 -31.48 -36.64
C ILE B 94 -11.24 -32.65 -36.19
N ASN B 95 -12.08 -33.15 -37.10
CA ASN B 95 -13.01 -34.23 -36.79
C ASN B 95 -13.80 -33.87 -35.53
N GLY B 96 -14.26 -32.62 -35.47
CA GLY B 96 -15.05 -32.17 -34.34
C GLY B 96 -14.30 -31.74 -33.08
N GLU B 97 -13.01 -32.08 -32.98
CA GLU B 97 -12.25 -31.71 -31.79
C GLU B 97 -11.36 -30.50 -32.05
N PRO B 98 -11.59 -29.40 -31.32
CA PRO B 98 -10.81 -28.17 -31.48
C PRO B 98 -9.33 -28.30 -31.17
N VAL B 99 -8.52 -27.55 -31.92
CA VAL B 99 -7.07 -27.53 -31.74
C VAL B 99 -6.74 -26.68 -30.51
N ASP B 100 -5.84 -27.19 -29.67
CA ASP B 100 -5.44 -26.49 -28.45
C ASP B 100 -4.03 -26.97 -28.13
N LEU B 101 -3.03 -26.15 -28.47
CA LEU B 101 -1.64 -26.53 -28.24
C LEU B 101 -1.27 -26.79 -26.78
N ALA B 102 -2.16 -26.49 -25.85
CA ALA B 102 -1.86 -26.75 -24.44
C ALA B 102 -2.12 -28.24 -24.17
N LYS B 103 -2.87 -28.87 -25.07
CA LYS B 103 -3.22 -30.27 -24.92
C LYS B 103 -2.72 -31.13 -26.09
N ASP B 104 -2.83 -30.61 -27.30
CA ASP B 104 -2.39 -31.35 -28.48
C ASP B 104 -0.91 -31.59 -28.60
N LYS B 105 -0.57 -32.69 -29.24
CA LYS B 105 0.83 -33.04 -29.50
C LYS B 105 1.02 -32.46 -30.90
N ILE B 106 2.17 -31.85 -31.16
CA ILE B 106 2.43 -31.29 -32.48
C ILE B 106 3.85 -31.62 -32.93
N SER B 107 4.13 -31.36 -34.20
CA SER B 107 5.45 -31.60 -34.77
C SER B 107 5.77 -30.46 -35.75
N ASP B 108 7.02 -30.36 -36.15
CA ASP B 108 7.46 -29.35 -37.11
C ASP B 108 6.90 -27.96 -36.78
N PHE B 109 7.16 -27.49 -35.57
CA PHE B 109 6.68 -26.19 -35.12
C PHE B 109 7.54 -25.04 -35.63
N THR B 110 6.88 -23.94 -35.96
CA THR B 110 7.56 -22.73 -36.41
C THR B 110 6.74 -21.50 -36.02
N LEU B 111 7.38 -20.59 -35.29
CA LEU B 111 6.76 -19.35 -34.87
C LEU B 111 7.76 -18.34 -35.41
N ASP B 112 7.33 -17.52 -36.36
CA ASP B 112 8.22 -16.58 -37.02
C ASP B 112 7.70 -15.15 -37.18
N LEU B 113 8.37 -14.22 -36.51
CA LEU B 113 8.03 -12.81 -36.62
C LEU B 113 8.93 -12.21 -37.70
N ASP B 114 8.33 -11.91 -38.86
CA ASP B 114 9.06 -11.33 -39.98
C ASP B 114 9.07 -9.82 -39.81
N MET B 115 10.17 -9.29 -39.27
CA MET B 115 10.28 -7.86 -39.02
C MET B 115 10.36 -6.98 -40.27
N HIS B 116 10.83 -7.52 -41.37
CA HIS B 116 10.94 -6.72 -42.58
C HIS B 116 9.59 -6.45 -43.23
N GLN B 117 8.70 -7.43 -43.20
CA GLN B 117 7.38 -7.26 -43.78
C GLN B 117 6.31 -6.91 -42.75
N GLY B 118 6.65 -7.08 -41.47
CA GLY B 118 5.71 -6.77 -40.40
C GLY B 118 4.57 -7.77 -40.38
N VAL B 119 4.95 -9.05 -40.40
CA VAL B 119 3.98 -10.14 -40.42
C VAL B 119 4.38 -11.25 -39.45
N LEU B 120 3.37 -11.88 -38.85
CA LEU B 120 3.63 -12.97 -37.94
C LEU B 120 3.19 -14.29 -38.56
N ASN B 121 4.14 -15.22 -38.66
CA ASN B 121 3.87 -16.53 -39.22
C ASN B 121 3.99 -17.58 -38.12
N ARG B 122 3.17 -18.62 -38.23
CA ARG B 122 3.17 -19.72 -37.26
C ARG B 122 2.64 -20.95 -37.99
N SER B 123 3.33 -22.07 -37.83
CA SER B 123 2.91 -23.30 -38.50
C SER B 123 3.36 -24.53 -37.73
N PHE B 124 2.60 -25.61 -37.88
CA PHE B 124 2.89 -26.86 -37.21
C PHE B 124 1.94 -27.92 -37.72
N VAL B 125 2.18 -29.16 -37.31
CA VAL B 125 1.33 -30.26 -37.70
C VAL B 125 0.67 -30.80 -36.42
N VAL B 126 -0.64 -30.91 -36.43
CA VAL B 126 -1.35 -31.44 -35.29
C VAL B 126 -1.23 -32.95 -35.38
N GLU B 127 -0.63 -33.55 -34.35
CA GLU B 127 -0.41 -35.00 -34.34
C GLU B 127 -1.41 -35.74 -33.46
N ARG B 128 -2.43 -36.32 -34.08
CA ARG B 128 -3.46 -37.07 -33.36
C ARG B 128 -3.49 -38.51 -33.86
N GLY B 129 -2.37 -39.21 -33.69
CA GLY B 129 -2.29 -40.58 -34.15
C GLY B 129 -2.33 -40.63 -35.65
N ALA B 130 -3.29 -41.38 -36.21
CA ALA B 130 -3.42 -41.49 -37.65
C ALA B 130 -3.93 -40.19 -38.27
N VAL B 131 -4.50 -39.32 -37.46
CA VAL B 131 -5.01 -38.05 -37.96
C VAL B 131 -3.89 -37.01 -37.80
N ARG B 132 -3.44 -36.48 -38.93
CA ARG B 132 -2.36 -35.50 -38.94
C ARG B 132 -2.73 -34.35 -39.88
N VAL B 133 -2.78 -33.14 -39.31
CA VAL B 133 -3.14 -31.96 -40.07
C VAL B 133 -2.17 -30.81 -39.91
N ALA B 134 -1.69 -30.30 -41.04
CA ALA B 134 -0.76 -29.17 -41.05
C ALA B 134 -1.57 -27.88 -41.04
N LEU B 135 -1.11 -26.91 -40.25
CA LEU B 135 -1.77 -25.62 -40.16
C LEU B 135 -0.72 -24.52 -40.34
N ASN B 136 -0.98 -23.60 -41.27
CA ASN B 136 -0.06 -22.49 -41.51
C ASN B 136 -0.79 -21.17 -41.35
N PHE B 137 -0.36 -20.38 -40.37
CA PHE B 137 -0.97 -19.08 -40.09
C PHE B 137 -0.09 -17.92 -40.54
N GLN B 138 -0.73 -16.80 -40.85
CA GLN B 138 -0.04 -15.57 -41.21
C GLN B 138 -1.03 -14.44 -40.94
N ARG B 139 -0.55 -13.38 -40.30
CA ARG B 139 -1.44 -12.26 -40.01
C ARG B 139 -0.66 -10.97 -39.86
N PHE B 140 -1.39 -9.86 -39.90
CA PHE B 140 -0.77 -8.55 -39.77
C PHE B 140 -1.83 -7.51 -39.47
N LEU B 141 -1.40 -6.40 -38.88
CA LEU B 141 -2.25 -5.27 -38.57
C LEU B 141 -1.74 -4.26 -39.57
N SER B 142 -2.56 -3.97 -40.58
CA SER B 142 -2.18 -3.08 -41.66
C SER B 142 -1.73 -1.67 -41.34
N VAL B 143 -0.55 -1.30 -41.84
CA VAL B 143 -0.06 0.05 -41.65
C VAL B 143 -0.57 0.86 -42.84
N ALA B 144 -1.26 0.18 -43.75
CA ALA B 144 -1.83 0.85 -44.91
C ALA B 144 -3.27 1.27 -44.59
N GLN B 145 -4.01 0.37 -43.96
CA GLN B 145 -5.40 0.62 -43.57
C GLN B 145 -5.43 0.37 -42.05
N PRO B 146 -5.18 1.42 -41.25
CA PRO B 146 -5.14 1.41 -39.78
C PRO B 146 -6.19 0.56 -39.05
N GLU B 147 -7.43 0.62 -39.53
CA GLU B 147 -8.52 -0.11 -38.90
C GLU B 147 -8.54 -1.59 -39.27
N LEU B 148 -7.65 -2.00 -40.18
CA LEU B 148 -7.64 -3.37 -40.68
C LEU B 148 -6.70 -4.40 -40.08
N SER B 149 -7.29 -5.53 -39.70
CA SER B 149 -6.55 -6.66 -39.16
C SER B 149 -6.81 -7.80 -40.15
N VAL B 150 -5.74 -8.43 -40.65
CA VAL B 150 -5.87 -9.52 -41.61
C VAL B 150 -5.23 -10.81 -41.11
N GLN B 151 -6.00 -11.90 -41.18
CA GLN B 151 -5.55 -13.21 -40.74
C GLN B 151 -5.80 -14.20 -41.88
N LYS B 152 -4.90 -15.15 -42.03
CA LYS B 152 -5.04 -16.18 -43.06
C LYS B 152 -4.60 -17.51 -42.47
N VAL B 153 -5.38 -18.55 -42.73
CA VAL B 153 -5.06 -19.88 -42.23
C VAL B 153 -5.13 -20.86 -43.39
N THR B 154 -4.09 -21.65 -43.55
CA THR B 154 -4.04 -22.64 -44.62
C THR B 154 -3.98 -24.01 -43.94
N VAL B 155 -4.88 -24.89 -44.36
CA VAL B 155 -4.97 -26.23 -43.79
C VAL B 155 -4.63 -27.28 -44.82
N LYS B 156 -3.89 -28.32 -44.41
CA LYS B 156 -3.53 -29.39 -45.32
C LYS B 156 -3.62 -30.72 -44.57
N ASN B 157 -4.38 -31.66 -45.12
CA ASN B 157 -4.54 -32.98 -44.51
C ASN B 157 -3.35 -33.86 -44.84
N LEU B 158 -2.60 -34.26 -43.82
CA LEU B 158 -1.43 -35.11 -44.02
C LEU B 158 -1.73 -36.58 -43.73
N SER B 159 -2.95 -36.87 -43.29
CA SER B 159 -3.38 -38.23 -42.95
C SER B 159 -3.53 -39.11 -44.19
N ASP B 160 -3.69 -40.42 -43.97
CA ASP B 160 -3.90 -41.38 -45.05
C ASP B 160 -5.38 -41.46 -45.39
N ALA B 161 -6.21 -40.83 -44.56
CA ALA B 161 -7.66 -40.85 -44.78
C ALA B 161 -8.25 -39.45 -44.73
N GLU B 162 -9.50 -39.32 -45.16
CA GLU B 162 -10.19 -38.03 -45.16
C GLU B 162 -10.38 -37.56 -43.75
N VAL B 163 -10.35 -36.25 -43.55
CA VAL B 163 -10.56 -35.68 -42.23
C VAL B 163 -11.43 -34.44 -42.37
N ASP B 164 -12.28 -34.18 -41.37
CA ASP B 164 -13.14 -33.00 -41.40
C ASP B 164 -12.45 -31.87 -40.64
N VAL B 165 -12.45 -30.69 -41.23
CA VAL B 165 -11.86 -29.52 -40.58
C VAL B 165 -12.90 -28.41 -40.61
N THR B 166 -13.09 -27.76 -39.47
CA THR B 166 -14.06 -26.68 -39.40
C THR B 166 -13.43 -25.47 -38.75
N LEU B 167 -13.55 -24.32 -39.40
CA LEU B 167 -13.02 -23.07 -38.87
C LEU B 167 -14.20 -22.21 -38.47
N LYS B 168 -14.11 -21.55 -37.32
CA LYS B 168 -15.20 -20.72 -36.84
C LYS B 168 -14.82 -19.27 -36.55
N PRO B 169 -14.58 -18.47 -37.60
CA PRO B 169 -14.20 -17.06 -37.41
C PRO B 169 -15.25 -16.37 -36.55
N SER B 170 -14.83 -15.78 -35.44
CA SER B 170 -15.80 -15.10 -34.58
C SER B 170 -15.26 -13.91 -33.80
N ILE B 171 -16.16 -13.23 -33.10
CA ILE B 171 -15.81 -12.07 -32.30
C ILE B 171 -16.40 -12.31 -30.92
N ASP B 172 -15.55 -12.27 -29.90
CA ASP B 172 -15.95 -12.56 -28.51
C ASP B 172 -15.71 -11.39 -27.56
N ALA B 173 -16.79 -10.83 -27.03
CA ALA B 173 -16.67 -9.69 -26.12
C ALA B 173 -16.46 -10.09 -24.66
N ASP B 174 -16.52 -11.38 -24.37
CA ASP B 174 -16.32 -11.85 -23.01
C ASP B 174 -14.83 -11.85 -22.68
N VAL B 175 -14.27 -10.65 -22.48
CA VAL B 175 -12.86 -10.48 -22.16
C VAL B 175 -12.71 -9.66 -20.88
N MET B 176 -11.48 -9.58 -20.39
CA MET B 176 -11.22 -8.80 -19.18
C MET B 176 -9.76 -8.40 -19.07
N ASN B 177 -9.51 -7.37 -18.26
CA ASN B 177 -8.16 -6.91 -18.01
C ASN B 177 -7.70 -7.69 -16.79
N GLU B 178 -6.63 -8.45 -16.96
CA GLU B 178 -6.08 -9.25 -15.88
C GLU B 178 -5.67 -8.37 -14.70
N GLU B 179 -5.38 -7.10 -14.97
CA GLU B 179 -4.98 -6.16 -13.91
C GLU B 179 -6.11 -5.24 -13.45
N ALA B 180 -7.35 -5.68 -13.61
CA ALA B 180 -8.50 -4.88 -13.16
C ALA B 180 -8.47 -4.83 -11.64
N ASN B 181 -8.62 -3.63 -11.07
CA ASN B 181 -8.58 -3.47 -9.62
C ASN B 181 -9.63 -4.27 -8.84
N TYR B 182 -10.82 -4.39 -9.40
CA TYR B 182 -11.88 -5.11 -8.69
C TYR B 182 -12.45 -6.33 -9.40
N ASP B 183 -11.64 -6.98 -10.22
CA ASP B 183 -12.11 -8.18 -10.93
C ASP B 183 -13.48 -7.96 -11.55
N GLU B 184 -13.57 -7.02 -12.48
CA GLU B 184 -14.82 -6.71 -13.15
C GLU B 184 -14.54 -6.46 -14.62
N ARG B 185 -15.54 -6.70 -15.47
CA ARG B 185 -15.39 -6.48 -16.91
C ARG B 185 -15.50 -4.98 -17.19
N PHE B 186 -14.87 -4.55 -18.28
CA PHE B 186 -14.88 -3.13 -18.66
C PHE B 186 -15.74 -2.85 -19.90
N TRP B 187 -16.25 -3.90 -20.55
CA TRP B 187 -17.08 -3.74 -21.75
C TRP B 187 -18.56 -4.13 -21.59
N ASP B 188 -19.42 -3.37 -22.28
CA ASP B 188 -20.86 -3.64 -22.33
C ASP B 188 -21.13 -3.76 -23.83
N VAL B 189 -21.79 -4.83 -24.24
CA VAL B 189 -22.11 -5.01 -25.65
C VAL B 189 -23.34 -4.17 -25.98
N LEU B 190 -23.26 -3.37 -27.04
CA LEU B 190 -24.39 -2.53 -27.43
C LEU B 190 -25.21 -3.21 -28.53
N ALA B 191 -24.52 -3.82 -29.48
CA ALA B 191 -25.19 -4.48 -30.59
C ALA B 191 -24.33 -5.58 -31.19
N THR B 192 -24.98 -6.69 -31.55
CA THR B 192 -24.31 -7.82 -32.18
C THR B 192 -25.09 -8.18 -33.43
N ASP B 193 -24.38 -8.58 -34.47
CA ASP B 193 -25.02 -8.97 -35.71
C ASP B 193 -24.30 -10.18 -36.27
N GLN B 194 -25.05 -11.24 -36.56
CA GLN B 194 -24.47 -12.46 -37.11
C GLN B 194 -25.22 -12.87 -38.36
N GLN B 195 -24.46 -13.09 -39.44
CA GLN B 195 -25.04 -13.52 -40.71
C GLN B 195 -24.21 -14.72 -41.19
N ALA B 196 -24.56 -15.25 -42.36
CA ALA B 196 -23.84 -16.41 -42.89
C ALA B 196 -22.40 -16.10 -43.27
N ASP B 197 -22.15 -14.92 -43.80
CA ASP B 197 -20.81 -14.54 -44.23
C ASP B 197 -20.21 -13.34 -43.52
N ARG B 198 -20.87 -12.87 -42.47
CA ARG B 198 -20.40 -11.68 -41.74
C ARG B 198 -20.78 -11.75 -40.28
N GLY B 199 -20.23 -10.80 -39.52
CA GLY B 199 -20.49 -10.71 -38.10
C GLY B 199 -19.88 -9.42 -37.58
N SER B 200 -20.51 -8.83 -36.57
CA SER B 200 -20.00 -7.59 -35.99
C SER B 200 -20.49 -7.37 -34.58
N ILE B 201 -19.68 -6.68 -33.79
CA ILE B 201 -20.02 -6.37 -32.41
C ILE B 201 -19.67 -4.92 -32.13
N VAL B 202 -20.60 -4.21 -31.52
CA VAL B 202 -20.37 -2.82 -31.15
C VAL B 202 -20.40 -2.83 -29.63
N ALA B 203 -19.28 -2.47 -29.02
CA ALA B 203 -19.16 -2.45 -27.57
C ALA B 203 -18.78 -1.07 -27.06
N LYS B 204 -19.08 -0.84 -25.79
CA LYS B 204 -18.78 0.44 -25.16
C LYS B 204 -18.33 0.16 -23.74
N THR B 205 -17.31 0.88 -23.27
CA THR B 205 -16.83 0.66 -21.92
C THR B 205 -17.96 1.04 -20.95
N THR B 206 -18.05 0.31 -19.85
CA THR B 206 -19.09 0.57 -18.85
C THR B 206 -18.98 1.98 -18.32
N PRO B 207 -20.09 2.53 -17.81
CA PRO B 207 -20.05 3.90 -17.28
C PRO B 207 -19.11 4.08 -16.09
N ASN B 208 -18.75 5.32 -15.82
CA ASN B 208 -17.87 5.64 -14.70
C ASN B 208 -18.38 6.91 -14.04
N PRO B 209 -18.04 7.12 -12.76
CA PRO B 209 -18.48 8.31 -12.04
C PRO B 209 -17.41 9.41 -12.03
N PHE B 210 -16.38 9.25 -12.85
CA PHE B 210 -15.30 10.22 -12.88
C PHE B 210 -15.42 11.22 -14.03
N GLY B 211 -16.51 11.14 -14.78
CA GLY B 211 -16.71 12.07 -15.89
C GLY B 211 -15.71 11.93 -17.01
N THR B 212 -15.00 10.80 -17.06
CA THR B 212 -14.02 10.59 -18.13
C THR B 212 -14.72 9.91 -19.30
N PRO B 213 -14.13 10.00 -20.50
CA PRO B 213 -14.75 9.38 -21.67
C PRO B 213 -14.96 7.87 -21.70
N ARG B 214 -16.11 7.48 -22.25
CA ARG B 214 -16.44 6.08 -22.44
C ARG B 214 -16.08 5.85 -23.90
N PHE B 215 -15.59 4.66 -24.22
CA PHE B 215 -15.21 4.37 -25.60
C PHE B 215 -16.03 3.28 -26.27
N THR B 216 -16.37 3.50 -27.53
CA THR B 216 -17.15 2.56 -28.30
C THR B 216 -16.27 1.94 -29.40
N SER B 217 -16.31 0.62 -29.52
CA SER B 217 -15.55 -0.07 -30.56
C SER B 217 -16.53 -0.77 -31.46
N GLY B 218 -16.22 -0.79 -32.75
CA GLY B 218 -17.06 -1.46 -33.71
C GLY B 218 -16.13 -2.39 -34.46
N MET B 219 -16.42 -3.68 -34.42
CA MET B 219 -15.58 -4.68 -35.09
C MET B 219 -16.44 -5.54 -35.99
N GLU B 220 -16.04 -5.62 -37.26
CA GLU B 220 -16.78 -6.40 -38.23
C GLU B 220 -15.84 -7.33 -38.98
N MET B 221 -16.25 -8.60 -39.08
CA MET B 221 -15.45 -9.59 -39.78
C MET B 221 -16.06 -9.95 -41.12
N ARG B 222 -15.20 -10.12 -42.09
CA ARG B 222 -15.56 -10.46 -43.46
C ARG B 222 -14.62 -11.62 -43.79
N LEU B 223 -15.02 -12.50 -44.70
CA LEU B 223 -14.19 -13.65 -45.02
C LEU B 223 -13.93 -13.94 -46.50
N VAL B 224 -12.91 -14.74 -46.74
CA VAL B 224 -12.51 -15.20 -48.06
C VAL B 224 -12.03 -16.63 -47.85
N THR B 225 -12.69 -17.60 -48.46
CA THR B 225 -12.31 -19.00 -48.27
C THR B 225 -12.90 -19.94 -49.32
N ASP B 226 -12.28 -21.11 -49.44
CA ASP B 226 -12.76 -22.12 -50.38
C ASP B 226 -13.45 -23.23 -49.59
N LEU B 227 -13.70 -22.97 -48.31
CA LEU B 227 -14.38 -23.95 -47.46
C LEU B 227 -15.88 -23.70 -47.61
N LYS B 228 -16.69 -24.68 -47.22
CA LYS B 228 -18.13 -24.56 -47.34
C LYS B 228 -18.75 -23.92 -46.09
N ASN B 229 -19.60 -22.92 -46.27
CA ASN B 229 -20.24 -22.26 -45.13
C ASN B 229 -21.26 -23.19 -44.47
N VAL B 230 -21.31 -23.16 -43.15
CA VAL B 230 -22.24 -23.99 -42.39
C VAL B 230 -23.05 -23.13 -41.42
N ALA B 231 -24.30 -23.51 -41.21
CA ALA B 231 -25.18 -22.77 -40.30
C ALA B 231 -24.75 -23.02 -38.86
N ILE B 232 -24.69 -21.94 -38.07
CA ILE B 232 -24.32 -22.04 -36.66
C ILE B 232 -25.10 -20.98 -35.89
N THR B 233 -25.56 -21.33 -34.69
CA THR B 233 -26.34 -20.39 -33.90
C THR B 233 -25.43 -19.49 -33.05
N GLN B 234 -25.86 -18.25 -32.84
CA GLN B 234 -25.09 -17.33 -32.03
C GLN B 234 -25.03 -17.94 -30.63
N PRO B 235 -23.82 -18.24 -30.14
CA PRO B 235 -23.60 -18.85 -28.82
C PRO B 235 -23.95 -18.02 -27.58
N ASN B 236 -23.79 -16.71 -27.66
CA ASN B 236 -24.07 -15.80 -26.54
C ASN B 236 -24.41 -14.41 -27.03
N GLU B 237 -24.92 -13.59 -26.13
CA GLU B 237 -25.25 -12.21 -26.48
C GLU B 237 -23.97 -11.40 -26.57
N LYS B 238 -22.85 -12.01 -26.20
CA LYS B 238 -21.55 -11.34 -26.24
C LYS B 238 -20.60 -11.90 -27.27
N GLU B 239 -21.11 -12.73 -28.18
CA GLU B 239 -20.26 -13.34 -29.19
C GLU B 239 -21.01 -13.69 -30.48
N VAL B 240 -20.38 -13.42 -31.63
CA VAL B 240 -20.97 -13.73 -32.93
C VAL B 240 -20.00 -14.66 -33.64
N THR B 241 -20.53 -15.58 -34.43
CA THR B 241 -19.67 -16.53 -35.12
C THR B 241 -20.17 -16.99 -36.47
N THR B 242 -19.25 -17.52 -37.26
CA THR B 242 -19.56 -18.08 -38.57
C THR B 242 -18.89 -19.46 -38.56
N ALA B 243 -19.26 -20.32 -39.49
CA ALA B 243 -18.66 -21.65 -39.55
C ALA B 243 -18.45 -22.08 -40.99
N TYR B 244 -17.26 -22.59 -41.26
CA TYR B 244 -16.89 -23.08 -42.59
C TYR B 244 -16.20 -24.43 -42.44
N THR B 245 -16.63 -25.41 -43.22
CA THR B 245 -16.05 -26.74 -43.12
C THR B 245 -15.63 -27.35 -44.46
N GLY B 246 -14.85 -28.42 -44.36
CA GLY B 246 -14.38 -29.11 -45.53
C GLY B 246 -13.89 -30.51 -45.19
N LYS B 247 -14.22 -31.49 -46.03
CA LYS B 247 -13.77 -32.85 -45.81
C LYS B 247 -12.57 -32.98 -46.74
N LEU B 248 -11.39 -32.85 -46.18
CA LEU B 248 -10.16 -32.90 -46.95
C LEU B 248 -9.63 -34.30 -47.25
N ALA B 249 -9.35 -34.54 -48.51
CA ALA B 249 -8.79 -35.82 -48.93
C ALA B 249 -7.32 -35.77 -48.52
N PRO B 250 -6.63 -36.92 -48.54
CA PRO B 250 -5.21 -36.93 -48.17
C PRO B 250 -4.44 -35.95 -49.06
N GLN B 251 -3.57 -35.15 -48.45
CA GLN B 251 -2.76 -34.17 -49.16
C GLN B 251 -3.53 -33.00 -49.77
N ALA B 252 -4.83 -32.92 -49.49
CA ALA B 252 -5.64 -31.82 -50.01
C ALA B 252 -5.53 -30.63 -49.06
N SER B 253 -5.72 -29.42 -49.60
CA SER B 253 -5.63 -28.21 -48.79
C SER B 253 -6.86 -27.32 -48.89
N ALA B 254 -6.98 -26.43 -47.91
CA ALA B 254 -8.06 -25.45 -47.85
C ALA B 254 -7.50 -24.22 -47.16
N GLU B 255 -8.12 -23.07 -47.37
CA GLU B 255 -7.65 -21.86 -46.73
C GLU B 255 -8.78 -20.89 -46.45
N LEU B 256 -8.54 -19.98 -45.51
CA LEU B 256 -9.52 -18.99 -45.13
C LEU B 256 -8.85 -17.69 -44.68
N GLU B 257 -9.42 -16.57 -45.11
CA GLU B 257 -8.93 -15.26 -44.76
C GLU B 257 -9.99 -14.61 -43.88
N LYS B 258 -9.55 -13.92 -42.84
CA LYS B 258 -10.46 -13.22 -41.94
C LYS B 258 -10.05 -11.75 -41.89
N ARG B 259 -10.85 -10.89 -42.51
CA ARG B 259 -10.60 -9.46 -42.53
C ARG B 259 -11.46 -8.77 -41.47
N VAL B 260 -10.82 -8.13 -40.49
CA VAL B 260 -11.58 -7.45 -39.44
C VAL B 260 -11.34 -5.95 -39.43
N ILE B 261 -12.41 -5.17 -39.52
CA ILE B 261 -12.31 -3.73 -39.46
C ILE B 261 -12.62 -3.31 -38.03
N VAL B 262 -11.78 -2.44 -37.49
CA VAL B 262 -11.94 -1.94 -36.12
C VAL B 262 -11.98 -0.43 -36.11
N VAL B 263 -13.12 0.13 -35.68
CA VAL B 263 -13.28 1.57 -35.58
C VAL B 263 -13.62 1.93 -34.14
N THR B 264 -13.34 3.16 -33.72
CA THR B 264 -13.64 3.58 -32.35
C THR B 264 -14.27 4.96 -32.29
N SER B 265 -14.90 5.26 -31.15
CA SER B 265 -15.57 6.54 -30.95
C SER B 265 -14.64 7.76 -30.95
N ARG B 266 -13.34 7.57 -30.85
CA ARG B 266 -12.50 8.76 -30.88
C ARG B 266 -12.36 9.31 -32.31
N ASP B 267 -12.86 8.56 -33.29
CA ASP B 267 -12.81 9.00 -34.69
C ASP B 267 -14.19 9.24 -35.31
N TYR B 268 -15.25 8.91 -34.57
CA TYR B 268 -16.62 9.12 -35.02
C TYR B 268 -17.41 9.67 -33.83
N ASP B 269 -18.26 10.66 -34.09
CA ASP B 269 -19.04 11.30 -33.04
C ASP B 269 -20.27 10.60 -32.49
N THR B 270 -20.80 9.62 -33.21
CA THR B 270 -22.00 8.92 -32.73
C THR B 270 -21.93 7.44 -32.99
N GLN B 271 -22.77 6.69 -32.29
CA GLN B 271 -22.82 5.23 -32.46
C GLN B 271 -23.22 4.94 -33.91
N GLU B 272 -24.16 5.72 -34.41
CA GLU B 272 -24.65 5.58 -35.78
C GLU B 272 -23.55 5.80 -36.82
N SER B 273 -22.83 6.91 -36.71
CA SER B 273 -21.76 7.18 -37.67
C SER B 273 -20.63 6.17 -37.52
N LEU B 274 -20.35 5.75 -36.28
CA LEU B 274 -19.31 4.77 -36.04
C LEU B 274 -19.69 3.46 -36.71
N THR B 275 -20.94 3.04 -36.52
CA THR B 275 -21.44 1.80 -37.10
C THR B 275 -21.43 1.86 -38.64
N ALA B 276 -21.76 3.03 -39.18
CA ALA B 276 -21.79 3.20 -40.64
C ALA B 276 -20.39 3.02 -41.23
N ALA B 277 -19.40 3.66 -40.60
CA ALA B 277 -18.02 3.56 -41.07
C ALA B 277 -17.55 2.11 -41.02
N MET B 278 -17.92 1.41 -39.96
CA MET B 278 -17.55 0.01 -39.80
C MET B 278 -17.96 -0.80 -41.01
N HIS B 279 -19.18 -0.57 -41.48
CA HIS B 279 -19.72 -1.28 -42.63
C HIS B 279 -19.06 -0.84 -43.94
N GLN B 280 -18.91 0.46 -44.13
CA GLN B 280 -18.30 0.98 -45.34
C GLN B 280 -16.86 0.53 -45.53
N LEU B 281 -16.07 0.55 -44.46
CA LEU B 281 -14.68 0.12 -44.56
C LEU B 281 -14.62 -1.38 -44.85
N SER B 282 -15.56 -2.15 -44.30
CA SER B 282 -15.58 -3.59 -44.54
C SER B 282 -15.93 -3.88 -45.99
N ASP B 283 -16.86 -3.12 -46.56
CA ASP B 283 -17.24 -3.31 -47.96
C ASP B 283 -16.03 -3.01 -48.83
N LYS B 284 -15.30 -1.96 -48.48
CA LYS B 284 -14.12 -1.56 -49.21
C LYS B 284 -13.05 -2.64 -49.23
N VAL B 285 -12.72 -3.18 -48.06
CA VAL B 285 -11.71 -4.21 -47.96
C VAL B 285 -12.09 -5.52 -48.68
N ALA B 286 -13.38 -5.84 -48.67
CA ALA B 286 -13.84 -7.07 -49.31
C ALA B 286 -13.62 -7.01 -50.83
N GLN B 287 -13.29 -5.83 -51.33
CA GLN B 287 -13.01 -5.65 -52.75
C GLN B 287 -11.55 -5.95 -53.06
N SER B 288 -10.73 -6.06 -52.01
CA SER B 288 -9.31 -6.31 -52.18
C SER B 288 -8.89 -7.75 -51.90
N SER B 289 -7.91 -8.22 -52.67
CA SER B 289 -7.38 -9.56 -52.53
C SER B 289 -6.36 -9.55 -51.40
N TYR B 290 -6.04 -10.74 -50.89
CA TYR B 290 -5.07 -10.87 -49.81
C TYR B 290 -3.73 -10.25 -50.23
N GLU B 291 -3.32 -10.56 -51.45
CA GLU B 291 -2.07 -10.04 -52.01
C GLU B 291 -2.11 -8.51 -52.05
N ASP B 292 -3.25 -7.96 -52.47
CA ASP B 292 -3.45 -6.51 -52.54
C ASP B 292 -3.23 -5.88 -51.17
N LEU B 293 -3.90 -6.43 -50.16
CA LEU B 293 -3.81 -5.92 -48.80
C LEU B 293 -2.41 -6.07 -48.22
N LEU B 294 -1.82 -7.23 -48.40
CA LEU B 294 -0.48 -7.49 -47.89
C LEU B 294 0.59 -6.61 -48.53
N ASN B 295 0.59 -6.52 -49.86
CA ASN B 295 1.59 -5.70 -50.55
C ASN B 295 1.52 -4.24 -50.14
N ALA B 296 0.32 -3.71 -49.92
CA ALA B 296 0.20 -2.31 -49.51
C ALA B 296 0.81 -2.15 -48.11
N HIS B 297 0.69 -3.20 -47.31
CA HIS B 297 1.23 -3.20 -45.95
C HIS B 297 2.75 -3.28 -45.98
N THR B 298 3.27 -4.30 -46.67
CA THR B 298 4.71 -4.49 -46.75
C THR B 298 5.43 -3.32 -47.41
N ALA B 299 4.80 -2.69 -48.38
CA ALA B 299 5.40 -1.56 -49.08
C ALA B 299 5.68 -0.42 -48.09
N ILE B 300 4.76 -0.20 -47.17
CA ILE B 300 4.92 0.86 -46.18
C ILE B 300 6.02 0.51 -45.18
N TRP B 301 6.06 -0.75 -44.74
CA TRP B 301 7.10 -1.16 -43.80
C TRP B 301 8.46 -1.07 -44.49
N ALA B 302 8.52 -1.45 -45.77
CA ALA B 302 9.78 -1.39 -46.52
C ALA B 302 10.26 0.07 -46.52
N GLN B 303 9.32 0.99 -46.71
CA GLN B 303 9.64 2.42 -46.72
C GLN B 303 10.25 2.84 -45.39
N ARG B 304 9.64 2.39 -44.29
CA ARG B 304 10.12 2.73 -42.96
C ARG B 304 11.55 2.24 -42.74
N TRP B 305 11.82 1.00 -43.16
CA TRP B 305 13.16 0.44 -43.00
C TRP B 305 14.17 1.19 -43.85
N GLU B 306 13.74 1.58 -45.04
CA GLU B 306 14.59 2.32 -45.97
C GLU B 306 15.13 3.59 -45.31
N LYS B 307 14.26 4.25 -44.55
CA LYS B 307 14.62 5.50 -43.89
C LYS B 307 15.32 5.38 -42.55
N SER B 308 15.17 4.24 -41.86
CA SER B 308 15.78 4.17 -40.54
C SER B 308 16.42 2.85 -40.10
N ASP B 309 16.65 1.92 -41.01
CA ASP B 309 17.27 0.66 -40.63
C ASP B 309 18.68 0.87 -40.11
N VAL B 310 19.12 0.00 -39.21
CA VAL B 310 20.48 0.08 -38.68
C VAL B 310 21.14 -1.23 -39.06
N VAL B 311 22.01 -1.17 -40.07
CA VAL B 311 22.69 -2.34 -40.57
C VAL B 311 23.97 -2.64 -39.82
N ILE B 312 24.01 -3.80 -39.19
CA ILE B 312 25.17 -4.25 -38.43
C ILE B 312 25.72 -5.50 -39.10
N LYS B 313 26.99 -5.47 -39.46
CA LYS B 313 27.63 -6.60 -40.10
C LYS B 313 28.70 -7.20 -39.19
N GLY B 314 28.66 -8.52 -39.02
CA GLY B 314 29.62 -9.20 -38.17
C GLY B 314 29.11 -9.61 -36.80
N ASP B 315 27.83 -9.32 -36.52
CA ASP B 315 27.25 -9.67 -35.23
C ASP B 315 25.72 -9.70 -35.35
N ASP B 316 25.19 -10.83 -35.81
CA ASP B 316 23.75 -10.98 -35.98
C ASP B 316 22.93 -10.85 -34.70
N GLU B 317 23.49 -11.24 -33.58
CA GLU B 317 22.75 -11.11 -32.33
C GLU B 317 22.43 -9.62 -32.12
N SER B 318 23.39 -8.77 -32.46
CA SER B 318 23.21 -7.33 -32.33
C SER B 318 22.32 -6.78 -33.44
N GLN B 319 22.40 -7.37 -34.64
CA GLN B 319 21.58 -6.92 -35.77
C GLN B 319 20.13 -7.16 -35.45
N GLN B 320 19.83 -8.38 -35.01
CA GLN B 320 18.47 -8.79 -34.67
C GLN B 320 17.94 -7.90 -33.57
N GLY B 321 18.79 -7.59 -32.60
CA GLY B 321 18.38 -6.75 -31.49
C GLY B 321 17.90 -5.37 -31.90
N ILE B 322 18.74 -4.62 -32.60
CA ILE B 322 18.36 -3.27 -33.01
C ILE B 322 17.12 -3.26 -33.89
N ARG B 323 17.01 -4.25 -34.77
CA ARG B 323 15.84 -4.31 -35.64
C ARG B 323 14.56 -4.65 -34.88
N PHE B 324 14.66 -5.50 -33.87
CA PHE B 324 13.50 -5.87 -33.06
C PHE B 324 13.00 -4.62 -32.32
N ASN B 325 13.93 -3.85 -31.76
CA ASN B 325 13.58 -2.63 -31.04
C ASN B 325 12.80 -1.65 -31.92
N LEU B 326 13.40 -1.26 -33.04
CA LEU B 326 12.77 -0.32 -33.95
C LEU B 326 11.46 -0.86 -34.51
N PHE B 327 11.40 -2.17 -34.71
CA PHE B 327 10.19 -2.77 -35.23
C PHE B 327 9.04 -2.60 -34.25
N GLN B 328 9.25 -3.00 -32.99
CA GLN B 328 8.20 -2.89 -31.99
C GLN B 328 7.94 -1.45 -31.60
N LEU B 329 8.99 -0.62 -31.63
CA LEU B 329 8.84 0.78 -31.27
C LEU B 329 7.87 1.45 -32.24
N PHE B 330 8.13 1.30 -33.55
CA PHE B 330 7.29 1.88 -34.58
C PHE B 330 5.92 1.22 -34.67
N SER B 331 5.85 -0.07 -34.35
CA SER B 331 4.58 -0.78 -34.40
C SER B 331 3.66 -0.18 -33.33
N THR B 332 4.28 0.32 -32.26
CA THR B 332 3.54 0.93 -31.17
C THR B 332 3.17 2.37 -31.50
N TYR B 333 4.16 3.14 -31.93
CA TYR B 333 3.95 4.55 -32.24
C TYR B 333 4.83 5.06 -33.38
N TYR B 334 4.19 5.66 -34.39
CA TYR B 334 4.93 6.21 -35.51
C TYR B 334 4.41 7.62 -35.80
N GLY B 335 3.86 8.26 -34.76
CA GLY B 335 3.36 9.61 -34.88
C GLY B 335 2.18 9.86 -35.79
N GLU B 336 1.50 8.81 -36.20
CA GLU B 336 0.36 8.99 -37.10
C GLU B 336 -0.87 9.61 -36.43
N ASP B 337 -0.97 9.50 -35.10
CA ASP B 337 -2.10 10.08 -34.36
C ASP B 337 -1.57 11.02 -33.28
N ALA B 338 -1.74 12.32 -33.48
CA ALA B 338 -1.26 13.36 -32.56
C ALA B 338 -1.83 13.30 -31.15
N ARG B 339 -2.90 12.54 -30.97
CA ARG B 339 -3.54 12.42 -29.65
C ARG B 339 -2.92 11.33 -28.80
N LEU B 340 -2.27 10.38 -29.45
CA LEU B 340 -1.68 9.25 -28.74
C LEU B 340 -0.29 9.50 -28.18
N ASN B 341 0.19 8.54 -27.40
CA ASN B 341 1.51 8.61 -26.83
C ASN B 341 2.06 7.20 -26.78
N ILE B 342 3.11 6.98 -26.01
CA ILE B 342 3.74 5.67 -25.96
C ILE B 342 3.69 4.98 -24.59
N GLY B 343 2.81 3.99 -24.46
CA GLY B 343 2.72 3.26 -23.20
C GLY B 343 4.00 2.49 -22.98
N PRO B 344 4.48 2.37 -21.72
CA PRO B 344 5.71 1.66 -21.41
C PRO B 344 5.79 0.28 -22.06
N LYS B 345 4.68 -0.44 -22.08
CA LYS B 345 4.69 -1.76 -22.68
C LYS B 345 3.83 -1.80 -23.95
N GLY B 346 3.60 -0.62 -24.52
CA GLY B 346 2.82 -0.51 -25.73
C GLY B 346 1.57 -1.37 -25.78
N PHE B 347 1.40 -2.10 -26.88
CA PHE B 347 0.24 -2.97 -27.05
C PHE B 347 0.65 -4.42 -26.81
N THR B 348 1.52 -4.65 -25.84
CA THR B 348 2.02 -6.00 -25.57
C THR B 348 1.74 -6.53 -24.17
N GLY B 349 1.05 -5.75 -23.34
CA GLY B 349 0.77 -6.18 -21.98
C GLY B 349 -0.12 -5.23 -21.23
N GLU B 350 -0.30 -5.48 -19.92
CA GLU B 350 -1.14 -4.62 -19.10
C GLU B 350 -0.40 -3.76 -18.09
N LYS B 351 0.70 -4.28 -17.54
CA LYS B 351 1.48 -3.54 -16.55
C LYS B 351 1.80 -2.11 -17.00
N TYR B 352 1.50 -1.17 -16.11
CA TYR B 352 1.70 0.27 -16.34
C TYR B 352 0.49 0.89 -17.05
N GLY B 353 -0.39 0.03 -17.55
CA GLY B 353 -1.61 0.47 -18.21
C GLY B 353 -1.52 1.10 -19.59
N GLY B 354 -0.34 1.08 -20.19
CA GLY B 354 -0.18 1.67 -21.51
C GLY B 354 -0.38 3.18 -21.48
N ALA B 355 -0.35 3.75 -20.29
CA ALA B 355 -0.53 5.19 -20.11
C ALA B 355 0.73 5.98 -20.44
N THR B 356 0.63 7.29 -20.33
CA THR B 356 1.73 8.20 -20.62
C THR B 356 2.64 8.41 -19.40
N TYR B 357 3.95 8.22 -19.59
CA TYR B 357 4.94 8.36 -18.53
C TYR B 357 6.10 9.29 -18.94
N TRP B 358 6.97 9.60 -17.99
CA TRP B 358 8.11 10.47 -18.27
C TRP B 358 9.05 9.79 -19.29
N ASP B 359 8.85 8.49 -19.49
CA ASP B 359 9.63 7.70 -20.44
C ASP B 359 9.71 8.42 -21.79
N THR B 360 8.59 8.97 -22.22
CA THR B 360 8.50 9.65 -23.49
C THR B 360 9.50 10.79 -23.69
N GLU B 361 9.43 11.81 -22.85
CA GLU B 361 10.35 12.93 -23.02
C GLU B 361 11.80 12.67 -22.61
N ALA B 362 12.05 11.62 -21.84
CA ALA B 362 13.40 11.32 -21.42
C ALA B 362 14.12 10.37 -22.37
N PHE B 363 13.44 9.33 -22.82
CA PHE B 363 14.08 8.36 -23.68
C PHE B 363 13.56 8.22 -25.10
N ALA B 364 12.28 8.52 -25.33
CA ALA B 364 11.73 8.41 -26.67
C ALA B 364 12.15 9.58 -27.57
N PHE B 365 12.13 10.79 -27.01
CA PHE B 365 12.52 11.98 -27.76
C PHE B 365 13.81 11.88 -28.57
N PRO B 366 14.90 11.38 -27.95
CA PRO B 366 16.18 11.25 -28.64
C PRO B 366 16.07 10.49 -29.95
N VAL B 367 15.32 9.39 -29.94
CA VAL B 367 15.15 8.56 -31.11
C VAL B 367 14.22 9.14 -32.18
N TYR B 368 13.05 9.64 -31.79
CA TYR B 368 12.13 10.19 -32.78
C TYR B 368 12.67 11.45 -33.45
N LEU B 369 13.53 12.18 -32.73
CA LEU B 369 14.15 13.38 -33.27
C LEU B 369 15.14 12.94 -34.36
N GLY B 370 15.79 11.81 -34.11
CA GLY B 370 16.78 11.30 -35.04
C GLY B 370 16.28 10.58 -36.28
N ILE B 371 15.14 9.89 -36.21
CA ILE B 371 14.67 9.15 -37.38
C ILE B 371 13.30 9.48 -37.94
N THR B 372 12.61 10.47 -37.35
CA THR B 372 11.30 10.83 -37.88
C THR B 372 11.17 12.34 -38.06
N ASP B 373 10.14 12.74 -38.80
CA ASP B 373 9.89 14.15 -39.06
C ASP B 373 9.81 14.89 -37.72
N PRO B 374 10.44 16.06 -37.62
CA PRO B 374 10.45 16.85 -36.39
C PRO B 374 9.05 17.21 -35.88
N LYS B 375 8.06 17.10 -36.76
CA LYS B 375 6.69 17.41 -36.37
C LYS B 375 6.13 16.39 -35.37
N VAL B 376 6.73 15.19 -35.35
CA VAL B 376 6.30 14.14 -34.44
C VAL B 376 6.63 14.54 -33.00
N THR B 377 7.90 14.88 -32.77
CA THR B 377 8.33 15.29 -31.44
C THR B 377 7.69 16.62 -31.02
N ARG B 378 7.51 17.53 -31.98
CA ARG B 378 6.90 18.82 -31.68
C ARG B 378 5.49 18.58 -31.13
N ASN B 379 4.82 17.56 -31.67
CA ASN B 379 3.47 17.24 -31.22
C ASN B 379 3.50 16.59 -29.85
N LEU B 380 4.54 15.82 -29.56
CA LEU B 380 4.64 15.18 -28.25
C LEU B 380 4.82 16.27 -27.19
N LEU B 381 5.36 17.41 -27.61
CA LEU B 381 5.54 18.55 -26.70
C LEU B 381 4.15 19.17 -26.43
N MET B 382 3.39 19.38 -27.51
CA MET B 382 2.06 19.95 -27.40
C MET B 382 1.13 19.05 -26.60
N TYR B 383 1.38 17.75 -26.67
CA TYR B 383 0.57 16.78 -25.93
C TYR B 383 0.52 17.19 -24.45
N ARG B 384 1.65 17.60 -23.91
CA ARG B 384 1.75 18.02 -22.51
C ARG B 384 1.13 19.40 -22.31
N TYR B 385 1.39 20.31 -23.25
CA TYR B 385 0.83 21.64 -23.16
C TYR B 385 -0.69 21.55 -23.03
N LYS B 386 -1.28 20.70 -23.86
CA LYS B 386 -2.73 20.52 -23.86
C LYS B 386 -3.27 19.88 -22.58
N GLN B 387 -2.37 19.42 -21.72
CA GLN B 387 -2.79 18.81 -20.46
C GLN B 387 -2.36 19.61 -19.24
N LEU B 388 -2.08 20.89 -19.45
CA LEU B 388 -1.68 21.77 -18.36
C LEU B 388 -2.77 21.86 -17.29
N ASP B 389 -4.03 21.86 -17.73
CA ASP B 389 -5.15 21.93 -16.79
C ASP B 389 -5.05 20.82 -15.75
N GLY B 390 -4.76 19.61 -16.22
CA GLY B 390 -4.62 18.48 -15.33
C GLY B 390 -3.41 18.62 -14.42
N ALA B 391 -2.34 19.25 -14.93
CA ALA B 391 -1.13 19.43 -14.13
C ALA B 391 -1.40 20.39 -12.97
N TYR B 392 -2.23 21.41 -13.21
CA TYR B 392 -2.58 22.37 -12.17
C TYR B 392 -3.32 21.61 -11.06
N ILE B 393 -4.20 20.70 -11.48
CA ILE B 393 -4.96 19.91 -10.53
C ILE B 393 -4.07 19.00 -9.70
N ASN B 394 -3.11 18.35 -10.35
CA ASN B 394 -2.20 17.44 -9.66
C ASN B 394 -1.42 18.18 -8.58
N ALA B 395 -0.96 19.39 -8.90
CA ALA B 395 -0.21 20.20 -7.95
C ALA B 395 -1.09 20.61 -6.78
N GLN B 396 -2.34 20.95 -7.09
CA GLN B 396 -3.29 21.37 -6.07
C GLN B 396 -3.64 20.23 -5.12
N GLU B 397 -3.61 19.00 -5.62
CA GLU B 397 -3.90 17.84 -4.79
C GLU B 397 -2.83 17.69 -3.71
N GLN B 398 -1.67 18.30 -3.94
CA GLN B 398 -0.58 18.26 -2.97
C GLN B 398 -0.35 19.63 -2.36
N GLY B 399 -1.30 20.53 -2.55
CA GLY B 399 -1.20 21.87 -1.99
C GLY B 399 -0.03 22.67 -2.53
N LEU B 400 0.27 22.48 -3.81
CA LEU B 400 1.37 23.20 -4.45
C LEU B 400 0.87 24.02 -5.63
N LYS B 401 1.57 25.12 -5.92
CA LYS B 401 1.20 25.99 -7.03
C LYS B 401 1.88 25.50 -8.31
N GLY B 402 1.57 26.16 -9.42
CA GLY B 402 2.18 25.77 -10.68
C GLY B 402 1.61 24.49 -11.26
N ALA B 403 2.37 23.87 -12.15
CA ALA B 403 1.94 22.65 -12.79
C ALA B 403 2.77 21.44 -12.37
N LEU B 404 2.09 20.38 -11.98
CA LEU B 404 2.78 19.15 -11.62
C LEU B 404 2.33 18.09 -12.60
N PHE B 405 3.14 17.82 -13.60
CA PHE B 405 2.77 16.80 -14.57
C PHE B 405 2.75 15.48 -13.81
N PRO B 406 1.77 14.63 -14.12
CA PRO B 406 1.60 13.33 -13.48
C PRO B 406 2.63 12.28 -13.82
N MET B 407 2.69 11.26 -12.98
CA MET B 407 3.59 10.14 -13.20
C MET B 407 2.94 9.27 -14.26
N VAL B 408 1.62 9.10 -14.14
CA VAL B 408 0.84 8.27 -15.06
C VAL B 408 -0.43 9.02 -15.49
N THR B 409 -0.74 9.03 -16.78
CA THR B 409 -1.93 9.75 -17.24
C THR B 409 -2.41 9.47 -18.67
N PHE B 410 -3.66 9.83 -18.92
CA PHE B 410 -4.27 9.72 -20.24
C PHE B 410 -4.90 11.06 -20.61
N ASP B 411 -5.39 11.79 -19.61
CA ASP B 411 -6.02 13.09 -19.84
C ASP B 411 -5.34 14.25 -19.12
N GLY B 412 -4.23 13.97 -18.46
CA GLY B 412 -3.53 15.02 -17.74
C GLY B 412 -3.60 14.86 -16.24
N ILE B 413 -4.64 14.17 -15.75
CA ILE B 413 -4.81 13.96 -14.31
C ILE B 413 -3.99 12.74 -13.86
N GLU B 414 -3.40 12.82 -12.68
CA GLU B 414 -2.58 11.72 -12.15
C GLU B 414 -3.38 10.41 -12.03
N CYS B 415 -2.68 9.29 -12.18
CA CYS B 415 -3.31 7.98 -12.07
C CYS B 415 -2.57 7.06 -11.09
N HIS B 416 -1.30 7.34 -10.82
CA HIS B 416 -0.54 6.47 -9.94
C HIS B 416 -0.94 6.56 -8.47
N ASN B 417 -0.84 5.43 -7.78
CA ASN B 417 -1.27 5.31 -6.39
C ASN B 417 -0.26 4.84 -5.34
N GLU B 418 0.86 5.53 -5.23
CA GLU B 418 1.88 5.20 -4.23
C GLU B 418 2.46 6.55 -3.87
N TRP B 419 2.34 6.95 -2.61
CA TRP B 419 2.84 8.26 -2.22
C TRP B 419 4.31 8.52 -2.58
N GLU B 420 5.16 7.51 -2.48
CA GLU B 420 6.58 7.68 -2.80
C GLU B 420 6.82 7.99 -4.27
N ILE B 421 5.88 7.59 -5.13
CA ILE B 421 6.01 7.82 -6.56
C ILE B 421 5.08 8.95 -7.00
N THR B 422 3.80 8.78 -6.71
CA THR B 422 2.77 9.76 -7.06
C THR B 422 3.10 11.20 -6.63
N PHE B 423 3.36 11.37 -5.34
CA PHE B 423 3.65 12.69 -4.79
C PHE B 423 5.13 13.09 -4.85
N GLU B 424 6.01 12.11 -4.69
CA GLU B 424 7.46 12.39 -4.62
C GLU B 424 8.40 12.23 -5.81
N GLU B 425 8.04 11.47 -6.84
CA GLU B 425 8.96 11.35 -7.95
C GLU B 425 8.72 12.53 -8.88
N ILE B 426 9.10 13.71 -8.38
CA ILE B 426 8.89 14.96 -9.09
C ILE B 426 9.93 15.36 -10.14
N HIS B 427 11.00 14.59 -10.28
CA HIS B 427 12.02 14.92 -11.28
C HIS B 427 11.37 14.97 -12.67
N ARG B 428 10.25 14.23 -12.80
CA ARG B 428 9.53 14.15 -14.06
C ARG B 428 9.19 15.54 -14.62
N ASN B 429 8.90 16.49 -13.72
CA ASN B 429 8.61 17.85 -14.16
C ASN B 429 9.85 18.38 -14.88
N GLY B 430 11.02 18.06 -14.34
CA GLY B 430 12.27 18.49 -14.95
C GLY B 430 12.53 17.84 -16.30
N ASP B 431 12.17 16.57 -16.42
CA ASP B 431 12.36 15.84 -17.68
C ASP B 431 11.44 16.42 -18.76
N ILE B 432 10.22 16.79 -18.36
CA ILE B 432 9.24 17.35 -19.28
C ILE B 432 9.79 18.64 -19.86
N ALA B 433 10.34 19.48 -18.98
CA ALA B 433 10.91 20.77 -19.40
C ALA B 433 12.13 20.57 -20.29
N PHE B 434 12.97 19.60 -19.96
CA PHE B 434 14.17 19.35 -20.74
C PHE B 434 13.85 18.96 -22.18
N ALA B 435 12.74 18.23 -22.37
CA ALA B 435 12.33 17.80 -23.69
C ALA B 435 12.10 19.00 -24.62
N ILE B 436 11.60 20.10 -24.06
CA ILE B 436 11.35 21.31 -24.82
C ILE B 436 12.71 21.79 -25.36
N TYR B 437 13.66 21.92 -24.44
CA TYR B 437 15.00 22.37 -24.80
C TYR B 437 15.64 21.46 -25.85
N ASN B 438 15.55 20.16 -25.60
CA ASN B 438 16.12 19.14 -26.50
C ASN B 438 15.57 19.26 -27.92
N TYR B 439 14.25 19.42 -28.02
CA TYR B 439 13.62 19.55 -29.33
C TYR B 439 14.07 20.83 -30.02
N THR B 440 14.10 21.92 -29.25
CA THR B 440 14.49 23.22 -29.79
C THR B 440 15.92 23.20 -30.33
N ARG B 441 16.84 22.67 -29.53
CA ARG B 441 18.25 22.60 -29.91
C ARG B 441 18.45 21.75 -31.15
N TYR B 442 17.77 20.60 -31.19
CA TYR B 442 17.91 19.69 -32.31
C TYR B 442 17.33 20.18 -33.63
N THR B 443 16.14 20.77 -33.58
CA THR B 443 15.46 21.23 -34.77
C THR B 443 15.72 22.67 -35.18
N GLY B 444 16.07 23.52 -34.22
CA GLY B 444 16.30 24.91 -34.56
C GLY B 444 14.96 25.62 -34.66
N ASP B 445 13.88 24.93 -34.31
CA ASP B 445 12.55 25.53 -34.35
C ASP B 445 12.16 26.03 -32.96
N ASP B 446 12.27 27.32 -32.74
CA ASP B 446 11.93 27.88 -31.43
C ASP B 446 10.54 28.51 -31.41
N SER B 447 9.73 28.21 -32.42
CA SER B 447 8.38 28.74 -32.46
C SER B 447 7.54 28.13 -31.33
N TYR B 448 7.89 26.92 -30.91
CA TYR B 448 7.14 26.29 -29.83
C TYR B 448 7.52 26.85 -28.45
N VAL B 449 8.80 26.82 -28.12
CA VAL B 449 9.27 27.30 -26.82
C VAL B 449 9.01 28.79 -26.58
N LEU B 450 8.86 29.56 -27.65
CA LEU B 450 8.61 30.99 -27.51
C LEU B 450 7.12 31.27 -27.41
N HIS B 451 6.32 30.21 -27.41
CA HIS B 451 4.89 30.33 -27.31
C HIS B 451 4.32 29.33 -26.31
N GLU B 452 3.68 28.27 -26.79
CA GLU B 452 3.11 27.27 -25.89
C GLU B 452 4.14 26.79 -24.87
N GLY B 453 5.35 26.51 -25.35
CA GLY B 453 6.41 26.04 -24.47
C GLY B 453 6.77 27.00 -23.36
N ALA B 454 6.63 28.29 -23.61
CA ALA B 454 6.96 29.28 -22.58
C ALA B 454 5.96 29.14 -21.42
N LYS B 455 4.71 28.84 -21.75
CA LYS B 455 3.68 28.67 -20.74
C LYS B 455 3.95 27.42 -19.89
N VAL B 456 4.37 26.35 -20.55
CA VAL B 456 4.67 25.10 -19.85
C VAL B 456 5.89 25.28 -18.94
N LEU B 457 6.90 25.98 -19.42
CA LEU B 457 8.10 26.22 -18.63
C LEU B 457 7.79 27.14 -17.45
N THR B 458 6.94 28.13 -17.69
CA THR B 458 6.55 29.06 -16.64
C THR B 458 5.83 28.34 -15.50
N GLU B 459 4.84 27.53 -15.85
CA GLU B 459 4.09 26.81 -14.85
C GLU B 459 4.91 25.74 -14.13
N ILE B 460 5.86 25.13 -14.83
CA ILE B 460 6.70 24.13 -14.15
C ILE B 460 7.62 24.89 -13.18
N SER B 461 8.17 26.00 -13.63
CA SER B 461 9.05 26.81 -12.79
C SER B 461 8.29 27.28 -11.56
N ARG B 462 7.01 27.59 -11.77
CA ARG B 462 6.16 28.04 -10.68
C ARG B 462 6.04 26.92 -9.65
N PHE B 463 5.99 25.68 -10.13
CA PHE B 463 5.91 24.53 -9.24
C PHE B 463 7.20 24.44 -8.42
N TRP B 464 8.34 24.43 -9.11
CA TRP B 464 9.64 24.36 -8.44
C TRP B 464 9.78 25.44 -7.38
N ALA B 465 9.43 26.67 -7.75
CA ALA B 465 9.53 27.80 -6.83
C ALA B 465 8.72 27.57 -5.56
N ASP B 466 7.65 26.80 -5.66
CA ASP B 466 6.80 26.55 -4.51
C ASP B 466 7.17 25.27 -3.77
N ARG B 467 7.87 24.36 -4.44
CA ARG B 467 8.26 23.08 -3.83
C ARG B 467 9.58 23.09 -3.06
N VAL B 468 10.52 23.97 -3.44
CA VAL B 468 11.77 24.04 -2.70
C VAL B 468 11.44 24.71 -1.37
N HIS B 469 12.38 24.65 -0.44
CA HIS B 469 12.22 25.36 0.82
C HIS B 469 13.60 25.92 1.10
N PHE B 470 13.66 26.99 1.88
CA PHE B 470 14.94 27.60 2.19
C PHE B 470 15.41 27.10 3.55
N SER B 471 16.58 26.45 3.57
CA SER B 471 17.13 25.95 4.81
C SER B 471 17.99 27.03 5.44
N LYS B 472 17.49 27.62 6.51
CA LYS B 472 18.22 28.68 7.19
C LYS B 472 19.54 28.15 7.70
N ARG B 473 19.52 26.89 8.12
CA ARG B 473 20.73 26.26 8.64
C ARG B 473 21.85 26.24 7.61
N ASN B 474 21.50 26.06 6.34
CA ASN B 474 22.49 26.00 5.27
C ASN B 474 22.51 27.23 4.36
N ASN B 475 21.56 28.14 4.54
CA ASN B 475 21.47 29.34 3.71
C ASN B 475 21.38 28.96 2.24
N GLN B 476 20.69 27.88 1.96
CA GLN B 476 20.52 27.39 0.60
C GLN B 476 19.14 26.81 0.42
N TYR B 477 18.69 26.76 -0.82
CA TYR B 477 17.40 26.17 -1.10
C TYR B 477 17.60 24.66 -1.21
N MET B 478 16.65 23.90 -0.70
CA MET B 478 16.73 22.45 -0.75
C MET B 478 15.38 21.89 -1.20
N ILE B 479 15.39 20.61 -1.57
CA ILE B 479 14.17 19.93 -1.97
C ILE B 479 14.12 18.60 -1.20
N HIS B 480 13.38 18.60 -0.10
CA HIS B 480 13.23 17.42 0.74
C HIS B 480 12.04 16.54 0.36
N GLY B 481 12.09 15.29 0.80
CA GLY B 481 11.02 14.33 0.56
C GLY B 481 10.70 13.98 -0.87
N VAL B 482 11.69 13.44 -1.60
CA VAL B 482 11.47 13.08 -2.99
C VAL B 482 11.97 11.66 -3.30
N THR B 483 11.75 11.26 -4.54
CA THR B 483 12.19 9.96 -5.06
C THR B 483 12.78 10.31 -6.43
N GLY B 484 14.05 10.01 -6.64
CA GLY B 484 14.69 10.31 -7.91
C GLY B 484 14.41 9.26 -8.96
N ALA B 485 15.04 9.38 -10.11
CA ALA B 485 14.86 8.40 -11.18
C ALA B 485 15.15 7.02 -10.60
N ASP B 486 16.09 6.96 -9.65
CA ASP B 486 16.41 5.70 -9.00
C ASP B 486 15.33 5.45 -7.95
N GLU B 487 14.31 4.73 -8.35
CA GLU B 487 13.19 4.44 -7.47
C GLU B 487 13.52 3.52 -6.30
N TYR B 488 14.80 3.14 -6.17
CA TYR B 488 15.21 2.30 -5.06
C TYR B 488 15.66 3.16 -3.87
N GLU B 489 15.34 4.45 -3.92
CA GLU B 489 15.59 5.37 -2.82
C GLU B 489 14.26 6.11 -2.79
N ASN B 490 13.58 6.08 -1.65
CA ASN B 490 12.27 6.72 -1.50
C ASN B 490 12.26 7.76 -0.37
N ASN B 491 11.58 8.88 -0.61
CA ASN B 491 11.45 9.94 0.38
C ASN B 491 12.81 10.40 0.87
N VAL B 492 13.75 10.59 -0.04
CA VAL B 492 15.08 11.04 0.34
C VAL B 492 15.16 12.56 0.27
N ASP B 493 16.31 13.10 0.68
CA ASP B 493 16.50 14.53 0.70
C ASP B 493 17.61 15.01 -0.21
N ASN B 494 17.30 16.05 -0.98
CA ASN B 494 18.22 16.65 -1.91
C ASN B 494 18.82 15.66 -2.90
N ASN B 495 17.94 15.02 -3.67
CA ASN B 495 18.36 14.10 -4.71
C ASN B 495 19.06 15.05 -5.69
N TRP B 496 20.35 14.84 -5.93
CA TRP B 496 21.13 15.71 -6.82
C TRP B 496 20.45 15.97 -8.16
N ASP B 497 20.04 14.90 -8.85
CA ASP B 497 19.40 15.02 -10.14
C ASP B 497 18.16 15.94 -10.09
N THR B 498 17.35 15.79 -9.05
CA THR B 498 16.14 16.61 -8.92
C THR B 498 16.47 18.09 -8.66
N ASN B 499 17.41 18.35 -7.76
CA ASN B 499 17.80 19.73 -7.48
C ASN B 499 18.41 20.36 -8.73
N MET B 500 19.22 19.57 -9.45
CA MET B 500 19.88 20.04 -10.67
C MET B 500 18.83 20.40 -11.73
N LEU B 501 17.86 19.51 -11.92
CA LEU B 501 16.79 19.74 -12.90
C LEU B 501 15.92 20.93 -12.55
N ALA B 502 15.64 21.11 -11.26
CA ALA B 502 14.81 22.23 -10.83
C ALA B 502 15.56 23.53 -11.12
N GLN B 503 16.84 23.57 -10.74
CA GLN B 503 17.67 24.75 -10.97
C GLN B 503 17.72 25.05 -12.46
N TRP B 504 17.95 24.02 -13.26
CA TRP B 504 18.04 24.19 -14.71
C TRP B 504 16.73 24.69 -15.31
N THR B 505 15.61 24.14 -14.83
CA THR B 505 14.31 24.56 -15.33
C THR B 505 14.12 26.06 -15.14
N LEU B 506 14.36 26.53 -13.92
CA LEU B 506 14.21 27.95 -13.61
C LEU B 506 15.14 28.80 -14.46
N LYS B 507 16.39 28.36 -14.57
CA LYS B 507 17.38 29.07 -15.36
C LYS B 507 16.91 29.22 -16.81
N TYR B 508 16.55 28.10 -17.42
CA TYR B 508 16.11 28.11 -18.82
C TYR B 508 14.84 28.93 -19.04
N THR B 509 13.88 28.82 -18.14
CA THR B 509 12.65 29.57 -18.28
C THR B 509 12.94 31.08 -18.25
N LEU B 510 13.82 31.49 -17.34
CA LEU B 510 14.18 32.90 -17.25
C LEU B 510 14.78 33.36 -18.58
N GLU B 511 15.56 32.48 -19.21
CA GLU B 511 16.17 32.78 -20.50
C GLU B 511 15.07 32.95 -21.53
N ILE B 512 14.11 32.04 -21.53
CA ILE B 512 13.02 32.10 -22.50
C ILE B 512 12.14 33.33 -22.30
N LEU B 513 11.80 33.64 -21.05
CA LEU B 513 10.96 34.80 -20.77
C LEU B 513 11.57 36.08 -21.33
N GLY B 514 12.89 36.08 -21.49
CA GLY B 514 13.55 37.27 -22.01
C GLY B 514 13.52 37.30 -23.52
N LYS B 515 13.01 36.24 -24.14
CA LYS B 515 12.97 36.15 -25.59
C LYS B 515 11.58 36.23 -26.21
N VAL B 516 10.54 35.93 -25.43
CA VAL B 516 9.18 35.97 -25.94
C VAL B 516 8.74 37.39 -26.31
N ASP B 517 7.76 37.51 -27.21
CA ASP B 517 7.30 38.84 -27.59
C ASP B 517 6.38 39.41 -26.52
N GLN B 518 6.10 40.70 -26.61
CA GLN B 518 5.27 41.40 -25.64
C GLN B 518 3.92 40.76 -25.35
N ASP B 519 3.17 40.42 -26.39
CA ASP B 519 1.85 39.81 -26.19
C ASP B 519 1.97 38.55 -25.34
N THR B 520 2.98 37.73 -25.65
CA THR B 520 3.19 36.49 -24.91
C THR B 520 3.60 36.78 -23.47
N ALA B 521 4.56 37.69 -23.29
CA ALA B 521 5.03 38.06 -21.95
C ALA B 521 3.87 38.56 -21.09
N LYS B 522 2.94 39.27 -21.73
CA LYS B 522 1.78 39.80 -21.02
C LYS B 522 0.93 38.64 -20.52
N GLN B 523 0.65 37.69 -21.41
CA GLN B 523 -0.15 36.52 -21.05
C GLN B 523 0.52 35.74 -19.92
N LEU B 524 1.80 35.44 -20.09
CA LEU B 524 2.54 34.69 -19.08
C LEU B 524 2.44 35.41 -17.74
N ASP B 525 2.50 36.74 -17.79
CA ASP B 525 2.38 37.57 -16.58
C ASP B 525 3.32 37.17 -15.42
N VAL B 526 4.60 37.06 -15.71
CA VAL B 526 5.59 36.71 -14.69
C VAL B 526 6.23 37.99 -14.18
N SER B 527 5.81 38.43 -13.00
CA SER B 527 6.31 39.65 -12.38
C SER B 527 7.80 39.66 -12.14
N ASP B 528 8.35 40.86 -11.93
CA ASP B 528 9.77 40.99 -11.66
C ASP B 528 10.09 40.37 -10.30
N GLU B 529 9.09 40.36 -9.41
CA GLU B 529 9.28 39.77 -8.09
C GLU B 529 9.49 38.26 -8.25
N GLU B 530 8.70 37.63 -9.13
CA GLU B 530 8.83 36.20 -9.39
C GLU B 530 10.21 35.88 -9.97
N LYS B 531 10.59 36.62 -11.00
CA LYS B 531 11.88 36.40 -11.64
C LYS B 531 13.03 36.54 -10.65
N THR B 532 12.93 37.52 -9.76
CA THR B 532 13.97 37.71 -8.76
C THR B 532 14.00 36.50 -7.82
N LYS B 533 12.82 36.01 -7.44
CA LYS B 533 12.75 34.86 -6.55
C LYS B 533 13.36 33.64 -7.23
N TRP B 534 12.97 33.40 -8.48
CA TRP B 534 13.49 32.27 -9.23
C TRP B 534 15.01 32.34 -9.35
N GLN B 535 15.52 33.54 -9.65
CA GLN B 535 16.97 33.72 -9.79
C GLN B 535 17.71 33.42 -8.50
N ASP B 536 17.09 33.74 -7.37
CA ASP B 536 17.72 33.48 -6.08
C ASP B 536 17.81 31.98 -5.86
N ILE B 537 16.77 31.25 -6.28
CA ILE B 537 16.74 29.80 -6.15
C ILE B 537 17.84 29.19 -7.02
N VAL B 538 17.99 29.72 -8.23
CA VAL B 538 19.03 29.24 -9.14
C VAL B 538 20.40 29.48 -8.52
N ASP B 539 20.60 30.69 -7.98
CA ASP B 539 21.88 31.05 -7.39
C ASP B 539 22.23 30.28 -6.11
N ARG B 540 21.23 29.96 -5.30
CA ARG B 540 21.51 29.28 -4.04
C ARG B 540 20.95 27.88 -3.86
N MET B 541 20.79 27.17 -4.97
CA MET B 541 20.28 25.80 -4.92
C MET B 541 21.36 24.90 -4.34
N TYR B 542 20.98 24.06 -3.40
CA TYR B 542 21.92 23.12 -2.77
C TYR B 542 22.12 21.92 -3.68
N LEU B 543 23.38 21.57 -3.94
CA LEU B 543 23.73 20.43 -4.78
C LEU B 543 24.76 19.58 -4.02
N PRO B 544 24.34 18.41 -3.50
CA PRO B 544 25.25 17.53 -2.75
C PRO B 544 26.44 17.10 -3.60
N TYR B 545 27.63 17.19 -3.00
CA TYR B 545 28.87 16.84 -3.69
C TYR B 545 29.90 16.33 -2.69
N ASP B 546 30.74 15.39 -3.12
CA ASP B 546 31.78 14.85 -2.25
C ASP B 546 33.15 15.08 -2.87
N LYS B 547 33.96 15.91 -2.20
CA LYS B 547 35.29 16.25 -2.67
C LYS B 547 36.24 15.07 -2.86
N ASP B 548 36.39 14.24 -1.85
CA ASP B 548 37.29 13.10 -1.92
C ASP B 548 37.04 12.18 -3.11
N LEU B 549 35.77 11.93 -3.43
CA LEU B 549 35.44 11.06 -4.55
C LEU B 549 35.19 11.87 -5.81
N ASN B 550 35.06 13.19 -5.66
CA ASN B 550 34.77 14.08 -6.78
C ASN B 550 33.55 13.58 -7.56
N ILE B 551 32.46 13.37 -6.83
CA ILE B 551 31.21 12.91 -7.44
C ILE B 551 30.05 13.74 -6.91
N PHE B 552 28.94 13.72 -7.62
CA PHE B 552 27.74 14.39 -7.14
C PHE B 552 27.08 13.27 -6.33
N VAL B 553 26.68 13.56 -5.09
CA VAL B 553 26.07 12.55 -4.22
C VAL B 553 24.59 12.41 -4.55
N GLN B 554 24.17 11.20 -4.93
CA GLN B 554 22.78 10.95 -5.33
C GLN B 554 21.75 11.64 -4.45
N HIS B 555 21.92 11.57 -3.13
CA HIS B 555 21.04 12.25 -2.19
C HIS B 555 21.78 12.38 -0.86
N ASP B 556 21.32 13.26 0.03
CA ASP B 556 22.02 13.45 1.30
C ASP B 556 22.10 12.18 2.15
N GLY B 557 23.31 11.82 2.55
CA GLY B 557 23.53 10.64 3.37
C GLY B 557 23.77 9.37 2.58
N PHE B 558 23.77 9.46 1.25
CA PHE B 558 23.98 8.27 0.43
C PHE B 558 25.28 7.55 0.78
N LEU B 559 26.34 8.31 1.01
CA LEU B 559 27.63 7.71 1.32
C LEU B 559 27.68 7.02 2.68
N ASP B 560 26.66 7.25 3.51
CA ASP B 560 26.58 6.62 4.83
C ASP B 560 26.11 5.18 4.74
N LYS B 561 25.67 4.78 3.55
CA LYS B 561 25.19 3.42 3.33
C LYS B 561 26.37 2.46 3.39
N ASP B 562 26.07 1.16 3.36
CA ASP B 562 27.13 0.15 3.37
C ASP B 562 27.44 -0.02 1.89
N ILE B 563 28.35 0.80 1.38
CA ILE B 563 28.71 0.75 -0.03
C ILE B 563 29.44 -0.52 -0.47
N GLU B 564 28.87 -1.19 -1.46
CA GLU B 564 29.46 -2.40 -2.01
C GLU B 564 28.95 -2.60 -3.44
N PRO B 565 29.79 -3.17 -4.31
CA PRO B 565 29.44 -3.42 -5.71
C PRO B 565 28.33 -4.43 -5.94
N VAL B 566 27.70 -4.30 -7.10
CA VAL B 566 26.63 -5.19 -7.52
C VAL B 566 27.18 -6.63 -7.62
N SER B 567 28.48 -6.74 -7.92
CA SER B 567 29.14 -8.04 -8.04
C SER B 567 29.09 -8.87 -6.77
N SER B 568 28.85 -8.23 -5.64
CA SER B 568 28.78 -8.96 -4.37
C SER B 568 27.43 -9.59 -4.14
N ILE B 569 26.43 -9.23 -4.95
CA ILE B 569 25.10 -9.78 -4.79
C ILE B 569 25.00 -11.14 -5.46
N PRO B 570 24.61 -12.18 -4.70
CA PRO B 570 24.47 -13.53 -5.24
C PRO B 570 23.53 -13.50 -6.45
N ALA B 571 23.91 -14.16 -7.52
CA ALA B 571 23.08 -14.18 -8.72
C ALA B 571 21.65 -14.63 -8.42
N ASP B 572 21.50 -15.61 -7.52
CA ASP B 572 20.16 -16.10 -7.21
C ASP B 572 19.33 -15.14 -6.36
N GLN B 573 19.84 -13.94 -6.12
CA GLN B 573 19.10 -12.94 -5.36
C GLN B 573 18.75 -11.79 -6.31
N ARG B 574 19.15 -11.93 -7.57
CA ARG B 574 18.86 -10.91 -8.58
C ARG B 574 17.83 -11.43 -9.57
N PRO B 575 16.94 -10.55 -10.06
CA PRO B 575 16.87 -9.12 -9.72
C PRO B 575 16.36 -8.95 -8.30
N ILE B 576 16.85 -7.94 -7.60
CA ILE B 576 16.44 -7.73 -6.23
C ILE B 576 14.97 -7.36 -6.03
N ASN B 577 14.32 -6.82 -7.07
CA ASN B 577 12.91 -6.47 -6.93
C ASN B 577 12.04 -7.72 -6.79
N GLN B 578 12.57 -8.84 -7.25
CA GLN B 578 11.85 -10.12 -7.18
C GLN B 578 12.30 -10.99 -6.00
N ASN B 579 13.35 -10.59 -5.30
CA ASN B 579 13.86 -11.38 -4.18
C ASN B 579 14.03 -10.73 -2.81
N TRP B 580 14.09 -9.40 -2.76
CA TRP B 580 14.29 -8.70 -1.49
C TRP B 580 13.06 -7.95 -1.01
N SER B 581 12.94 -7.76 0.30
CA SER B 581 11.82 -7.00 0.84
C SER B 581 12.15 -5.54 0.54
N TRP B 582 11.12 -4.71 0.33
CA TRP B 582 11.32 -3.32 -0.03
C TRP B 582 12.26 -2.51 0.88
N ASP B 583 12.20 -2.73 2.19
CA ASP B 583 13.07 -2.00 3.09
C ASP B 583 14.54 -2.28 2.80
N LYS B 584 14.86 -3.54 2.50
CA LYS B 584 16.24 -3.91 2.21
C LYS B 584 16.71 -3.21 0.95
N ILE B 585 15.86 -3.22 -0.07
CA ILE B 585 16.18 -2.58 -1.33
C ILE B 585 16.47 -1.09 -1.09
N LEU B 586 15.61 -0.43 -0.33
CA LEU B 586 15.79 1.00 -0.07
C LEU B 586 17.07 1.40 0.64
N ARG B 587 17.39 0.75 1.76
CA ARG B 587 18.59 1.11 2.50
C ARG B 587 19.89 0.64 1.87
N SER B 588 19.82 -0.35 0.97
CA SER B 588 21.02 -0.86 0.32
C SER B 588 21.60 0.23 -0.59
N PRO B 589 22.85 0.05 -1.03
CA PRO B 589 23.49 1.04 -1.91
C PRO B 589 23.21 0.77 -3.37
N TYR B 590 22.28 -0.15 -3.64
CA TYR B 590 21.98 -0.52 -5.01
C TYR B 590 20.99 0.35 -5.75
N ILE B 591 21.42 0.79 -6.92
CA ILE B 591 20.69 1.70 -7.79
C ILE B 591 19.92 1.02 -8.91
N LYS B 592 18.62 1.33 -8.99
CA LYS B 592 17.75 0.75 -10.01
C LYS B 592 18.07 1.21 -11.44
N GLN B 593 18.40 2.48 -11.58
CA GLN B 593 18.68 3.04 -12.89
C GLN B 593 19.39 4.37 -12.72
N GLY B 594 19.76 4.98 -13.85
CA GLY B 594 20.47 6.24 -13.79
C GLY B 594 19.74 7.30 -12.99
N ASP B 595 20.50 8.05 -12.19
CA ASP B 595 19.94 9.12 -11.39
C ASP B 595 20.95 10.25 -11.59
N VAL B 596 22.09 10.18 -10.91
CA VAL B 596 23.11 11.20 -11.13
C VAL B 596 23.53 11.03 -12.59
N LEU B 597 23.72 9.79 -13.01
CA LEU B 597 24.13 9.50 -14.38
C LEU B 597 23.07 9.88 -15.42
N GLN B 598 21.81 9.94 -15.01
CA GLN B 598 20.73 10.34 -15.91
C GLN B 598 20.93 11.83 -16.18
N GLY B 599 21.23 12.57 -15.12
CA GLY B 599 21.47 13.99 -15.26
C GLY B 599 22.68 14.26 -16.14
N ILE B 600 23.77 13.55 -15.89
CA ILE B 600 24.98 13.73 -16.68
C ILE B 600 24.69 13.40 -18.15
N TRP B 601 23.88 12.37 -18.37
CA TRP B 601 23.53 11.97 -19.73
C TRP B 601 22.77 13.10 -20.43
N ASP B 602 21.79 13.69 -19.74
CA ASP B 602 21.03 14.79 -20.32
C ASP B 602 21.96 15.96 -20.66
N PHE B 603 22.90 16.25 -19.77
CA PHE B 603 23.84 17.34 -19.98
C PHE B 603 25.25 16.81 -20.15
N ILE B 604 25.39 15.83 -21.04
CA ILE B 604 26.66 15.17 -21.29
C ILE B 604 27.83 16.09 -21.68
N ASP B 605 27.55 17.19 -22.39
CA ASP B 605 28.63 18.10 -22.77
C ASP B 605 28.92 19.18 -21.71
N ASP B 606 28.10 19.25 -20.66
CA ASP B 606 28.31 20.26 -19.62
C ASP B 606 29.24 19.81 -18.49
N TYR B 607 29.72 18.58 -18.58
CA TYR B 607 30.64 18.08 -17.56
C TYR B 607 31.94 17.60 -18.20
N THR B 608 33.05 17.82 -17.51
CA THR B 608 34.35 17.45 -18.05
C THR B 608 34.53 15.94 -18.07
N PRO B 609 35.48 15.45 -18.89
CA PRO B 609 35.73 14.01 -18.98
C PRO B 609 36.06 13.43 -17.60
N GLU B 610 36.79 14.20 -16.79
CA GLU B 610 37.16 13.74 -15.46
C GLU B 610 35.95 13.59 -14.53
N GLN B 611 35.06 14.57 -14.57
CA GLN B 611 33.87 14.53 -13.73
C GLN B 611 33.01 13.33 -14.12
N LYS B 612 32.80 13.18 -15.42
CA LYS B 612 32.01 12.09 -15.94
C LYS B 612 32.61 10.74 -15.57
N LYS B 613 33.94 10.69 -15.59
CA LYS B 613 34.64 9.46 -15.23
C LYS B 613 34.39 9.11 -13.76
N ALA B 614 34.61 10.08 -12.89
CA ALA B 614 34.43 9.87 -11.45
C ALA B 614 33.03 9.37 -11.11
N ASN B 615 32.02 10.07 -11.62
CA ASN B 615 30.64 9.68 -11.36
C ASN B 615 30.28 8.32 -11.97
N PHE B 616 30.72 8.06 -13.19
CA PHE B 616 30.44 6.78 -13.84
C PHE B 616 31.07 5.60 -13.11
N ASP B 617 32.37 5.70 -12.83
CA ASP B 617 33.09 4.61 -12.15
C ASP B 617 32.50 4.31 -10.76
N PHE B 618 31.97 5.32 -10.10
CA PHE B 618 31.39 5.13 -8.77
C PHE B 618 29.99 4.53 -8.81
N TYR B 619 29.11 5.14 -9.59
CA TYR B 619 27.73 4.69 -9.67
C TYR B 619 27.39 3.49 -10.54
N GLU B 620 28.02 3.37 -11.70
CA GLU B 620 27.71 2.25 -12.59
C GLU B 620 27.84 0.89 -11.87
N PRO B 621 28.93 0.68 -11.11
CA PRO B 621 29.14 -0.59 -10.39
C PRO B 621 28.11 -0.86 -9.28
N LEU B 622 27.34 0.17 -8.89
CA LEU B 622 26.33 0.02 -7.86
C LEU B 622 24.94 -0.15 -8.50
N THR B 623 24.90 -0.06 -9.83
CA THR B 623 23.63 -0.14 -10.55
C THR B 623 23.22 -1.53 -11.01
N VAL B 624 22.01 -1.94 -10.65
CA VAL B 624 21.50 -3.26 -11.03
C VAL B 624 20.69 -3.22 -12.33
N HIS B 625 20.47 -2.02 -12.85
CA HIS B 625 19.73 -1.86 -14.11
C HIS B 625 18.39 -2.59 -14.11
N GLU B 626 17.60 -2.40 -13.05
CA GLU B 626 16.32 -3.09 -12.99
C GLU B 626 15.15 -2.33 -13.59
N SER B 627 15.48 -1.35 -14.41
CA SER B 627 14.51 -0.60 -15.18
C SER B 627 15.09 -0.78 -16.57
N SER B 628 14.24 -1.13 -17.53
CA SER B 628 14.69 -1.34 -18.90
C SER B 628 15.27 -0.04 -19.48
N LEU B 629 14.98 1.07 -18.82
CA LEU B 629 15.49 2.36 -19.30
C LEU B 629 16.87 2.69 -18.76
N SER B 630 17.48 1.74 -18.06
CA SER B 630 18.81 1.97 -17.47
C SER B 630 20.03 1.68 -18.36
N PRO B 631 20.15 0.46 -18.88
CA PRO B 631 21.29 0.08 -19.72
C PRO B 631 21.74 1.00 -20.87
N ALA B 632 20.80 1.45 -21.69
CA ALA B 632 21.14 2.30 -22.83
C ALA B 632 21.92 3.58 -22.50
N ILE B 633 21.43 4.38 -21.55
CA ILE B 633 22.15 5.61 -21.22
C ILE B 633 23.51 5.29 -20.62
N HIS B 634 23.63 4.17 -19.92
CA HIS B 634 24.91 3.79 -19.35
C HIS B 634 25.88 3.39 -20.45
N SER B 635 25.35 2.84 -21.55
CA SER B 635 26.16 2.44 -22.68
C SER B 635 26.75 3.71 -23.31
N VAL B 636 25.89 4.70 -23.53
CA VAL B 636 26.32 5.97 -24.11
C VAL B 636 27.44 6.57 -23.26
N LEU B 637 27.17 6.76 -21.98
CA LEU B 637 28.17 7.32 -21.07
C LEU B 637 29.48 6.56 -21.12
N ALA B 638 29.41 5.23 -21.22
CA ALA B 638 30.62 4.41 -21.28
C ALA B 638 31.38 4.69 -22.58
N ALA B 639 30.64 4.78 -23.68
CA ALA B 639 31.23 5.07 -24.98
C ALA B 639 31.90 6.44 -24.89
N ASP B 640 31.19 7.38 -24.30
CA ASP B 640 31.67 8.74 -24.14
C ASP B 640 33.03 8.75 -23.44
N LEU B 641 33.21 7.83 -22.48
CA LEU B 641 34.45 7.73 -21.72
C LEU B 641 35.46 6.79 -22.37
N HIS B 642 35.14 6.31 -23.57
CA HIS B 642 36.01 5.39 -24.31
C HIS B 642 36.09 3.98 -23.74
N TYR B 643 35.11 3.63 -22.91
CA TYR B 643 35.04 2.28 -22.35
C TYR B 643 34.27 1.53 -23.43
N GLU B 644 34.94 1.25 -24.53
CA GLU B 644 34.32 0.58 -25.66
C GLU B 644 33.73 -0.78 -25.33
N ASP B 645 34.51 -1.66 -24.70
CA ASP B 645 33.96 -2.98 -24.36
C ASP B 645 32.73 -2.88 -23.45
N LYS B 646 32.78 -2.01 -22.45
CA LYS B 646 31.65 -1.87 -21.54
C LYS B 646 30.43 -1.32 -22.28
N ALA B 647 30.68 -0.41 -23.23
CA ALA B 647 29.60 0.19 -24.02
C ALA B 647 28.87 -0.88 -24.83
N VAL B 648 29.64 -1.75 -25.46
CA VAL B 648 29.09 -2.82 -26.28
C VAL B 648 28.30 -3.80 -25.40
N GLU B 649 28.83 -4.10 -24.22
CA GLU B 649 28.14 -5.01 -23.31
C GLU B 649 26.79 -4.41 -22.95
N LEU B 650 26.79 -3.15 -22.56
CA LEU B 650 25.57 -2.46 -22.19
C LEU B 650 24.61 -2.33 -23.37
N TYR B 651 25.18 -2.20 -24.57
CA TYR B 651 24.36 -2.11 -25.78
C TYR B 651 23.54 -3.39 -25.91
N SER B 652 24.20 -4.52 -25.70
CA SER B 652 23.53 -5.81 -25.82
C SER B 652 22.43 -5.95 -24.77
N ARG B 653 22.69 -5.47 -23.55
CA ARG B 653 21.70 -5.56 -22.49
C ARG B 653 20.42 -4.79 -22.81
N THR B 654 20.54 -3.70 -23.58
CA THR B 654 19.34 -2.93 -23.94
C THR B 654 18.74 -3.43 -25.25
N ALA B 655 19.58 -3.60 -26.26
CA ALA B 655 19.12 -4.07 -27.57
C ALA B 655 18.43 -5.42 -27.49
N ARG B 656 18.89 -6.27 -26.58
CA ARG B 656 18.32 -7.59 -26.42
C ARG B 656 17.70 -7.80 -25.05
N LEU B 657 17.24 -6.71 -24.44
CA LEU B 657 16.62 -6.77 -23.11
C LEU B 657 15.48 -7.78 -23.09
N ASP B 658 14.55 -7.66 -24.02
CA ASP B 658 13.41 -8.57 -24.11
C ASP B 658 13.77 -9.91 -24.75
N LEU B 659 14.49 -9.86 -25.87
CA LEU B 659 14.88 -11.07 -26.59
C LEU B 659 15.61 -12.10 -25.72
N ASP B 660 16.40 -11.62 -24.75
CA ASP B 660 17.11 -12.52 -23.86
C ASP B 660 16.58 -12.44 -22.42
N ASN B 661 15.40 -11.82 -22.29
CA ASN B 661 14.73 -11.68 -20.98
C ASN B 661 15.68 -11.28 -19.87
N TYR B 662 16.49 -10.24 -20.10
CA TYR B 662 17.46 -9.78 -19.11
C TYR B 662 16.92 -9.47 -17.72
N ASN B 663 15.75 -8.85 -17.63
CA ASN B 663 15.18 -8.50 -16.34
C ASN B 663 14.19 -9.54 -15.80
N ASN B 664 14.15 -10.70 -16.44
CA ASN B 664 13.26 -11.78 -16.00
C ASN B 664 11.81 -11.33 -15.81
N ASP B 665 11.32 -10.49 -16.71
CA ASP B 665 9.95 -9.98 -16.58
C ASP B 665 9.28 -9.72 -17.92
N THR B 666 9.83 -10.26 -19.00
CA THR B 666 9.24 -10.06 -20.32
C THR B 666 7.96 -10.87 -20.47
N THR B 667 7.62 -11.61 -19.43
CA THR B 667 6.38 -12.39 -19.45
C THR B 667 5.22 -11.39 -19.31
N ASP B 668 5.53 -10.20 -18.81
CA ASP B 668 4.51 -9.15 -18.64
C ASP B 668 4.35 -8.33 -19.90
N GLY B 669 5.23 -8.57 -20.88
CA GLY B 669 5.17 -7.85 -22.13
C GLY B 669 6.51 -7.26 -22.50
N LEU B 670 6.55 -6.60 -23.66
CA LEU B 670 7.77 -5.97 -24.16
C LEU B 670 7.99 -4.62 -23.45
N HIS B 671 9.25 -4.23 -23.32
CA HIS B 671 9.58 -2.95 -22.69
C HIS B 671 9.68 -1.95 -23.85
N ILE B 672 8.52 -1.58 -24.41
CA ILE B 672 8.45 -0.67 -25.55
C ILE B 672 9.20 0.65 -25.44
N THR B 673 8.94 1.43 -24.38
CA THR B 673 9.61 2.71 -24.26
C THR B 673 11.12 2.52 -24.19
N SER B 674 11.53 1.32 -23.80
CA SER B 674 12.94 0.97 -23.67
C SER B 674 13.53 0.53 -25.01
N MET B 675 12.67 0.34 -26.01
CA MET B 675 13.10 -0.06 -27.35
C MET B 675 13.92 1.05 -27.98
N THR B 676 13.95 2.20 -27.31
CA THR B 676 14.69 3.36 -27.78
C THR B 676 16.17 3.18 -27.47
N GLY B 677 16.46 2.29 -26.53
CA GLY B 677 17.82 2.04 -26.08
C GLY B 677 18.89 1.70 -27.10
N ALA B 678 18.67 0.68 -27.91
CA ALA B 678 19.68 0.27 -28.89
C ALA B 678 20.11 1.38 -29.84
N TRP B 679 19.13 2.13 -30.34
CA TRP B 679 19.42 3.22 -31.26
C TRP B 679 20.28 4.28 -30.60
N ILE B 680 19.93 4.63 -29.37
CA ILE B 680 20.69 5.63 -28.61
C ILE B 680 22.12 5.16 -28.38
N ALA B 681 22.27 3.89 -28.01
CA ALA B 681 23.60 3.32 -27.76
C ALA B 681 24.46 3.32 -29.02
N VAL B 682 23.86 2.94 -30.14
CA VAL B 682 24.56 2.90 -31.42
C VAL B 682 24.90 4.29 -31.97
N VAL B 683 23.93 5.20 -31.97
CA VAL B 683 24.12 6.54 -32.50
C VAL B 683 24.80 7.53 -31.56
N GLN B 684 24.22 7.76 -30.38
CA GLN B 684 24.83 8.69 -29.43
C GLN B 684 26.12 8.07 -28.87
N GLY B 685 26.08 6.76 -28.65
CA GLY B 685 27.23 6.06 -28.09
C GLY B 685 28.34 5.68 -29.06
N PHE B 686 28.15 4.58 -29.78
CA PHE B 686 29.15 4.12 -30.72
C PHE B 686 29.59 5.20 -31.70
N ALA B 687 28.62 5.91 -32.26
CA ALA B 687 28.91 6.94 -33.24
C ALA B 687 29.28 8.30 -32.63
N GLY B 688 29.08 8.44 -31.32
CA GLY B 688 29.39 9.68 -30.64
C GLY B 688 28.65 10.91 -31.15
N MET B 689 27.41 10.72 -31.60
CA MET B 689 26.60 11.81 -32.14
C MET B 689 26.16 12.82 -31.08
N ARG B 690 26.32 14.09 -31.42
CA ARG B 690 25.93 15.20 -30.54
C ARG B 690 25.51 16.37 -31.42
N VAL B 691 24.62 17.21 -30.89
CA VAL B 691 24.22 18.40 -31.60
C VAL B 691 24.79 19.53 -30.74
N ARG B 692 25.68 20.32 -31.33
CA ARG B 692 26.32 21.42 -30.62
C ARG B 692 26.24 22.69 -31.44
N ASP B 693 25.78 23.76 -30.78
CA ASP B 693 25.64 25.07 -31.40
C ASP B 693 25.13 24.99 -32.83
N GLY B 694 24.06 24.22 -33.03
CA GLY B 694 23.46 24.11 -34.34
C GLY B 694 24.04 23.15 -35.37
N GLN B 695 25.11 22.44 -35.06
CA GLN B 695 25.65 21.51 -36.03
C GLN B 695 25.86 20.10 -35.49
N LEU B 696 25.66 19.12 -36.37
CA LEU B 696 25.82 17.71 -36.05
C LEU B 696 27.28 17.33 -35.90
N HIS B 697 27.57 16.56 -34.87
CA HIS B 697 28.94 16.10 -34.62
C HIS B 697 28.97 14.61 -34.32
N TYR B 698 29.99 13.94 -34.83
CA TYR B 698 30.19 12.52 -34.62
C TYR B 698 31.66 12.28 -34.33
N ALA B 699 31.94 11.16 -33.67
CA ALA B 699 33.30 10.74 -33.34
C ALA B 699 33.12 9.25 -33.06
N PRO B 700 32.87 8.46 -34.11
CA PRO B 700 32.65 7.01 -34.03
C PRO B 700 33.83 6.09 -33.73
N PHE B 701 33.49 4.96 -33.13
CA PHE B 701 34.45 3.90 -32.85
C PHE B 701 33.68 2.68 -33.31
N LEU B 702 34.40 1.61 -33.64
CA LEU B 702 33.77 0.39 -34.10
C LEU B 702 33.94 -0.76 -33.13
N PRO B 703 32.83 -1.33 -32.64
CA PRO B 703 32.94 -2.45 -31.69
C PRO B 703 33.94 -3.43 -32.30
N LYS B 704 34.91 -3.86 -31.51
CA LYS B 704 35.93 -4.78 -32.02
C LYS B 704 35.30 -6.05 -32.61
N THR B 705 34.12 -6.41 -32.13
CA THR B 705 33.45 -7.60 -32.62
C THR B 705 32.62 -7.35 -33.87
N TRP B 706 32.68 -6.15 -34.42
CA TRP B 706 31.90 -5.81 -35.60
C TRP B 706 32.71 -5.47 -36.85
N THR B 707 32.12 -5.73 -38.00
CA THR B 707 32.76 -5.43 -39.28
C THR B 707 32.39 -4.01 -39.66
N SER B 708 31.15 -3.62 -39.35
CA SER B 708 30.67 -2.29 -39.65
C SER B 708 29.23 -2.08 -39.18
N TYR B 709 28.79 -0.83 -39.17
CA TYR B 709 27.43 -0.51 -38.80
C TYR B 709 27.04 0.78 -39.53
N THR B 710 25.84 0.77 -40.11
CA THR B 710 25.35 1.90 -40.88
C THR B 710 23.93 2.29 -40.44
N PHE B 711 23.69 3.59 -40.34
CA PHE B 711 22.37 4.07 -39.94
C PHE B 711 22.07 5.38 -40.65
N ARG B 712 20.80 5.79 -40.62
CA ARG B 712 20.39 7.03 -41.26
C ARG B 712 19.79 7.94 -40.21
N GLN B 713 20.10 9.23 -40.32
CA GLN B 713 19.59 10.20 -39.35
C GLN B 713 18.98 11.42 -40.03
N VAL B 714 17.89 11.90 -39.46
CA VAL B 714 17.18 13.06 -39.97
C VAL B 714 17.68 14.29 -39.21
N PHE B 715 18.12 15.30 -39.95
CA PHE B 715 18.61 16.51 -39.29
C PHE B 715 18.33 17.74 -40.15
N ARG B 716 17.46 18.59 -39.64
CA ARG B 716 17.06 19.83 -40.28
C ARG B 716 16.86 19.75 -41.79
N ASP B 717 15.91 18.90 -42.19
CA ASP B 717 15.56 18.72 -43.58
C ASP B 717 16.61 18.04 -44.43
N ARG B 718 17.53 17.33 -43.79
CA ARG B 718 18.57 16.60 -44.50
C ARG B 718 18.45 15.16 -44.02
N LEU B 719 18.74 14.19 -44.88
CA LEU B 719 18.73 12.79 -44.48
C LEU B 719 20.15 12.32 -44.72
N ILE B 720 20.82 11.91 -43.65
CA ILE B 720 22.20 11.49 -43.72
C ILE B 720 22.43 10.01 -43.43
N GLU B 721 23.38 9.41 -44.12
CA GLU B 721 23.71 8.02 -43.86
C GLU B 721 25.12 7.96 -43.33
N VAL B 722 25.28 7.36 -42.16
CA VAL B 722 26.59 7.22 -41.54
C VAL B 722 26.97 5.75 -41.60
N SER B 723 28.14 5.47 -42.14
CA SER B 723 28.61 4.10 -42.27
C SER B 723 29.97 4.02 -41.60
N VAL B 724 30.08 3.19 -40.57
CA VAL B 724 31.33 3.07 -39.83
C VAL B 724 32.05 1.75 -40.12
N HIS B 725 33.26 1.86 -40.66
CA HIS B 725 34.07 0.69 -40.99
C HIS B 725 35.40 0.75 -40.25
N ALA B 726 36.23 -0.27 -40.42
CA ALA B 726 37.52 -0.31 -39.75
C ALA B 726 38.42 0.83 -40.18
N ASP B 727 38.27 1.27 -41.42
CA ASP B 727 39.09 2.37 -41.94
C ASP B 727 38.55 3.74 -41.55
N GLY B 728 37.53 3.77 -40.71
CA GLY B 728 36.95 5.04 -40.28
C GLY B 728 35.52 5.25 -40.75
N PRO B 729 34.89 6.36 -40.38
CA PRO B 729 33.50 6.67 -40.75
C PRO B 729 33.34 7.15 -42.19
N HIS B 730 32.14 6.98 -42.72
CA HIS B 730 31.82 7.40 -44.08
C HIS B 730 30.43 8.02 -44.07
N PHE B 731 30.31 9.23 -44.60
CA PHE B 731 29.03 9.92 -44.62
C PHE B 731 28.52 10.15 -46.03
N LYS B 732 27.20 10.10 -46.18
CA LYS B 732 26.55 10.28 -47.47
C LYS B 732 25.28 11.10 -47.28
N LEU B 733 25.12 12.16 -48.06
CA LEU B 733 23.92 13.00 -47.97
C LEU B 733 22.90 12.44 -48.95
N LEU B 734 21.88 11.77 -48.41
CA LEU B 734 20.84 11.15 -49.21
C LEU B 734 19.80 12.13 -49.75
N SER B 735 19.58 13.23 -49.03
CA SER B 735 18.62 14.24 -49.46
C SER B 735 18.82 15.51 -48.65
N GLY B 736 18.33 16.63 -49.19
CA GLY B 736 18.47 17.89 -48.50
C GLY B 736 19.58 18.75 -49.07
N GLU B 737 19.72 19.97 -48.55
CA GLU B 737 20.74 20.90 -49.02
C GLU B 737 22.10 20.59 -48.42
N PRO B 738 23.17 21.08 -49.06
CA PRO B 738 24.53 20.85 -48.55
C PRO B 738 24.59 21.16 -47.07
N LEU B 739 25.25 20.31 -46.30
CA LEU B 739 25.35 20.48 -44.86
C LEU B 739 26.78 20.28 -44.36
N THR B 740 27.19 21.12 -43.42
CA THR B 740 28.52 21.01 -42.85
C THR B 740 28.42 20.41 -41.46
N ILE B 741 29.04 19.25 -41.27
CA ILE B 741 29.03 18.56 -39.98
C ILE B 741 30.44 18.48 -39.42
N ASP B 742 30.53 18.14 -38.13
CA ASP B 742 31.81 18.00 -37.44
C ASP B 742 32.10 16.53 -37.19
N VAL B 743 33.26 16.07 -37.64
CA VAL B 743 33.66 14.68 -37.46
C VAL B 743 34.98 14.63 -36.70
N ALA B 744 34.90 14.32 -35.41
CA ALA B 744 36.08 14.25 -34.56
C ALA B 744 36.87 15.56 -34.59
N GLY B 745 36.17 16.67 -34.77
CA GLY B 745 36.84 17.96 -34.79
C GLY B 745 37.10 18.53 -36.18
N ALA B 746 36.88 17.71 -37.21
CA ALA B 746 37.09 18.17 -38.58
C ALA B 746 35.75 18.50 -39.22
N ALA B 747 35.68 19.66 -39.84
CA ALA B 747 34.45 20.10 -40.51
C ALA B 747 34.38 19.45 -41.88
N ALA B 748 33.30 18.71 -42.14
CA ALA B 748 33.12 18.03 -43.42
C ALA B 748 31.82 18.49 -44.06
N ALA B 749 31.89 18.88 -45.33
CA ALA B 749 30.73 19.34 -46.07
C ALA B 749 30.10 18.18 -46.84
N ALA B 750 28.80 17.98 -46.64
CA ALA B 750 28.08 16.91 -47.32
C ALA B 750 27.23 17.47 -48.45
N ALA B 751 27.31 16.85 -49.62
CA ALA B 751 26.53 17.27 -50.78
C ALA B 751 26.08 16.05 -51.56
N ALA B 752 24.86 16.08 -52.08
CA ALA B 752 24.33 14.96 -52.85
C ALA B 752 25.13 14.68 -54.11
N ALA B 753 25.30 13.40 -54.42
CA ALA B 753 26.03 12.99 -55.62
C ALA B 753 27.49 13.46 -55.65
N ALA B 754 28.05 13.80 -54.49
CA ALA B 754 29.43 14.25 -54.42
C ALA B 754 30.13 13.68 -53.20
K K C . 7.38 15.29 9.26
P PO4 D . 10.53 -0.50 -16.43
O1 PO4 D . 9.56 -0.02 -17.47
O2 PO4 D . 9.80 -1.28 -15.40
O3 PO4 D . 11.19 0.67 -15.82
O4 PO4 D . 11.55 -1.36 -17.07
K K E . 18.85 1.56 -2.56
#